data_4IC0
#
_entry.id   4IC0
#
_cell.length_a   65.280
_cell.length_b   74.990
_cell.length_c   103.873
_cell.angle_alpha   90.91
_cell.angle_beta   93.29
_cell.angle_gamma   115.82
#
_symmetry.space_group_name_H-M   'P 1'
#
loop_
_entity.id
_entity.type
_entity.pdbx_description
1 polymer 'Plasminogen activator inhibitor 1'
2 non-polymer '3,4,5-trihydroxybenzoic acid'
#
_entity_poly.entity_id   1
_entity_poly.type   'polypeptide(L)'
_entity_poly.pdbx_seq_one_letter_code
;VHHPPSYVAHLASDFGVRVFQQVAQASKDRNVVFSPYGVASVLAMLQLTTGGETQQQIQAAMGFKIDDKGMAPALRHLYK
ELMGPWNKDEISTTDAIFVQRDLKLVQGFMPHFFRLFRSTVKQVDFSEVERARFIINDWVKTHTKGMISHLLGTGAVQQL
TRLVLVNALYFNGQWKTPFPDSSTHRRLFHKSDGSTVSVPMMAQTNKFNYTEFTTPDGHYYDILELPYHGDTLSMFIAAP
YEKEVPLSALTNILSAQLISHWKGNMTRLPRLLVLPKFSLETEVDLRKPLENLGMTDMFRQFQADFTSLSDQEPLHVALA
LQKVKIEVNESGTVASSSTAVIVSARMAPEEIIIDRPFLFVVRHNPTGTVLFMGQVMEP
;
_entity_poly.pdbx_strand_id   A,B,C,D
#
loop_
_chem_comp.id
_chem_comp.type
_chem_comp.name
_chem_comp.formula
GDE non-polymer '3,4,5-trihydroxybenzoic acid' 'C7 H6 O5'
#
# COMPACT_ATOMS: atom_id res chain seq x y z
N PRO A 5 47.87 19.24 33.89
CA PRO A 5 46.82 19.89 34.72
C PRO A 5 45.67 20.56 33.92
N SER A 6 45.75 20.50 32.58
CA SER A 6 44.64 20.90 31.69
C SER A 6 43.83 19.66 31.24
N TYR A 7 44.05 18.62 32.01
CA TYR A 7 43.59 17.28 31.82
C TYR A 7 42.06 17.15 31.96
N VAL A 8 41.48 17.85 32.92
CA VAL A 8 40.07 17.79 33.19
C VAL A 8 39.29 18.55 32.08
N ALA A 9 39.83 19.68 31.62
CA ALA A 9 39.25 20.35 30.47
C ALA A 9 39.17 19.37 29.26
N HIS A 10 40.24 18.62 28.97
CA HIS A 10 40.19 17.56 27.91
C HIS A 10 39.07 16.58 28.16
N LEU A 11 39.02 16.01 29.36
CA LEU A 11 38.06 14.92 29.62
C LEU A 11 36.69 15.50 29.58
N ALA A 12 36.51 16.68 30.11
CA ALA A 12 35.17 17.26 30.15
C ALA A 12 34.74 17.60 28.73
N SER A 13 35.68 18.10 27.93
CA SER A 13 35.37 18.45 26.54
C SER A 13 34.99 17.21 25.74
N ASP A 14 35.80 16.13 25.86
CA ASP A 14 35.47 14.87 25.14
C ASP A 14 34.11 14.30 25.55
N PHE A 15 33.85 14.27 26.85
CA PHE A 15 32.52 13.77 27.22
C PHE A 15 31.44 14.58 26.46
N GLY A 16 31.59 15.91 26.39
CA GLY A 16 30.48 16.75 25.94
C GLY A 16 30.34 16.64 24.44
N VAL A 17 31.49 16.38 23.79
CA VAL A 17 31.49 16.01 22.39
C VAL A 17 30.70 14.72 22.12
N ARG A 18 30.82 13.73 22.99
CA ARG A 18 30.08 12.47 22.72
C ARG A 18 28.59 12.74 22.91
N VAL A 19 28.26 13.56 23.89
CA VAL A 19 26.85 13.95 24.00
C VAL A 19 26.43 14.66 22.68
N PHE A 20 27.27 15.54 22.12
CA PHE A 20 26.85 16.28 20.89
C PHE A 20 26.62 15.34 19.66
N GLN A 21 27.48 14.30 19.56
CA GLN A 21 27.31 13.26 18.55
C GLN A 21 25.95 12.65 18.59
N GLN A 22 25.48 12.26 19.79
CA GLN A 22 24.12 11.71 19.99
C GLN A 22 23.02 12.69 19.58
N VAL A 23 23.13 13.96 19.98
CA VAL A 23 22.12 14.92 19.54
C VAL A 23 22.11 15.25 18.05
N ALA A 24 23.27 15.23 17.40
CA ALA A 24 23.41 15.41 15.92
C ALA A 24 22.74 14.26 15.13
N GLN A 25 23.01 13.02 15.57
CA GLN A 25 22.29 11.83 15.13
C GLN A 25 20.76 11.97 15.12
N ALA A 26 20.20 12.64 16.11
CA ALA A 26 18.73 12.79 16.18
C ALA A 26 18.19 13.97 15.33
N SER A 27 19.07 14.90 14.96
CA SER A 27 18.67 15.96 14.01
C SER A 27 19.49 15.92 12.76
N LYS A 28 19.00 15.19 11.76
CA LYS A 28 19.76 15.00 10.51
C LYS A 28 20.02 16.33 9.80
N ASP A 29 19.00 17.01 9.33
CA ASP A 29 19.32 18.22 8.59
C ASP A 29 18.81 19.40 9.33
N ARG A 30 18.86 19.36 10.64
CA ARG A 30 18.33 20.47 11.36
C ARG A 30 19.56 21.17 11.85
N ASN A 31 19.52 22.50 11.85
CA ASN A 31 20.56 23.29 12.56
C ASN A 31 20.69 22.80 14.03
N VAL A 32 21.86 22.88 14.62
CA VAL A 32 21.98 22.51 16.00
C VAL A 32 23.17 23.24 16.60
N VAL A 33 22.97 23.92 17.72
CA VAL A 33 24.11 24.48 18.43
C VAL A 33 24.10 23.84 19.81
N PHE A 34 25.25 23.72 20.45
CA PHE A 34 25.36 22.85 21.66
C PHE A 34 26.62 23.28 22.41
N SER A 35 26.69 22.97 23.70
CA SER A 35 27.88 23.24 24.47
C SER A 35 28.40 21.98 25.07
N PRO A 36 29.51 21.41 24.52
CA PRO A 36 30.25 20.29 25.19
C PRO A 36 30.63 20.69 26.57
N TYR A 37 31.24 21.84 26.73
CA TYR A 37 31.55 22.37 28.09
C TYR A 37 30.38 22.41 29.10
N GLY A 38 29.27 23.03 28.72
CA GLY A 38 28.08 23.11 29.59
C GLY A 38 27.50 21.78 30.06
N VAL A 39 27.33 20.80 29.18
CA VAL A 39 26.74 19.57 29.64
C VAL A 39 27.68 18.85 30.58
N ALA A 40 28.99 18.93 30.32
CA ALA A 40 29.94 18.28 31.23
C ALA A 40 29.84 18.93 32.62
N SER A 41 29.61 20.24 32.61
CA SER A 41 29.66 21.03 33.82
C SER A 41 28.49 20.62 34.72
N VAL A 42 27.28 20.61 34.16
CA VAL A 42 26.10 20.26 34.92
C VAL A 42 26.13 18.79 35.31
N LEU A 43 26.73 17.96 34.46
CA LEU A 43 26.80 16.55 34.82
C LEU A 43 27.86 16.22 35.90
N ALA A 44 28.94 16.96 35.93
CA ALA A 44 29.94 16.80 36.95
C ALA A 44 29.29 17.14 38.31
N MET A 45 28.43 18.18 38.30
CA MET A 45 27.61 18.51 39.48
C MET A 45 26.60 17.39 39.87
N LEU A 46 25.80 16.93 38.91
CA LEU A 46 24.92 15.82 39.17
C LEU A 46 25.62 14.64 39.83
N GLN A 47 26.89 14.41 39.48
CA GLN A 47 27.63 13.26 39.99
C GLN A 47 27.59 13.18 41.50
N LEU A 48 27.63 14.34 42.15
CA LEU A 48 27.76 14.38 43.61
C LEU A 48 26.46 13.93 44.34
N THR A 49 25.32 14.09 43.67
CA THR A 49 23.99 13.70 44.18
C THR A 49 23.69 12.21 44.03
N THR A 50 24.49 11.49 43.26
CA THR A 50 24.17 10.12 42.87
C THR A 50 24.95 9.12 43.71
N GLY A 51 24.50 7.87 43.78
CA GLY A 51 25.26 6.78 44.34
C GLY A 51 24.96 5.49 43.61
N GLY A 52 25.65 4.39 43.99
CA GLY A 52 25.36 3.06 43.40
C GLY A 52 25.52 2.98 41.89
N GLU A 53 24.62 2.28 41.22
CA GLU A 53 24.75 2.12 39.76
C GLU A 53 24.55 3.43 38.94
N THR A 54 23.75 4.37 39.43
CA THR A 54 23.54 5.62 38.67
C THR A 54 24.85 6.39 38.62
N GLN A 55 25.52 6.45 39.77
CA GLN A 55 26.83 7.00 39.83
C GLN A 55 27.80 6.28 38.88
N GLN A 56 27.93 4.95 38.97
CA GLN A 56 28.83 4.18 38.04
C GLN A 56 28.63 4.58 36.58
N GLN A 57 27.40 4.53 36.11
CA GLN A 57 27.08 4.95 34.75
C GLN A 57 27.58 6.33 34.34
N ILE A 58 27.55 7.29 35.26
CA ILE A 58 27.86 8.68 34.89
C ILE A 58 29.36 8.84 34.91
N GLN A 59 30.00 8.23 35.90
CA GLN A 59 31.46 8.21 35.98
C GLN A 59 32.13 7.44 34.79
N ALA A 60 31.48 6.37 34.32
CA ALA A 60 31.92 5.59 33.17
C ALA A 60 31.85 6.49 31.97
N ALA A 61 30.68 7.09 31.75
CA ALA A 61 30.52 7.90 30.56
C ALA A 61 31.42 9.16 30.58
N MET A 62 31.65 9.72 31.76
CA MET A 62 32.36 11.00 31.82
C MET A 62 33.85 10.81 31.79
N GLY A 63 34.34 9.72 32.39
CA GLY A 63 35.74 9.46 32.41
C GLY A 63 36.42 9.97 33.64
N PHE A 64 35.69 10.58 34.56
CA PHE A 64 36.33 10.94 35.84
C PHE A 64 35.35 11.01 37.00
N LYS A 65 35.86 10.90 38.22
CA LYS A 65 35.02 11.02 39.40
C LYS A 65 35.17 12.42 39.95
N ILE A 66 34.06 13.13 40.12
CA ILE A 66 34.18 14.54 40.59
C ILE A 66 34.87 14.72 41.95
N ASP A 67 34.73 13.72 42.84
CA ASP A 67 35.25 13.74 44.22
C ASP A 67 36.76 13.56 44.19
N ASP A 68 37.29 12.96 43.13
CA ASP A 68 38.72 12.67 43.01
C ASP A 68 39.64 13.87 43.12
N LYS A 69 40.83 13.66 43.67
CA LYS A 69 41.79 14.77 43.83
C LYS A 69 41.91 15.74 42.62
N GLY A 70 41.70 17.03 42.87
CA GLY A 70 41.96 18.05 41.87
C GLY A 70 40.99 18.16 40.70
N MET A 71 40.02 17.26 40.58
CA MET A 71 38.98 17.38 39.55
C MET A 71 38.13 18.68 39.68
N ALA A 72 37.46 18.86 40.82
CA ALA A 72 36.58 20.04 41.09
C ALA A 72 37.35 21.37 41.13
N PRO A 73 38.48 21.41 41.83
CA PRO A 73 39.25 22.65 41.75
C PRO A 73 39.55 23.09 40.28
N ALA A 74 39.84 22.12 39.46
CA ALA A 74 40.12 22.37 38.09
C ALA A 74 38.97 22.92 37.33
N LEU A 75 37.79 22.36 37.57
CA LEU A 75 36.58 22.82 36.97
C LEU A 75 36.29 24.24 37.39
N ARG A 76 36.50 24.51 38.65
CA ARG A 76 36.31 25.82 39.22
C ARG A 76 37.24 26.84 38.61
N HIS A 77 38.49 26.45 38.43
CA HIS A 77 39.47 27.30 37.84
C HIS A 77 39.12 27.60 36.43
N LEU A 78 38.61 26.63 35.71
CA LEU A 78 38.14 26.84 34.38
C LEU A 78 36.95 27.78 34.27
N TYR A 79 35.91 27.58 35.05
CA TYR A 79 34.75 28.48 35.07
C TYR A 79 35.18 29.93 35.33
N LYS A 80 36.00 30.13 36.38
CA LYS A 80 36.56 31.45 36.72
C LYS A 80 37.41 32.04 35.58
N GLU A 81 38.17 31.21 34.87
CA GLU A 81 38.87 31.69 33.68
C GLU A 81 37.89 32.12 32.54
N LEU A 82 36.80 31.43 32.36
CA LEU A 82 35.78 31.74 31.39
C LEU A 82 35.08 33.05 31.64
N MET A 83 34.87 33.37 32.90
CA MET A 83 34.14 34.53 33.29
C MET A 83 35.00 35.75 33.60
N GLY A 84 36.29 35.65 33.31
CA GLY A 84 37.28 36.69 33.52
C GLY A 84 37.11 37.89 32.64
N PRO A 85 37.91 38.90 32.88
CA PRO A 85 37.81 40.22 32.27
C PRO A 85 38.03 40.30 30.75
N TRP A 86 38.66 39.31 30.16
CA TRP A 86 38.82 39.17 28.73
C TRP A 86 37.47 39.11 28.02
N ASN A 87 36.49 38.55 28.70
CA ASN A 87 35.19 38.26 28.16
C ASN A 87 34.28 39.47 28.24
N LYS A 88 34.09 40.15 27.12
CA LYS A 88 33.24 41.32 27.08
C LYS A 88 31.78 41.02 26.82
N ASP A 89 31.16 40.25 27.69
CA ASP A 89 29.80 39.83 27.54
C ASP A 89 29.69 38.93 26.37
N GLU A 90 30.79 38.41 25.92
CA GLU A 90 30.79 37.40 24.91
C GLU A 90 30.17 36.06 25.29
N ILE A 91 30.43 35.59 26.50
CA ILE A 91 29.84 34.34 26.91
C ILE A 91 29.15 34.43 28.27
N SER A 92 27.90 33.96 28.30
CA SER A 92 27.21 33.68 29.58
C SER A 92 26.90 32.20 29.69
N THR A 93 27.11 31.65 30.88
CA THR A 93 26.86 30.23 31.14
C THR A 93 26.21 30.07 32.49
N THR A 94 25.20 29.23 32.57
CA THR A 94 24.71 28.89 33.87
C THR A 94 24.36 27.39 33.99
N ASP A 95 24.65 26.82 35.14
CA ASP A 95 24.29 25.42 35.50
C ASP A 95 23.34 25.61 36.67
N ALA A 96 22.38 24.70 36.87
CA ALA A 96 21.63 24.63 38.11
C ALA A 96 20.92 23.31 38.30
N ILE A 97 20.86 22.87 39.54
CA ILE A 97 20.10 21.69 39.93
C ILE A 97 19.08 22.13 40.96
N PHE A 98 17.84 21.75 40.71
CA PHE A 98 16.67 22.00 41.56
C PHE A 98 16.12 20.71 42.15
N VAL A 99 16.08 20.65 43.46
CA VAL A 99 15.48 19.55 44.15
C VAL A 99 14.25 20.06 44.89
N GLN A 100 13.31 19.18 45.20
CA GLN A 100 12.11 19.52 45.94
C GLN A 100 12.46 19.96 47.33
N ARG A 101 11.81 21.03 47.77
CA ARG A 101 12.05 21.69 49.04
C ARG A 101 11.81 20.81 50.26
N ASP A 102 10.82 19.96 50.22
CA ASP A 102 10.43 19.19 51.38
C ASP A 102 11.54 18.33 51.96
N LEU A 103 12.34 17.76 51.10
CA LEU A 103 13.09 16.56 51.32
C LEU A 103 14.13 16.48 52.42
N LYS A 104 14.16 15.37 53.09
CA LYS A 104 15.15 15.21 54.08
C LYS A 104 16.40 14.88 53.32
N LEU A 105 17.32 15.82 53.35
CA LEU A 105 18.60 15.71 52.65
C LEU A 105 19.67 14.99 53.45
N VAL A 106 20.67 14.41 52.78
CA VAL A 106 21.76 13.79 53.53
C VAL A 106 22.54 14.87 54.26
N GLN A 107 22.77 14.63 55.54
CA GLN A 107 23.58 15.49 56.40
C GLN A 107 24.96 15.84 55.87
N GLY A 108 25.26 17.14 55.83
CA GLY A 108 26.54 17.59 55.32
C GLY A 108 26.67 17.51 53.80
N PHE A 109 25.64 17.04 53.08
CA PHE A 109 25.75 17.10 51.62
C PHE A 109 25.76 18.53 51.02
N MET A 110 24.82 19.39 51.45
CA MET A 110 24.72 20.76 50.89
C MET A 110 26.02 21.54 51.08
N PRO A 111 26.64 21.46 52.28
CA PRO A 111 27.86 22.25 52.38
C PRO A 111 28.97 21.71 51.49
N HIS A 112 29.02 20.38 51.39
CA HIS A 112 30.07 19.70 50.63
C HIS A 112 29.88 20.00 49.18
N PHE A 113 28.64 20.12 48.74
CA PHE A 113 28.35 20.62 47.36
C PHE A 113 28.92 22.01 47.16
N PHE A 114 28.70 22.87 48.16
CA PHE A 114 29.23 24.25 48.11
C PHE A 114 30.77 24.28 48.05
N ARG A 115 31.43 23.45 48.86
CA ARG A 115 32.89 23.41 48.86
C ARG A 115 33.45 23.16 47.44
N LEU A 116 32.91 22.13 46.79
CA LEU A 116 33.40 21.71 45.48
C LEU A 116 32.96 22.62 44.33
N PHE A 117 31.75 23.16 44.39
CA PHE A 117 31.32 23.97 43.25
C PHE A 117 31.12 25.47 43.47
N ARG A 118 31.08 25.93 44.73
CA ARG A 118 30.83 27.35 45.02
C ARG A 118 29.52 27.81 44.51
N SER A 119 28.56 26.90 44.43
CA SER A 119 27.15 27.25 44.22
C SER A 119 26.34 26.19 44.97
N THR A 120 25.02 26.37 45.08
CA THR A 120 24.17 25.48 45.86
C THR A 120 23.17 24.71 44.99
N VAL A 121 22.75 23.53 45.42
CA VAL A 121 21.53 22.96 44.86
C VAL A 121 20.36 23.85 45.33
N LYS A 122 19.47 24.22 44.43
CA LYS A 122 18.28 24.99 44.78
C LYS A 122 17.13 24.09 45.22
N GLN A 123 16.31 24.65 46.08
CA GLN A 123 15.08 24.02 46.59
C GLN A 123 13.87 24.82 46.10
N VAL A 124 12.94 24.12 45.48
CA VAL A 124 11.74 24.71 45.01
C VAL A 124 10.68 23.75 45.48
N ASP A 125 9.55 24.31 45.90
CA ASP A 125 8.41 23.50 46.17
C ASP A 125 7.72 23.20 44.81
N PHE A 126 7.83 21.97 44.32
CA PHE A 126 7.26 21.66 43.00
C PHE A 126 5.75 21.52 42.97
N SER A 127 5.14 21.45 44.16
CA SER A 127 3.66 21.42 44.21
C SER A 127 2.98 22.73 43.77
N GLU A 128 3.70 23.85 43.85
CA GLU A 128 3.26 25.12 43.23
C GLU A 128 3.85 25.18 41.81
N VAL A 129 3.39 24.26 40.98
CA VAL A 129 3.88 24.11 39.63
C VAL A 129 4.20 25.44 38.89
N GLU A 130 3.23 26.33 38.85
CA GLU A 130 3.29 27.59 38.14
C GLU A 130 4.45 28.42 38.70
N ARG A 131 4.51 28.51 40.03
CA ARG A 131 5.66 29.10 40.73
C ARG A 131 7.02 28.41 40.44
N ALA A 132 7.02 27.11 40.26
CA ALA A 132 8.27 26.40 40.12
C ALA A 132 8.92 26.66 38.72
N ARG A 133 8.07 26.73 37.68
CA ARG A 133 8.52 27.05 36.31
C ARG A 133 9.06 28.47 36.24
N PHE A 134 8.37 29.37 36.93
CA PHE A 134 8.84 30.75 36.99
C PHE A 134 10.25 30.84 37.63
N ILE A 135 10.45 30.12 38.73
CA ILE A 135 11.70 30.18 39.45
C ILE A 135 12.80 29.70 38.51
N ILE A 136 12.57 28.57 37.84
CA ILE A 136 13.59 27.98 36.93
C ILE A 136 13.91 28.92 35.80
N ASN A 137 12.89 29.40 35.08
CA ASN A 137 13.14 30.33 33.98
C ASN A 137 13.83 31.61 34.41
N ASP A 138 13.44 32.17 35.55
CA ASP A 138 14.07 33.36 36.11
C ASP A 138 15.51 33.15 36.56
N TRP A 139 15.79 31.98 37.07
CA TRP A 139 17.20 31.65 37.30
C TRP A 139 18.03 31.80 36.02
N VAL A 140 17.54 31.18 34.96
CA VAL A 140 18.27 31.19 33.73
C VAL A 140 18.33 32.61 33.16
N LYS A 141 17.21 33.35 33.23
CA LYS A 141 17.19 34.77 32.86
C LYS A 141 18.23 35.61 33.61
N THR A 142 18.34 35.43 34.93
CA THR A 142 19.19 36.30 35.69
C THR A 142 20.68 35.96 35.54
N HIS A 143 21.01 34.71 35.17
CA HIS A 143 22.41 34.35 35.02
C HIS A 143 22.91 34.39 33.61
N THR A 144 22.10 34.82 32.66
CA THR A 144 22.65 34.91 31.31
C THR A 144 22.44 36.29 30.84
N LYS A 145 22.50 37.22 31.79
CA LYS A 145 22.24 38.63 31.51
C LYS A 145 21.04 38.81 30.56
N GLY A 146 19.96 38.10 30.86
CA GLY A 146 18.69 38.26 30.12
C GLY A 146 18.68 37.70 28.70
N MET A 147 19.77 37.06 28.24
CA MET A 147 19.87 36.62 26.82
C MET A 147 19.11 35.32 26.61
N ILE A 148 18.99 34.55 27.67
CA ILE A 148 18.15 33.35 27.65
C ILE A 148 17.10 33.43 28.79
N SER A 149 15.81 33.32 28.45
CA SER A 149 14.79 33.46 29.52
C SER A 149 13.62 32.47 29.61
N HIS A 150 13.48 31.55 28.66
CA HIS A 150 12.42 30.55 28.68
C HIS A 150 12.96 29.21 28.22
N LEU A 151 12.62 28.16 28.95
CA LEU A 151 12.95 26.82 28.54
C LEU A 151 11.63 26.04 28.22
N LEU A 152 11.42 25.63 26.97
CA LEU A 152 10.22 24.91 26.57
C LEU A 152 10.00 23.73 27.48
N GLY A 153 11.09 23.05 27.78
CA GLY A 153 11.02 21.83 28.50
C GLY A 153 10.42 21.96 29.87
N THR A 154 10.45 23.14 30.48
CA THR A 154 9.80 23.30 31.80
C THR A 154 8.27 23.12 31.78
N GLY A 155 7.67 23.21 30.59
CA GLY A 155 6.28 22.79 30.41
C GLY A 155 5.94 21.45 31.06
N ALA A 156 6.95 20.62 31.31
CA ALA A 156 6.85 19.24 31.87
C ALA A 156 6.99 19.12 33.41
N VAL A 157 7.41 20.20 34.05
CA VAL A 157 7.44 20.24 35.51
C VAL A 157 5.99 20.08 36.04
N GLN A 158 5.77 19.10 36.91
CA GLN A 158 4.45 18.88 37.52
C GLN A 158 4.53 18.64 39.02
N GLN A 159 3.39 18.30 39.61
CA GLN A 159 3.24 18.02 41.03
C GLN A 159 4.20 16.94 41.53
N LEU A 160 4.52 15.98 40.68
CA LEU A 160 5.37 14.82 41.03
C LEU A 160 6.85 15.06 40.72
N THR A 161 7.17 16.26 40.24
CA THR A 161 8.52 16.52 39.79
C THR A 161 9.35 16.67 41.06
N ARG A 162 10.53 16.06 41.11
CA ARG A 162 11.34 16.15 42.30
C ARG A 162 12.83 16.62 42.09
N LEU A 163 13.32 16.48 40.84
CA LEU A 163 14.71 16.80 40.51
C LEU A 163 14.80 17.25 39.04
N VAL A 164 15.42 18.40 38.82
CA VAL A 164 15.51 19.05 37.51
C VAL A 164 16.90 19.65 37.37
N LEU A 165 17.49 19.44 36.20
CA LEU A 165 18.75 20.11 35.89
C LEU A 165 18.70 20.85 34.60
N VAL A 166 19.50 21.89 34.56
CA VAL A 166 19.36 22.94 33.62
C VAL A 166 20.73 23.54 33.35
N ASN A 167 20.96 23.96 32.12
CA ASN A 167 22.21 24.53 31.69
C ASN A 167 21.92 25.46 30.55
N ALA A 168 22.50 26.65 30.56
CA ALA A 168 22.25 27.60 29.53
C ALA A 168 23.39 28.54 29.21
N LEU A 169 23.61 28.74 27.93
CA LEU A 169 24.71 29.55 27.49
C LEU A 169 24.32 30.40 26.32
N TYR A 170 24.91 31.57 26.29
CA TYR A 170 24.83 32.44 25.18
C TYR A 170 26.25 32.78 24.76
N PHE A 171 26.54 32.74 23.48
CA PHE A 171 27.82 33.15 22.98
C PHE A 171 27.68 34.11 21.84
N ASN A 172 28.43 35.20 21.89
CA ASN A 172 28.65 36.14 20.81
C ASN A 172 30.01 36.82 20.94
N GLY A 173 30.99 36.38 20.18
CA GLY A 173 32.34 36.89 20.24
C GLY A 173 32.77 38.12 19.47
N GLN A 174 33.74 38.86 19.97
CA GLN A 174 34.40 39.88 19.14
C GLN A 174 35.56 39.24 18.36
N TRP A 175 35.54 39.36 17.01
CA TRP A 175 36.65 38.88 16.21
C TRP A 175 37.84 39.70 16.44
N LYS A 176 38.98 39.03 16.45
CA LYS A 176 40.28 39.70 16.38
C LYS A 176 40.33 40.76 15.30
N THR A 177 40.01 40.38 14.07
CA THR A 177 39.76 41.26 12.98
C THR A 177 38.32 41.12 12.52
N PRO A 178 37.48 42.13 12.76
CA PRO A 178 36.08 42.22 12.36
C PRO A 178 35.92 42.15 10.86
N PHE A 179 34.84 41.52 10.38
CA PHE A 179 34.46 41.57 8.97
C PHE A 179 33.94 42.99 8.60
N PRO A 180 34.36 43.54 7.45
CA PRO A 180 33.90 44.88 7.08
C PRO A 180 32.42 44.85 6.77
N ASP A 181 31.64 45.69 7.47
CA ASP A 181 30.16 45.75 7.28
C ASP A 181 29.73 45.90 5.85
N SER A 182 30.44 46.73 5.08
CA SER A 182 30.12 46.96 3.67
C SER A 182 30.35 45.69 2.82
N SER A 183 31.13 44.73 3.33
CA SER A 183 31.37 43.52 2.57
C SER A 183 30.22 42.53 2.65
N THR A 184 29.41 42.64 3.72
CA THR A 184 28.30 41.72 3.90
C THR A 184 27.37 41.83 2.67
N HIS A 185 26.84 40.71 2.16
CA HIS A 185 25.97 40.71 0.94
C HIS A 185 25.25 39.38 0.85
N ARG A 186 24.23 39.33 0.00
CA ARG A 186 23.43 38.13 -0.20
C ARG A 186 24.07 37.14 -1.15
N ARG A 187 24.21 35.89 -0.69
CA ARG A 187 24.87 34.88 -1.53
C ARG A 187 24.13 33.55 -1.50
N LEU A 188 24.27 32.76 -2.56
CA LEU A 188 23.54 31.49 -2.64
C LEU A 188 24.09 30.46 -1.66
N PHE A 189 23.21 29.85 -0.90
CA PHE A 189 23.63 28.75 -0.01
C PHE A 189 22.95 27.44 -0.41
N HIS A 190 23.76 26.41 -0.61
CA HIS A 190 23.28 25.06 -0.95
C HIS A 190 22.94 24.22 0.27
N LYS A 191 21.65 23.91 0.41
CA LYS A 191 21.09 23.03 1.45
C LYS A 191 21.29 21.53 1.15
N SER A 192 21.23 20.69 2.17
CA SER A 192 21.55 19.26 1.99
C SER A 192 20.52 18.47 1.11
N ASP A 193 19.27 18.88 1.08
CA ASP A 193 18.34 18.25 0.15
C ASP A 193 18.46 18.76 -1.31
N GLY A 194 19.47 19.56 -1.62
CA GLY A 194 19.75 19.96 -3.00
C GLY A 194 19.23 21.34 -3.36
N SER A 195 18.18 21.81 -2.68
CA SER A 195 17.66 23.17 -2.92
C SER A 195 18.59 24.28 -2.40
N THR A 196 18.26 25.51 -2.78
CA THR A 196 19.09 26.67 -2.48
C THR A 196 18.25 27.73 -1.79
N VAL A 197 18.94 28.65 -1.11
CA VAL A 197 18.30 29.71 -0.36
C VAL A 197 19.31 30.88 -0.33
N SER A 198 18.82 32.10 -0.34
CA SER A 198 19.71 33.23 -0.36
C SER A 198 19.95 33.73 1.06
N VAL A 199 21.19 34.08 1.40
CA VAL A 199 21.53 34.31 2.80
C VAL A 199 22.62 35.36 2.91
N PRO A 200 22.65 36.13 3.96
CA PRO A 200 23.72 37.09 4.15
C PRO A 200 25.04 36.44 4.49
N MET A 201 26.07 36.80 3.78
CA MET A 201 27.39 36.27 4.02
C MET A 201 28.37 37.41 4.22
N MET A 202 29.28 37.22 5.15
CA MET A 202 30.35 38.15 5.39
C MET A 202 31.59 37.79 4.60
N ALA A 203 32.37 38.78 4.24
CA ALA A 203 33.61 38.55 3.57
C ALA A 203 34.76 39.24 4.20
N GLN A 204 35.85 38.54 4.26
CA GLN A 204 37.06 39.11 4.75
C GLN A 204 38.24 38.46 4.08
N THR A 205 39.28 39.21 3.90
CA THR A 205 40.48 38.68 3.36
C THR A 205 41.64 38.92 4.27
N ASN A 206 42.37 37.87 4.53
CA ASN A 206 43.68 37.93 5.15
C ASN A 206 44.36 36.61 5.26
N LYS A 207 45.35 36.54 6.12
CA LYS A 207 46.00 35.29 6.26
C LYS A 207 45.19 34.43 7.22
N PHE A 208 44.62 33.37 6.71
CA PHE A 208 43.90 32.45 7.58
C PHE A 208 44.67 31.18 7.85
N ASN A 209 44.75 30.83 9.10
CA ASN A 209 45.27 29.54 9.50
C ASN A 209 44.33 28.46 8.94
N TYR A 210 44.90 27.62 8.09
CA TYR A 210 44.13 26.71 7.26
C TYR A 210 44.77 25.31 7.17
N THR A 211 43.98 24.27 7.00
CA THR A 211 44.51 22.95 6.55
C THR A 211 43.33 22.18 5.93
N GLU A 212 43.68 21.31 5.00
CA GLU A 212 42.78 20.30 4.45
C GLU A 212 42.80 19.13 5.41
N PHE A 213 41.67 18.46 5.59
CA PHE A 213 41.66 17.30 6.51
C PHE A 213 40.86 16.15 5.87
N THR A 214 41.41 14.95 6.08
CA THR A 214 40.77 13.75 5.63
C THR A 214 40.49 12.90 6.87
N THR A 215 39.27 12.37 6.95
CA THR A 215 38.97 11.42 8.01
C THR A 215 39.60 10.11 7.61
N PRO A 216 39.86 9.27 8.63
CA PRO A 216 40.40 7.96 8.28
C PRO A 216 39.55 7.26 7.22
N ASP A 217 38.25 7.58 7.13
CA ASP A 217 37.45 6.90 6.09
C ASP A 217 37.37 7.65 4.78
N GLY A 218 38.31 8.56 4.54
CA GLY A 218 38.39 9.15 3.23
C GLY A 218 37.41 10.29 2.96
N HIS A 219 36.87 10.96 3.99
CA HIS A 219 36.10 12.19 3.76
C HIS A 219 36.91 13.42 3.87
N TYR A 220 36.83 14.33 2.88
CA TYR A 220 37.57 15.59 2.88
C TYR A 220 36.80 16.84 3.32
N TYR A 221 37.50 17.76 3.97
CA TYR A 221 36.92 19.00 4.50
C TYR A 221 38.02 19.99 4.48
N ASP A 222 37.62 21.25 4.37
CA ASP A 222 38.47 22.39 4.55
C ASP A 222 38.33 22.78 5.99
N ILE A 223 39.45 23.13 6.63
CA ILE A 223 39.44 23.55 8.04
C ILE A 223 40.04 24.88 8.21
N LEU A 224 39.25 25.81 8.76
CA LEU A 224 39.72 27.19 9.00
C LEU A 224 39.67 27.51 10.46
N GLU A 225 40.67 28.25 10.92
CA GLU A 225 40.63 28.86 12.25
C GLU A 225 40.33 30.36 12.19
N LEU A 226 39.32 30.81 12.95
CA LEU A 226 39.03 32.22 13.14
C LEU A 226 39.24 32.67 14.59
N PRO A 227 40.32 33.42 14.82
CA PRO A 227 40.70 33.82 16.19
C PRO A 227 39.76 34.95 16.65
N TYR A 228 39.24 34.90 17.86
CA TYR A 228 38.55 36.01 18.49
C TYR A 228 39.54 36.96 19.12
N HIS A 229 39.12 38.13 19.57
CA HIS A 229 40.06 39.10 20.09
C HIS A 229 40.94 38.58 21.19
N GLY A 230 42.22 38.89 21.10
CA GLY A 230 43.20 38.58 22.10
C GLY A 230 43.66 37.14 22.09
N ASP A 231 43.14 36.41 21.12
CA ASP A 231 43.44 34.98 20.89
C ASP A 231 42.91 34.04 21.98
N THR A 232 42.02 34.55 22.84
CA THR A 232 41.56 33.75 23.98
C THR A 232 40.74 32.56 23.49
N LEU A 233 39.78 32.85 22.62
CA LEU A 233 38.97 31.86 21.91
C LEU A 233 39.24 31.89 20.41
N SER A 234 38.82 30.81 19.71
CA SER A 234 38.85 30.70 18.24
C SER A 234 37.65 29.89 17.81
N MET A 235 37.11 30.20 16.62
CA MET A 235 36.21 29.32 15.91
C MET A 235 36.93 28.55 14.81
N PHE A 236 36.76 27.25 14.84
CA PHE A 236 37.18 26.39 13.77
C PHE A 236 35.94 26.09 12.97
N ILE A 237 36.05 26.34 11.67
CA ILE A 237 35.01 25.98 10.73
C ILE A 237 35.49 24.76 9.90
N ALA A 238 34.63 23.74 9.80
CA ALA A 238 34.90 22.60 8.96
C ALA A 238 33.81 22.36 7.95
N ALA A 239 34.16 22.50 6.69
CA ALA A 239 33.19 22.44 5.55
C ALA A 239 33.66 21.46 4.47
N PRO A 240 32.80 20.55 3.99
CA PRO A 240 33.14 19.64 2.89
C PRO A 240 33.61 20.43 1.67
N TYR A 241 34.45 19.85 0.80
CA TYR A 241 34.69 20.59 -0.47
C TYR A 241 33.81 20.31 -1.71
N GLU A 242 33.14 19.17 -1.70
CA GLU A 242 32.02 18.89 -2.61
C GLU A 242 30.70 18.70 -1.86
N LYS A 243 29.59 18.65 -2.59
CA LYS A 243 28.26 18.76 -2.00
C LYS A 243 27.70 17.51 -1.32
N GLU A 244 28.21 16.34 -1.65
CA GLU A 244 27.58 15.12 -1.15
C GLU A 244 28.28 14.53 0.09
N VAL A 245 29.22 15.28 0.66
CA VAL A 245 29.96 14.83 1.82
C VAL A 245 29.16 15.14 3.08
N PRO A 246 28.85 14.11 3.90
CA PRO A 246 28.17 14.27 5.17
C PRO A 246 29.05 14.86 6.27
N LEU A 247 28.42 15.63 7.17
CA LEU A 247 29.09 16.26 8.29
C LEU A 247 29.39 15.21 9.33
N SER A 248 28.57 14.15 9.30
CA SER A 248 28.64 13.05 10.29
C SER A 248 29.96 12.31 10.34
N ALA A 249 30.51 12.05 9.17
CA ALA A 249 31.82 11.42 9.01
C ALA A 249 32.81 12.24 9.82
N LEU A 250 32.73 13.56 9.73
CA LEU A 250 33.56 14.38 10.64
C LEU A 250 33.13 14.31 12.16
N THR A 251 31.88 14.52 12.43
CA THR A 251 31.36 14.68 13.78
C THR A 251 31.53 13.46 14.69
N ASN A 252 31.42 12.30 14.11
CA ASN A 252 31.52 11.05 14.78
C ASN A 252 32.92 10.67 15.22
N ILE A 253 33.93 11.35 14.71
CA ILE A 253 35.26 11.17 15.26
C ILE A 253 35.79 12.37 16.04
N LEU A 254 34.96 13.35 16.25
CA LEU A 254 35.36 14.57 16.87
C LEU A 254 35.82 14.47 18.33
N SER A 255 36.90 15.15 18.63
CA SER A 255 37.47 15.17 19.93
C SER A 255 38.35 16.38 20.08
N ALA A 256 38.78 16.61 21.31
CA ALA A 256 39.75 17.63 21.60
C ALA A 256 41.09 17.38 20.95
N GLN A 257 41.51 16.14 20.95
CA GLN A 257 42.71 15.73 20.28
C GLN A 257 42.65 15.97 18.78
N LEU A 258 41.50 15.74 18.20
CA LEU A 258 41.23 16.05 16.82
C LEU A 258 41.48 17.55 16.52
N ILE A 259 41.00 18.48 17.34
CA ILE A 259 41.26 19.92 17.09
C ILE A 259 42.76 20.25 17.15
N SER A 260 43.44 19.72 18.14
CA SER A 260 44.83 19.98 18.30
C SER A 260 45.59 19.34 17.12
N HIS A 261 45.10 18.21 16.60
CA HIS A 261 45.63 17.66 15.33
C HIS A 261 45.41 18.68 14.19
N TRP A 262 44.23 19.28 14.05
CA TRP A 262 44.08 20.36 13.01
C TRP A 262 45.09 21.46 13.13
N LYS A 263 45.20 21.97 14.35
CA LYS A 263 46.05 23.06 14.73
C LYS A 263 47.52 22.80 14.37
N GLY A 264 48.02 21.59 14.65
CA GLY A 264 49.39 21.14 14.30
C GLY A 264 49.74 21.09 12.81
N ASN A 265 48.75 20.95 11.94
CA ASN A 265 48.98 20.95 10.49
C ASN A 265 48.61 22.22 9.77
N MET A 266 48.16 23.23 10.48
CA MET A 266 47.69 24.44 9.84
C MET A 266 48.81 25.39 9.56
N THR A 267 48.53 26.24 8.57
CA THR A 267 49.44 27.17 8.01
C THR A 267 48.56 28.37 7.61
N ARG A 268 49.13 29.59 7.76
CA ARG A 268 48.46 30.87 7.51
C ARG A 268 48.70 31.21 6.06
N LEU A 269 47.62 31.21 5.28
CA LEU A 269 47.69 31.50 3.84
C LEU A 269 46.78 32.68 3.57
N PRO A 270 47.13 33.56 2.61
CA PRO A 270 46.23 34.69 2.19
C PRO A 270 44.99 34.19 1.45
N ARG A 271 43.81 34.47 1.96
CA ARG A 271 42.59 33.93 1.38
C ARG A 271 41.50 34.92 1.56
N LEU A 272 40.59 34.91 0.61
CA LEU A 272 39.32 35.55 0.75
C LEU A 272 38.45 34.53 1.46
N LEU A 273 37.77 34.94 2.53
CA LEU A 273 36.79 34.06 3.19
C LEU A 273 35.43 34.65 3.11
N VAL A 274 34.49 33.89 2.53
CA VAL A 274 33.08 34.26 2.55
C VAL A 274 32.31 33.27 3.39
N LEU A 275 31.63 33.76 4.43
CA LEU A 275 31.06 32.96 5.51
C LEU A 275 29.68 33.48 5.93
N PRO A 276 28.66 32.67 5.96
CA PRO A 276 27.37 33.18 6.39
C PRO A 276 27.32 33.65 7.84
N LYS A 277 26.59 34.71 8.08
CA LYS A 277 26.20 35.10 9.39
C LYS A 277 25.23 34.08 9.86
N PHE A 278 25.14 33.87 11.15
CA PHE A 278 24.04 33.13 11.73
C PHE A 278 23.77 33.47 13.18
N SER A 279 22.53 33.37 13.59
CA SER A 279 22.18 33.43 14.97
C SER A 279 21.22 32.36 15.24
N LEU A 280 21.59 31.44 16.08
CA LEU A 280 20.89 30.21 16.23
C LEU A 280 20.58 29.87 17.68
N GLU A 281 19.39 29.35 17.93
CA GLU A 281 19.14 28.87 19.27
C GLU A 281 18.70 27.39 19.24
N THR A 282 19.18 26.62 20.22
CA THR A 282 18.80 25.22 20.32
C THR A 282 18.47 24.89 21.73
N GLU A 283 17.35 24.20 21.92
CA GLU A 283 17.04 23.59 23.15
C GLU A 283 17.13 22.07 23.04
N VAL A 284 17.93 21.50 23.90
CA VAL A 284 18.09 20.08 23.97
C VAL A 284 17.54 19.48 25.22
N ASP A 285 16.73 18.49 25.01
CA ASP A 285 16.35 17.58 26.02
C ASP A 285 17.39 16.50 25.94
N LEU A 286 18.17 16.45 26.99
CA LEU A 286 19.30 15.61 27.25
C LEU A 286 19.04 14.15 27.60
N ARG A 287 17.83 13.74 27.92
CA ARG A 287 17.61 12.35 28.35
C ARG A 287 17.96 11.26 27.31
N LYS A 288 17.54 11.38 26.10
CA LYS A 288 17.88 10.32 25.14
C LYS A 288 19.39 10.30 24.88
N PRO A 289 19.97 11.49 24.52
CA PRO A 289 21.40 11.56 24.30
C PRO A 289 22.10 10.90 25.47
N LEU A 290 21.78 11.28 26.73
CA LEU A 290 22.44 10.66 27.93
C LEU A 290 22.22 9.15 28.18
N GLU A 291 20.97 8.70 28.10
CA GLU A 291 20.66 7.29 28.10
C GLU A 291 21.50 6.59 27.02
N ASN A 292 21.53 7.14 25.81
CA ASN A 292 22.41 6.58 24.74
C ASN A 292 23.90 6.37 25.12
N LEU A 293 24.42 7.18 26.04
CA LEU A 293 25.79 6.95 26.53
C LEU A 293 25.79 6.05 27.76
N GLY A 294 24.62 5.47 28.05
CA GLY A 294 24.53 4.46 29.10
C GLY A 294 24.07 5.00 30.44
N MET A 295 23.73 6.30 30.53
CA MET A 295 23.26 6.87 31.80
C MET A 295 21.72 6.66 31.89
N THR A 296 21.29 5.41 32.03
CA THR A 296 19.86 5.17 31.92
C THR A 296 19.11 5.18 33.27
N ASP A 297 19.78 4.80 34.36
CA ASP A 297 19.12 4.69 35.65
C ASP A 297 18.54 6.02 36.18
N MET A 298 19.27 7.10 35.91
CA MET A 298 18.99 8.36 36.51
C MET A 298 17.57 8.83 36.24
N PHE A 299 17.01 8.42 35.11
CA PHE A 299 15.71 8.86 34.63
C PHE A 299 14.59 7.90 35.00
N ARG A 300 14.94 6.80 35.68
CA ARG A 300 13.91 5.85 35.97
C ARG A 300 13.59 5.82 37.46
N GLN A 301 12.32 6.09 37.72
CA GLN A 301 11.83 6.44 39.04
C GLN A 301 12.00 5.37 40.13
N PHE A 302 12.36 4.13 39.75
CA PHE A 302 12.74 3.15 40.76
C PHE A 302 14.18 2.67 40.69
N GLN A 303 14.71 2.55 39.48
CA GLN A 303 16.12 2.16 39.33
C GLN A 303 17.05 3.28 39.82
N ALA A 304 16.61 4.55 39.71
CA ALA A 304 17.45 5.71 40.00
C ALA A 304 17.97 5.72 41.42
N ASP A 305 19.19 6.20 41.61
CA ASP A 305 19.86 6.21 42.92
C ASP A 305 20.53 7.57 43.20
N PHE A 306 19.81 8.42 43.93
CA PHE A 306 20.35 9.69 44.36
C PHE A 306 20.59 9.75 45.90
N THR A 307 21.03 8.63 46.48
CA THR A 307 21.15 8.51 47.95
C THR A 307 22.30 9.30 48.53
N SER A 308 23.16 9.84 47.66
CA SER A 308 24.15 10.79 48.12
C SER A 308 23.49 12.12 48.47
N LEU A 309 22.35 12.36 47.85
CA LEU A 309 21.55 13.54 48.12
C LEU A 309 20.41 13.35 49.14
N SER A 310 19.59 12.33 49.00
CA SER A 310 18.52 11.98 49.92
C SER A 310 18.25 10.47 50.12
N ASP A 311 17.90 10.05 51.32
CA ASP A 311 17.48 8.66 51.51
C ASP A 311 15.99 8.60 51.59
N GLN A 312 15.39 9.71 51.97
CA GLN A 312 13.94 9.72 51.92
C GLN A 312 13.69 10.11 50.49
N GLU A 313 13.73 9.13 49.62
CA GLU A 313 13.42 9.41 48.25
C GLU A 313 13.08 8.16 47.55
N PRO A 314 12.11 8.27 46.70
CA PRO A 314 12.19 7.74 45.36
C PRO A 314 12.55 9.06 44.75
N LEU A 315 13.73 9.14 44.16
CA LEU A 315 14.26 10.35 43.59
C LEU A 315 14.83 10.07 42.21
N HIS A 316 14.44 10.84 41.23
CA HIS A 316 14.95 10.67 39.91
C HIS A 316 14.85 11.93 39.08
N VAL A 317 15.65 12.03 38.03
CA VAL A 317 15.69 13.22 37.21
C VAL A 317 14.49 13.20 36.31
N ALA A 318 13.62 14.18 36.48
CA ALA A 318 12.44 14.37 35.64
C ALA A 318 12.70 15.25 34.40
N LEU A 319 13.78 16.03 34.37
CA LEU A 319 14.02 16.96 33.27
C LEU A 319 15.51 17.33 33.27
N ALA A 320 16.17 17.18 32.13
CA ALA A 320 17.55 17.56 32.01
C ALA A 320 17.63 18.37 30.78
N LEU A 321 17.92 19.65 30.87
CA LEU A 321 17.92 20.44 29.64
C LEU A 321 19.22 21.23 29.40
N GLN A 322 19.58 21.40 28.12
CA GLN A 322 20.53 22.41 27.72
C GLN A 322 19.87 23.36 26.74
N LYS A 323 20.03 24.64 26.96
CA LYS A 323 19.61 25.59 25.94
C LYS A 323 20.78 26.50 25.53
N VAL A 324 20.96 26.72 24.22
CA VAL A 324 22.10 27.48 23.71
C VAL A 324 21.69 28.50 22.64
N LYS A 325 22.30 29.68 22.65
CA LYS A 325 22.16 30.66 21.63
C LYS A 325 23.55 31.13 21.22
N ILE A 326 23.77 31.20 19.93
CA ILE A 326 25.07 31.59 19.40
C ILE A 326 24.87 32.57 18.26
N GLU A 327 25.68 33.62 18.28
CA GLU A 327 25.57 34.53 17.19
C GLU A 327 26.94 34.75 16.66
N VAL A 328 26.99 34.77 15.33
CA VAL A 328 28.21 35.04 14.59
C VAL A 328 27.77 36.09 13.57
N ASN A 329 28.29 37.27 13.77
CA ASN A 329 28.12 38.37 12.87
C ASN A 329 29.47 39.06 12.68
N GLU A 330 29.43 40.26 12.05
CA GLU A 330 30.66 41.02 11.76
C GLU A 330 31.60 41.40 12.91
N SER A 331 31.09 41.71 14.10
CA SER A 331 31.98 42.18 15.17
C SER A 331 32.08 41.29 16.37
N VAL A 341 29.32 54.25 0.91
CA VAL A 341 29.55 53.11 0.05
C VAL A 341 30.03 53.60 -1.26
N ILE A 342 31.26 53.24 -1.61
CA ILE A 342 31.65 52.08 -2.31
C ILE A 342 33.00 51.26 -2.07
N VAL A 343 32.83 49.93 -1.94
CA VAL A 343 33.64 48.78 -1.36
C VAL A 343 34.88 48.07 -1.95
N SER A 344 35.97 48.01 -1.21
CA SER A 344 37.29 47.64 -1.71
C SER A 344 38.03 46.60 -0.97
N ALA A 345 38.76 45.77 -1.68
CA ALA A 345 39.60 44.73 -1.12
C ALA A 345 40.92 44.48 -1.85
N ARG A 346 41.89 43.89 -1.14
CA ARG A 346 43.11 43.34 -1.73
C ARG A 346 42.84 41.97 -2.23
N MET A 347 43.33 41.64 -3.41
CA MET A 347 43.02 40.33 -4.04
C MET A 347 43.81 39.23 -3.41
N ALA A 348 43.25 38.02 -3.37
CA ALA A 348 43.98 36.93 -2.74
C ALA A 348 44.20 35.81 -3.74
N PRO A 349 45.28 35.04 -3.57
CA PRO A 349 45.50 33.97 -4.53
C PRO A 349 44.28 33.07 -4.69
N GLU A 350 43.50 32.87 -3.63
CA GLU A 350 42.33 31.99 -3.68
C GLU A 350 41.21 32.32 -2.67
N GLU A 351 40.07 31.67 -2.87
CA GLU A 351 38.76 32.01 -2.29
C GLU A 351 38.27 30.79 -1.55
N ILE A 352 37.70 30.97 -0.34
CA ILE A 352 36.95 29.93 0.35
C ILE A 352 35.53 30.40 0.64
N ILE A 353 34.61 29.88 -0.13
CA ILE A 353 33.24 30.28 -0.02
C ILE A 353 32.55 29.21 0.83
N ILE A 354 31.99 29.53 2.00
CA ILE A 354 31.29 28.52 2.85
C ILE A 354 29.80 28.59 2.52
N ASP A 355 29.38 28.01 1.39
CA ASP A 355 27.98 28.09 0.91
C ASP A 355 27.21 26.75 0.97
N ARG A 356 27.64 25.89 1.88
CA ARG A 356 27.07 24.57 2.08
C ARG A 356 27.16 24.23 3.60
N PRO A 357 26.42 23.27 4.11
CA PRO A 357 26.48 23.03 5.53
C PRO A 357 27.86 22.71 6.08
N PHE A 358 28.15 23.22 7.26
CA PHE A 358 29.44 23.18 7.87
C PHE A 358 29.33 22.92 9.35
N LEU A 359 30.39 22.48 9.97
CA LEU A 359 30.39 22.42 11.37
C LEU A 359 31.33 23.44 11.92
N PHE A 360 31.08 23.85 13.15
CA PHE A 360 31.90 24.79 13.89
C PHE A 360 32.21 24.37 15.31
N VAL A 361 33.38 24.73 15.75
CA VAL A 361 33.82 24.52 17.10
C VAL A 361 34.38 25.81 17.68
N VAL A 362 33.95 26.16 18.86
CA VAL A 362 34.53 27.28 19.58
C VAL A 362 35.40 26.72 20.68
N ARG A 363 36.67 27.07 20.68
CA ARG A 363 37.47 26.59 21.71
C ARG A 363 38.14 27.64 22.56
N HIS A 364 38.36 27.25 23.82
CA HIS A 364 39.10 28.05 24.73
C HIS A 364 40.56 27.70 24.57
N ASN A 365 41.32 28.59 23.93
CA ASN A 365 42.73 28.26 23.60
C ASN A 365 43.65 27.94 24.78
N PRO A 366 43.50 28.63 25.92
CA PRO A 366 44.53 28.34 26.91
C PRO A 366 44.34 27.03 27.61
N THR A 367 43.14 26.41 27.53
CA THR A 367 42.91 25.10 28.16
C THR A 367 42.58 24.03 27.11
N GLY A 368 42.21 24.43 25.90
CA GLY A 368 41.69 23.48 24.91
C GLY A 368 40.21 23.10 25.05
N THR A 369 39.48 23.71 25.99
CA THR A 369 38.09 23.39 26.26
C THR A 369 37.27 23.68 25.01
N VAL A 370 36.36 22.76 24.68
CA VAL A 370 35.38 22.92 23.62
C VAL A 370 34.09 23.54 24.19
N LEU A 371 33.88 24.81 23.93
CA LEU A 371 32.85 25.53 24.67
C LEU A 371 31.58 25.31 23.88
N PHE A 372 31.74 25.27 22.56
CA PHE A 372 30.57 25.21 21.67
C PHE A 372 30.90 24.42 20.45
N MET A 373 29.91 23.67 20.01
CA MET A 373 29.93 23.09 18.67
C MET A 373 28.57 23.07 18.04
N GLY A 374 28.57 23.00 16.72
CA GLY A 374 27.35 23.06 15.93
C GLY A 374 27.49 22.62 14.49
N GLN A 375 26.37 22.18 13.94
CA GLN A 375 26.25 22.03 12.50
C GLN A 375 25.26 23.04 12.01
N VAL A 376 25.65 23.85 11.02
CA VAL A 376 24.74 24.84 10.45
C VAL A 376 24.30 24.29 9.10
N MET A 377 23.08 23.84 9.03
CA MET A 377 22.52 23.32 7.84
C MET A 377 21.83 24.39 7.02
N GLU A 378 21.18 25.31 7.69
CA GLU A 378 20.61 26.47 7.04
C GLU A 378 20.63 27.74 7.87
N PRO A 379 21.48 28.68 7.53
CA PRO A 379 21.57 29.93 8.26
C PRO A 379 20.52 30.95 7.92
N PRO B 5 1.26 -36.54 30.50
CA PRO B 5 2.56 -35.88 30.52
C PRO B 5 2.64 -34.66 29.58
N SER B 6 3.54 -34.72 28.61
CA SER B 6 3.45 -33.89 27.47
C SER B 6 2.18 -34.28 26.79
N TYR B 7 1.73 -35.51 27.01
CA TYR B 7 0.43 -35.94 26.57
C TYR B 7 -0.74 -35.27 27.27
N VAL B 8 -0.70 -35.19 28.59
CA VAL B 8 -1.70 -34.39 29.29
C VAL B 8 -1.57 -32.93 29.02
N ALA B 9 -0.37 -32.44 28.92
CA ALA B 9 -0.16 -31.10 28.54
C ALA B 9 -0.83 -30.79 27.23
N HIS B 10 -0.69 -31.65 26.26
CA HIS B 10 -1.29 -31.48 24.96
C HIS B 10 -2.79 -31.36 25.04
N LEU B 11 -3.43 -32.35 25.66
CA LEU B 11 -4.88 -32.35 25.78
C LEU B 11 -5.32 -31.11 26.59
N ALA B 12 -4.55 -30.77 27.61
CA ALA B 12 -4.87 -29.62 28.46
C ALA B 12 -4.80 -28.32 27.69
N SER B 13 -3.71 -28.14 26.97
CA SER B 13 -3.56 -26.99 26.11
C SER B 13 -4.68 -26.89 25.03
N ASP B 14 -4.89 -27.97 24.28
CA ASP B 14 -5.90 -27.90 23.24
C ASP B 14 -7.29 -27.56 23.79
N PHE B 15 -7.65 -28.11 24.93
CA PHE B 15 -8.95 -27.77 25.48
C PHE B 15 -8.94 -26.30 25.89
N GLY B 16 -7.82 -25.77 26.37
CA GLY B 16 -7.79 -24.41 26.92
C GLY B 16 -7.82 -23.39 25.80
N VAL B 17 -7.23 -23.78 24.66
CA VAL B 17 -7.28 -22.96 23.44
C VAL B 17 -8.70 -22.88 22.92
N ARG B 18 -9.38 -24.03 22.83
CA ARG B 18 -10.83 -23.99 22.57
C ARG B 18 -11.60 -23.03 23.51
N VAL B 19 -11.37 -23.09 24.79
CA VAL B 19 -12.05 -22.09 25.64
C VAL B 19 -11.68 -20.64 25.29
N PHE B 20 -10.38 -20.39 25.10
CA PHE B 20 -9.90 -19.06 24.76
C PHE B 20 -10.54 -18.57 23.50
N GLN B 21 -10.70 -19.44 22.48
CA GLN B 21 -11.38 -19.01 21.27
C GLN B 21 -12.80 -18.57 21.51
N GLN B 22 -13.53 -19.32 22.34
CA GLN B 22 -14.86 -18.92 22.70
C GLN B 22 -14.85 -17.49 23.25
N VAL B 23 -13.95 -17.19 24.16
CA VAL B 23 -13.99 -15.85 24.73
C VAL B 23 -13.51 -14.76 23.78
N ALA B 24 -12.50 -15.04 22.96
CA ALA B 24 -12.04 -14.06 21.95
C ALA B 24 -13.17 -13.76 20.96
N GLN B 25 -13.89 -14.79 20.50
CA GLN B 25 -15.10 -14.60 19.68
C GLN B 25 -16.14 -13.71 20.32
N ALA B 26 -16.19 -13.71 21.65
CA ALA B 26 -17.22 -12.88 22.35
C ALA B 26 -16.70 -11.51 22.78
N SER B 27 -15.44 -11.22 22.49
CA SER B 27 -14.93 -9.90 22.68
C SER B 27 -14.12 -9.40 21.54
N LYS B 28 -14.75 -9.14 20.42
CA LYS B 28 -13.99 -8.95 19.20
C LYS B 28 -12.98 -7.80 19.25
N ASP B 29 -13.29 -6.67 19.84
CA ASP B 29 -12.29 -5.64 19.81
C ASP B 29 -11.68 -5.16 21.10
N ARG B 30 -11.48 -6.06 22.03
CA ARG B 30 -10.93 -5.68 23.30
C ARG B 30 -9.77 -6.57 23.73
N ASN B 31 -8.95 -6.07 24.62
CA ASN B 31 -7.86 -6.87 25.12
C ASN B 31 -8.37 -8.08 25.88
N VAL B 32 -7.70 -9.21 25.75
CA VAL B 32 -7.96 -10.39 26.55
C VAL B 32 -6.68 -11.08 26.91
N VAL B 33 -6.58 -11.59 28.12
CA VAL B 33 -5.57 -12.52 28.53
C VAL B 33 -6.26 -13.70 29.12
N PHE B 34 -5.74 -14.88 28.91
CA PHE B 34 -6.37 -16.07 29.34
C PHE B 34 -5.33 -17.15 29.54
N SER B 35 -5.62 -18.13 30.35
CA SER B 35 -4.73 -19.22 30.51
C SER B 35 -5.45 -20.50 30.16
N PRO B 36 -5.03 -21.09 29.05
CA PRO B 36 -5.54 -22.39 28.66
C PRO B 36 -5.15 -23.46 29.64
N TYR B 37 -3.93 -23.38 30.12
CA TYR B 37 -3.48 -24.29 31.16
C TYR B 37 -4.40 -24.28 32.42
N GLY B 38 -4.76 -23.06 32.83
CA GLY B 38 -5.38 -22.85 34.13
C GLY B 38 -6.81 -23.33 34.07
N VAL B 39 -7.50 -23.07 32.98
CA VAL B 39 -8.84 -23.52 32.84
C VAL B 39 -8.99 -25.03 32.80
N ALA B 40 -8.08 -25.66 32.10
CA ALA B 40 -7.97 -27.09 32.08
C ALA B 40 -7.64 -27.70 33.42
N SER B 41 -6.77 -27.06 34.15
CA SER B 41 -6.44 -27.49 35.47
C SER B 41 -7.59 -27.48 36.46
N VAL B 42 -8.41 -26.43 36.49
CA VAL B 42 -9.62 -26.41 37.30
C VAL B 42 -10.70 -27.35 36.89
N LEU B 43 -10.94 -27.44 35.61
CA LEU B 43 -11.96 -28.28 35.09
C LEU B 43 -11.61 -29.69 35.40
N ALA B 44 -10.34 -30.04 35.35
CA ALA B 44 -9.87 -31.33 35.77
C ALA B 44 -10.12 -31.64 37.24
N MET B 45 -9.96 -30.68 38.14
CA MET B 45 -10.36 -30.89 39.51
C MET B 45 -11.87 -31.08 39.59
N LEU B 46 -12.62 -30.25 38.90
CA LEU B 46 -14.08 -30.36 38.85
C LEU B 46 -14.55 -31.73 38.45
N GLN B 47 -13.88 -32.35 37.48
CA GLN B 47 -14.30 -33.64 36.99
C GLN B 47 -14.58 -34.63 38.11
N LEU B 48 -13.72 -34.69 39.13
CA LEU B 48 -13.91 -35.65 40.23
C LEU B 48 -15.17 -35.37 41.11
N THR B 49 -15.72 -34.16 41.06
CA THR B 49 -16.97 -33.84 41.79
C THR B 49 -18.29 -34.21 41.06
N THR B 50 -18.18 -34.72 39.86
CA THR B 50 -19.35 -34.78 39.00
C THR B 50 -19.74 -36.23 38.73
N GLY B 51 -20.99 -36.46 38.29
CA GLY B 51 -21.39 -37.77 37.78
C GLY B 51 -22.21 -37.64 36.50
N GLY B 52 -22.70 -38.78 36.01
CA GLY B 52 -23.77 -38.84 34.97
C GLY B 52 -23.43 -38.01 33.75
N GLU B 53 -24.37 -37.24 33.26
CA GLU B 53 -24.18 -36.53 31.99
C GLU B 53 -23.28 -35.29 32.18
N THR B 54 -23.17 -34.86 33.45
CA THR B 54 -22.39 -33.69 33.81
C THR B 54 -20.91 -34.01 33.63
N GLN B 55 -20.45 -35.06 34.34
CA GLN B 55 -19.16 -35.62 34.14
C GLN B 55 -18.89 -35.87 32.66
N GLN B 56 -19.83 -36.52 32.00
CA GLN B 56 -19.66 -36.93 30.65
C GLN B 56 -19.44 -35.72 29.72
N GLN B 57 -20.19 -34.65 29.90
CA GLN B 57 -19.96 -33.48 29.09
C GLN B 57 -18.55 -32.92 29.35
N ILE B 58 -18.09 -32.80 30.59
CA ILE B 58 -16.71 -32.38 30.85
C ILE B 58 -15.64 -33.26 30.20
N GLN B 59 -15.63 -34.55 30.53
CA GLN B 59 -14.71 -35.50 29.88
C GLN B 59 -14.75 -35.45 28.31
N ALA B 60 -15.93 -35.55 27.71
CA ALA B 60 -16.04 -35.31 26.23
C ALA B 60 -15.28 -34.05 25.78
N ALA B 61 -15.60 -32.91 26.39
CA ALA B 61 -15.01 -31.64 25.98
C ALA B 61 -13.46 -31.56 26.20
N MET B 62 -13.01 -32.23 27.25
CA MET B 62 -11.64 -32.15 27.62
C MET B 62 -10.77 -33.22 26.93
N GLY B 63 -11.35 -34.34 26.52
CA GLY B 63 -10.56 -35.38 25.87
C GLY B 63 -10.00 -36.44 26.80
N PHE B 64 -10.21 -36.29 28.11
CA PHE B 64 -9.74 -37.33 29.05
C PHE B 64 -10.53 -37.38 30.38
N LYS B 65 -10.31 -38.45 31.13
CA LYS B 65 -10.98 -38.63 32.40
C LYS B 65 -9.88 -38.51 33.41
N ILE B 66 -10.07 -37.70 34.45
CA ILE B 66 -9.05 -37.51 35.47
C ILE B 66 -8.63 -38.79 36.25
N ASP B 67 -9.58 -39.72 36.34
CA ASP B 67 -9.41 -40.96 37.10
C ASP B 67 -8.64 -42.02 36.34
N ASP B 68 -8.51 -41.86 35.03
CA ASP B 68 -7.71 -42.84 34.32
C ASP B 68 -6.27 -42.88 34.82
N LYS B 69 -5.70 -44.10 34.80
CA LYS B 69 -4.32 -44.36 35.23
C LYS B 69 -3.31 -43.40 34.58
N GLY B 70 -2.47 -42.79 35.39
CA GLY B 70 -1.49 -41.84 34.90
C GLY B 70 -1.91 -40.40 34.66
N MET B 71 -3.19 -40.10 34.40
CA MET B 71 -3.61 -38.68 34.17
C MET B 71 -3.26 -37.71 35.31
N ALA B 72 -3.90 -37.92 36.47
CA ALA B 72 -3.63 -37.09 37.64
C ALA B 72 -2.13 -36.94 37.98
N PRO B 73 -1.36 -38.05 38.01
CA PRO B 73 0.02 -37.81 38.39
C PRO B 73 0.75 -36.96 37.36
N ALA B 74 0.42 -37.17 36.08
CA ALA B 74 1.04 -36.40 35.03
C ALA B 74 0.72 -34.90 35.14
N LEU B 75 -0.56 -34.56 35.38
CA LEU B 75 -0.89 -33.15 35.75
C LEU B 75 -0.15 -32.71 37.00
N ARG B 76 -0.08 -33.57 38.02
CA ARG B 76 0.64 -33.16 39.22
C ARG B 76 2.14 -32.98 38.87
N HIS B 77 2.71 -33.87 38.06
CA HIS B 77 4.11 -33.70 37.62
C HIS B 77 4.26 -32.53 36.70
N LEU B 78 3.26 -32.27 35.88
CA LEU B 78 3.23 -31.01 35.11
C LEU B 78 3.30 -29.75 35.99
N TYR B 79 2.45 -29.67 37.01
CA TYR B 79 2.46 -28.54 37.91
C TYR B 79 3.81 -28.31 38.61
N LYS B 80 4.35 -29.35 39.27
CA LYS B 80 5.66 -29.23 39.95
C LYS B 80 6.76 -28.74 39.00
N GLU B 81 6.57 -28.99 37.71
CA GLU B 81 7.52 -28.57 36.68
C GLU B 81 7.44 -27.08 36.35
N LEU B 82 6.25 -26.47 36.46
CA LEU B 82 6.05 -25.05 36.20
C LEU B 82 6.40 -24.20 37.42
N MET B 83 6.38 -24.83 38.59
CA MET B 83 6.88 -24.19 39.81
C MET B 83 8.34 -24.52 40.13
N GLY B 84 9.04 -25.16 39.18
CA GLY B 84 10.50 -25.40 39.26
C GLY B 84 11.35 -24.17 39.60
N PRO B 85 12.58 -24.39 40.13
CA PRO B 85 13.43 -23.30 40.63
C PRO B 85 13.81 -22.24 39.57
N TRP B 86 13.78 -22.62 38.28
CA TRP B 86 14.02 -21.67 37.18
C TRP B 86 13.09 -20.46 37.28
N ASN B 87 11.86 -20.69 37.76
CA ASN B 87 10.80 -19.68 37.88
C ASN B 87 11.06 -18.67 39.01
N LYS B 88 11.54 -17.48 38.64
CA LYS B 88 11.87 -16.40 39.60
C LYS B 88 10.63 -15.54 39.93
N ASP B 89 9.61 -16.16 40.53
CA ASP B 89 8.37 -15.46 40.83
C ASP B 89 7.97 -14.67 39.59
N GLU B 90 8.12 -15.33 38.45
CA GLU B 90 7.63 -14.78 37.20
C GLU B 90 6.19 -15.26 37.02
N ILE B 91 5.86 -16.39 37.67
CA ILE B 91 4.58 -17.12 37.44
C ILE B 91 3.87 -17.73 38.66
N SER B 92 2.63 -17.32 38.88
CA SER B 92 1.86 -17.88 39.98
C SER B 92 0.58 -18.36 39.40
N THR B 93 0.14 -19.55 39.84
CA THR B 93 -1.09 -20.18 39.37
C THR B 93 -1.82 -20.74 40.56
N THR B 94 -3.14 -20.59 40.62
CA THR B 94 -3.86 -21.27 41.70
C THR B 94 -5.21 -21.74 41.22
N ASP B 95 -5.63 -22.90 41.74
CA ASP B 95 -6.95 -23.48 41.54
C ASP B 95 -7.69 -23.63 42.89
N ALA B 96 -8.99 -23.44 42.91
CA ALA B 96 -9.71 -23.73 44.15
C ALA B 96 -11.17 -23.87 43.82
N ILE B 97 -11.75 -24.87 44.45
CA ILE B 97 -13.19 -25.16 44.47
C ILE B 97 -13.60 -24.88 45.89
N PHE B 98 -14.70 -24.16 46.05
CA PHE B 98 -15.24 -23.77 47.34
C PHE B 98 -16.64 -24.32 47.43
N VAL B 99 -16.96 -25.03 48.50
CA VAL B 99 -18.31 -25.61 48.61
C VAL B 99 -18.96 -25.23 49.96
N GLN B 100 -20.29 -25.19 49.99
CA GLN B 100 -20.97 -24.94 51.25
C GLN B 100 -20.45 -25.86 52.44
N ARG B 101 -19.90 -25.24 53.49
CA ARG B 101 -19.51 -25.91 54.74
C ARG B 101 -20.61 -26.86 55.26
N ASP B 102 -21.86 -26.46 55.08
CA ASP B 102 -23.03 -27.16 55.67
C ASP B 102 -23.16 -28.63 55.22
N LEU B 103 -22.41 -28.99 54.21
CA LEU B 103 -22.91 -29.98 53.27
C LEU B 103 -22.38 -31.38 53.46
N LYS B 104 -23.27 -32.35 53.59
CA LYS B 104 -22.84 -33.73 53.69
C LYS B 104 -22.05 -34.21 52.43
N LEU B 105 -20.76 -34.50 52.59
CA LEU B 105 -19.96 -34.97 51.45
C LEU B 105 -20.03 -36.49 51.32
N VAL B 106 -19.74 -37.03 50.14
CA VAL B 106 -19.67 -38.47 49.97
C VAL B 106 -18.52 -39.01 50.81
N GLN B 107 -18.78 -40.13 51.50
CA GLN B 107 -17.76 -40.77 52.33
C GLN B 107 -16.64 -41.12 51.38
N GLY B 108 -15.44 -40.67 51.72
CA GLY B 108 -14.32 -40.99 50.84
C GLY B 108 -13.94 -39.90 49.84
N PHE B 109 -14.86 -38.97 49.53
CA PHE B 109 -14.48 -37.98 48.51
C PHE B 109 -13.22 -37.11 48.87
N MET B 110 -13.17 -36.51 50.05
CA MET B 110 -11.99 -35.64 50.33
C MET B 110 -10.63 -36.33 50.19
N PRO B 111 -10.47 -37.53 50.78
CA PRO B 111 -9.21 -38.27 50.70
C PRO B 111 -8.78 -38.62 49.25
N HIS B 112 -9.73 -39.12 48.45
CA HIS B 112 -9.54 -39.35 46.98
C HIS B 112 -9.15 -38.05 46.27
N PHE B 113 -9.82 -36.94 46.60
CA PHE B 113 -9.49 -35.65 45.92
C PHE B 113 -8.08 -35.22 46.29
N PHE B 114 -7.71 -35.32 47.56
CA PHE B 114 -6.34 -34.99 47.95
C PHE B 114 -5.28 -35.98 47.38
N ARG B 115 -5.60 -37.28 47.39
CA ARG B 115 -4.77 -38.28 46.74
C ARG B 115 -4.47 -37.78 45.32
N LEU B 116 -5.50 -37.44 44.54
CA LEU B 116 -5.20 -37.09 43.12
C LEU B 116 -4.56 -35.73 42.91
N PHE B 117 -4.91 -34.73 43.71
CA PHE B 117 -4.48 -33.35 43.39
C PHE B 117 -3.57 -32.74 44.41
N ARG B 118 -3.44 -33.39 45.56
CA ARG B 118 -2.66 -32.83 46.67
C ARG B 118 -3.20 -31.48 47.13
N SER B 119 -4.50 -31.25 46.95
CA SER B 119 -5.19 -30.18 47.66
C SER B 119 -6.64 -30.55 48.01
N THR B 120 -7.32 -29.68 48.74
CA THR B 120 -8.67 -29.98 49.17
C THR B 120 -9.68 -29.06 48.54
N VAL B 121 -10.93 -29.51 48.51
CA VAL B 121 -12.06 -28.63 48.29
C VAL B 121 -12.18 -27.75 49.53
N LYS B 122 -12.35 -26.44 49.36
CA LYS B 122 -12.56 -25.57 50.53
C LYS B 122 -14.02 -25.59 50.92
N GLN B 123 -14.22 -25.56 52.23
CA GLN B 123 -15.58 -25.53 52.78
C GLN B 123 -15.81 -24.19 53.41
N VAL B 124 -16.79 -23.48 52.90
CA VAL B 124 -17.04 -22.10 53.36
C VAL B 124 -18.49 -21.90 53.75
N ASP B 125 -18.75 -21.12 54.80
CA ASP B 125 -20.15 -20.81 55.11
C ASP B 125 -20.64 -19.65 54.26
N PHE B 126 -21.25 -19.95 53.12
CA PHE B 126 -21.81 -18.89 52.25
C PHE B 126 -22.88 -18.04 52.86
N SER B 127 -23.57 -18.53 53.90
CA SER B 127 -24.55 -17.62 54.51
C SER B 127 -23.90 -16.49 55.31
N GLU B 128 -22.58 -16.57 55.50
CA GLU B 128 -21.80 -15.41 55.93
C GLU B 128 -21.26 -14.74 54.65
N VAL B 129 -22.14 -14.08 53.88
CA VAL B 129 -21.80 -13.55 52.54
C VAL B 129 -20.45 -12.84 52.50
N GLU B 130 -20.27 -11.85 53.35
CA GLU B 130 -19.12 -10.99 53.27
C GLU B 130 -17.83 -11.75 53.62
N ARG B 131 -17.86 -12.47 54.72
CA ARG B 131 -16.87 -13.47 55.05
C ARG B 131 -16.47 -14.48 53.91
N ALA B 132 -17.47 -15.11 53.29
CA ALA B 132 -17.23 -15.99 52.14
C ALA B 132 -16.48 -15.22 51.00
N ARG B 133 -16.95 -14.01 50.65
CA ARG B 133 -16.24 -13.23 49.64
C ARG B 133 -14.82 -13.00 50.03
N PHE B 134 -14.61 -12.67 51.29
CA PHE B 134 -13.29 -12.37 51.77
C PHE B 134 -12.37 -13.60 51.66
N ILE B 135 -12.88 -14.78 52.06
CA ILE B 135 -12.04 -15.99 52.07
C ILE B 135 -11.53 -16.21 50.62
N ILE B 136 -12.46 -16.25 49.66
CA ILE B 136 -12.13 -16.41 48.26
C ILE B 136 -11.02 -15.48 47.80
N ASN B 137 -11.22 -14.19 48.02
CA ASN B 137 -10.26 -13.18 47.57
C ASN B 137 -8.94 -13.40 48.28
N ASP B 138 -9.04 -13.89 49.50
CA ASP B 138 -7.84 -14.11 50.28
C ASP B 138 -7.07 -15.34 49.84
N TRP B 139 -7.79 -16.39 49.48
CA TRP B 139 -7.15 -17.48 48.81
C TRP B 139 -6.36 -17.01 47.58
N VAL B 140 -6.96 -16.18 46.71
CA VAL B 140 -6.28 -15.76 45.48
C VAL B 140 -5.04 -14.92 45.83
N LYS B 141 -5.19 -14.05 46.81
CA LYS B 141 -4.17 -13.07 47.20
C LYS B 141 -2.98 -13.81 47.75
N THR B 142 -3.22 -14.79 48.64
CA THR B 142 -2.11 -15.48 49.28
C THR B 142 -1.41 -16.47 48.36
N HIS B 143 -2.11 -17.01 47.37
CA HIS B 143 -1.51 -17.99 46.46
C HIS B 143 -0.95 -17.41 45.17
N THR B 144 -0.93 -16.08 45.04
CA THR B 144 -0.29 -15.46 43.88
C THR B 144 0.65 -14.37 44.34
N LYS B 145 1.32 -14.63 45.47
CA LYS B 145 2.26 -13.71 46.09
C LYS B 145 1.71 -12.29 46.10
N GLY B 146 0.42 -12.15 46.36
CA GLY B 146 -0.23 -10.82 46.43
C GLY B 146 -0.56 -10.15 45.10
N MET B 147 -0.38 -10.83 43.96
CA MET B 147 -0.43 -10.13 42.66
C MET B 147 -1.86 -10.01 42.11
N ILE B 148 -2.69 -10.98 42.50
CA ILE B 148 -4.10 -10.88 42.28
C ILE B 148 -4.82 -10.96 43.60
N SER B 149 -5.44 -9.88 43.98
CA SER B 149 -6.16 -9.86 45.25
C SER B 149 -7.67 -9.79 45.27
N HIS B 150 -8.32 -9.53 44.15
CA HIS B 150 -9.76 -9.52 44.11
C HIS B 150 -10.31 -10.09 42.86
N LEU B 151 -11.39 -10.83 43.00
CA LEU B 151 -12.17 -11.25 41.87
C LEU B 151 -13.45 -10.50 41.94
N LEU B 152 -13.76 -9.76 40.90
CA LEU B 152 -15.02 -8.98 40.91
C LEU B 152 -16.27 -9.81 40.79
N GLY B 153 -16.22 -10.93 40.10
CA GLY B 153 -17.42 -11.81 39.92
C GLY B 153 -17.99 -12.32 41.23
N THR B 154 -17.21 -12.24 42.31
CA THR B 154 -17.69 -12.71 43.62
C THR B 154 -18.69 -11.74 44.29
N GLY B 155 -18.90 -10.59 43.62
CA GLY B 155 -19.96 -9.65 43.93
C GLY B 155 -21.31 -10.33 43.82
N ALA B 156 -21.37 -11.44 43.10
CA ALA B 156 -22.62 -12.15 42.89
C ALA B 156 -22.71 -13.34 43.85
N VAL B 157 -21.73 -13.57 44.70
CA VAL B 157 -21.87 -14.60 45.75
C VAL B 157 -22.90 -14.15 46.79
N GLN B 158 -23.86 -14.99 47.17
CA GLN B 158 -24.92 -14.67 48.18
C GLN B 158 -25.23 -15.92 49.01
N GLN B 159 -26.29 -15.90 49.84
CA GLN B 159 -26.61 -17.06 50.72
C GLN B 159 -27.04 -18.36 50.01
N LEU B 160 -27.58 -18.27 48.78
CA LEU B 160 -27.96 -19.46 48.01
C LEU B 160 -26.79 -20.17 47.31
N THR B 161 -25.67 -19.47 47.10
CA THR B 161 -24.44 -20.02 46.53
C THR B 161 -23.94 -21.25 47.27
N ARG B 162 -23.66 -22.33 46.53
CA ARG B 162 -23.18 -23.58 47.16
C ARG B 162 -21.87 -24.05 46.62
N LEU B 163 -21.58 -23.66 45.38
CA LEU B 163 -20.42 -24.18 44.66
C LEU B 163 -19.80 -23.13 43.70
N VAL B 164 -18.50 -22.88 43.87
CA VAL B 164 -17.81 -21.80 43.18
C VAL B 164 -16.47 -22.34 42.82
N LEU B 165 -16.03 -22.04 41.59
CA LEU B 165 -14.72 -22.49 41.08
C LEU B 165 -13.93 -21.32 40.56
N VAL B 166 -12.68 -21.29 40.91
CA VAL B 166 -11.88 -20.16 40.67
C VAL B 166 -10.48 -20.54 40.15
N ASN B 167 -9.95 -19.79 39.23
CA ASN B 167 -8.62 -19.97 38.73
C ASN B 167 -7.94 -18.64 38.60
N ALA B 168 -6.71 -18.56 39.07
CA ALA B 168 -5.95 -17.35 38.95
C ALA B 168 -4.48 -17.52 38.66
N LEU B 169 -3.96 -16.71 37.74
CA LEU B 169 -2.56 -16.67 37.40
C LEU B 169 -1.99 -15.28 37.23
N TYR B 170 -0.72 -15.14 37.54
CA TYR B 170 0.05 -13.97 37.24
C TYR B 170 1.31 -14.35 36.48
N PHE B 171 1.70 -13.57 35.49
CA PHE B 171 2.96 -13.73 34.80
C PHE B 171 3.61 -12.41 34.43
N ASN B 172 4.87 -12.30 34.70
CA ASN B 172 5.73 -11.25 34.16
C ASN B 172 7.08 -11.94 33.98
N GLY B 173 7.50 -12.14 32.75
CA GLY B 173 8.67 -13.00 32.52
C GLY B 173 9.98 -12.24 32.40
N GLN B 174 11.08 -12.92 32.70
CA GLN B 174 12.40 -12.33 32.42
C GLN B 174 12.97 -12.92 31.17
N TRP B 175 13.10 -12.04 30.19
CA TRP B 175 13.66 -12.32 28.88
C TRP B 175 14.99 -12.95 28.92
N LYS B 176 15.27 -13.83 27.97
CA LYS B 176 16.64 -14.30 27.73
C LYS B 176 17.49 -13.07 27.43
N THR B 177 17.05 -12.27 26.48
CA THR B 177 17.73 -11.04 26.19
C THR B 177 16.87 -9.83 26.50
N PRO B 178 17.22 -9.09 27.57
CA PRO B 178 16.43 -7.87 27.87
C PRO B 178 16.33 -6.90 26.67
N PHE B 179 15.20 -6.21 26.53
CA PHE B 179 15.15 -5.08 25.61
C PHE B 179 15.92 -3.94 26.26
N PRO B 180 16.81 -3.26 25.52
CA PRO B 180 17.50 -2.10 26.15
C PRO B 180 16.50 -0.97 26.46
N ASP B 181 16.55 -0.50 27.70
CA ASP B 181 15.65 0.57 28.21
C ASP B 181 15.70 1.86 27.36
N SER B 182 16.90 2.27 26.97
CA SER B 182 17.07 3.48 26.18
C SER B 182 16.36 3.44 24.83
N SER B 183 16.12 2.26 24.24
CA SER B 183 15.41 2.23 22.94
C SER B 183 13.86 2.21 23.02
N THR B 184 13.31 2.22 24.24
CA THR B 184 11.83 2.33 24.40
C THR B 184 11.33 3.74 24.07
N HIS B 185 10.44 3.86 23.11
CA HIS B 185 10.00 5.19 22.72
C HIS B 185 8.57 5.07 22.36
N ARG B 186 7.82 6.14 22.57
CA ARG B 186 6.43 6.20 22.20
C ARG B 186 6.30 6.21 20.68
N ARG B 187 5.30 5.49 20.16
CA ARG B 187 5.12 5.27 18.74
C ARG B 187 3.65 5.06 18.53
N LEU B 188 3.18 5.41 17.37
CA LEU B 188 1.82 5.20 16.97
C LEU B 188 1.39 3.74 16.87
N PHE B 189 0.22 3.43 17.40
CA PHE B 189 -0.41 2.12 17.28
C PHE B 189 -1.75 2.23 16.54
N HIS B 190 -1.96 1.39 15.56
CA HIS B 190 -3.17 1.46 14.77
C HIS B 190 -4.18 0.50 15.25
N LYS B 191 -5.27 1.04 15.75
CA LYS B 191 -6.37 0.27 16.24
C LYS B 191 -7.28 -0.26 15.15
N SER B 192 -8.06 -1.24 15.49
CA SER B 192 -8.87 -1.94 14.54
C SER B 192 -9.97 -1.06 13.87
N ASP B 193 -10.41 -0.03 14.54
CA ASP B 193 -11.40 0.87 13.98
C ASP B 193 -10.81 2.01 13.21
N GLY B 194 -9.51 2.00 13.05
CA GLY B 194 -8.85 3.00 12.26
C GLY B 194 -8.29 4.16 13.01
N SER B 195 -8.67 4.33 14.25
CA SER B 195 -8.03 5.33 15.07
C SER B 195 -6.63 4.87 15.41
N THR B 196 -5.78 5.80 15.78
CA THR B 196 -4.42 5.51 16.21
C THR B 196 -4.22 6.13 17.58
N VAL B 197 -3.24 5.62 18.32
CA VAL B 197 -2.97 5.99 19.70
C VAL B 197 -1.46 5.88 19.91
N SER B 198 -0.88 6.81 20.63
CA SER B 198 0.54 6.81 20.82
C SER B 198 0.85 6.03 22.12
N VAL B 199 1.89 5.19 22.12
CA VAL B 199 2.07 4.18 23.11
C VAL B 199 3.55 3.75 23.23
N PRO B 200 4.00 3.47 24.46
CA PRO B 200 5.42 3.14 24.64
C PRO B 200 5.76 1.81 23.93
N MET B 201 6.80 1.82 23.09
CA MET B 201 7.20 0.59 22.37
C MET B 201 8.66 0.26 22.57
N MET B 202 8.96 -1.00 22.88
CA MET B 202 10.34 -1.44 23.11
C MET B 202 10.94 -1.75 21.75
N ALA B 203 12.27 -1.84 21.68
CA ALA B 203 12.93 -2.20 20.42
C ALA B 203 14.21 -2.95 20.73
N GLN B 204 14.57 -3.86 19.84
CA GLN B 204 15.75 -4.73 20.00
C GLN B 204 16.14 -5.23 18.65
N THR B 205 17.44 -5.21 18.36
CA THR B 205 17.85 -5.76 17.10
C THR B 205 18.62 -7.03 17.43
N ASN B 206 18.14 -8.16 16.93
CA ASN B 206 18.74 -9.43 17.29
C ASN B 206 18.46 -10.47 16.24
N LYS B 207 18.96 -11.68 16.44
CA LYS B 207 18.62 -12.80 15.59
C LYS B 207 17.39 -13.47 16.19
N PHE B 208 16.20 -13.16 15.66
CA PHE B 208 14.99 -13.77 16.21
C PHE B 208 14.56 -14.97 15.39
N ASN B 209 14.19 -16.04 16.11
CA ASN B 209 13.44 -17.14 15.52
C ASN B 209 12.21 -16.57 14.93
N TYR B 210 12.07 -16.74 13.61
CA TYR B 210 11.00 -16.12 12.83
C TYR B 210 10.44 -17.10 11.83
N THR B 211 9.13 -17.05 11.60
CA THR B 211 8.53 -17.72 10.46
C THR B 211 7.34 -16.95 9.95
N GLU B 212 6.87 -17.33 8.78
CA GLU B 212 5.72 -16.70 8.13
C GLU B 212 4.76 -17.82 7.72
N PHE B 213 3.50 -17.68 8.10
CA PHE B 213 2.46 -18.63 7.78
C PHE B 213 1.34 -17.95 7.04
N THR B 214 0.41 -18.77 6.59
CA THR B 214 -0.67 -18.26 5.82
C THR B 214 -1.96 -18.81 6.41
N THR B 215 -3.05 -18.04 6.36
CA THR B 215 -4.38 -18.54 6.81
C THR B 215 -5.04 -19.32 5.69
N PRO B 216 -6.07 -20.15 6.01
CA PRO B 216 -6.72 -20.88 4.90
C PRO B 216 -7.17 -19.96 3.77
N ASP B 217 -7.54 -18.73 4.04
CA ASP B 217 -7.92 -17.87 2.91
C ASP B 217 -6.76 -17.03 2.32
N GLY B 218 -5.53 -17.39 2.64
CA GLY B 218 -4.37 -16.85 1.94
C GLY B 218 -3.59 -15.73 2.62
N HIS B 219 -4.12 -15.16 3.70
CA HIS B 219 -3.43 -14.03 4.32
C HIS B 219 -2.16 -14.39 5.01
N TYR B 220 -1.13 -13.64 4.67
CA TYR B 220 0.18 -13.70 5.30
C TYR B 220 0.14 -13.11 6.72
N TYR B 221 0.84 -13.79 7.64
CA TYR B 221 0.98 -13.29 9.01
C TYR B 221 2.31 -13.71 9.51
N ASP B 222 2.89 -12.88 10.37
CA ASP B 222 4.21 -13.10 10.94
C ASP B 222 4.15 -13.77 12.28
N ILE B 223 5.17 -14.57 12.60
CA ILE B 223 5.30 -15.16 13.90
C ILE B 223 6.75 -15.01 14.35
N LEU B 224 6.95 -14.55 15.59
CA LEU B 224 8.28 -14.39 16.16
C LEU B 224 8.30 -15.07 17.48
N GLU B 225 9.46 -15.58 17.88
CA GLU B 225 9.58 -16.20 19.19
C GLU B 225 10.50 -15.36 20.09
N LEU B 226 10.00 -15.06 21.29
CA LEU B 226 10.74 -14.24 22.20
C LEU B 226 10.99 -15.12 23.42
N PRO B 227 12.20 -15.66 23.55
CA PRO B 227 12.51 -16.62 24.65
C PRO B 227 12.69 -15.95 26.01
N TYR B 228 12.31 -16.65 27.06
CA TYR B 228 12.63 -16.19 28.40
C TYR B 228 13.88 -16.86 28.89
N HIS B 229 14.41 -16.37 30.00
CA HIS B 229 15.68 -16.82 30.59
C HIS B 229 15.75 -18.34 30.71
N GLY B 230 16.91 -18.94 30.34
CA GLY B 230 17.08 -20.41 30.35
C GLY B 230 16.34 -21.15 29.22
N ASP B 231 15.58 -20.41 28.40
CA ASP B 231 14.75 -20.98 27.31
C ASP B 231 13.52 -21.84 27.76
N THR B 232 13.20 -21.86 29.06
CA THR B 232 12.09 -22.67 29.58
C THR B 232 10.76 -22.28 28.88
N LEU B 233 10.56 -20.97 28.70
CA LEU B 233 9.36 -20.45 28.17
C LEU B 233 9.71 -19.52 27.09
N SER B 234 8.79 -19.36 26.16
CA SER B 234 8.88 -18.31 25.15
C SER B 234 7.56 -17.64 25.01
N MET B 235 7.59 -16.44 24.50
CA MET B 235 6.39 -15.80 24.01
C MET B 235 6.44 -15.78 22.51
N PHE B 236 5.33 -16.23 21.91
CA PHE B 236 5.08 -16.13 20.49
C PHE B 236 4.18 -14.89 20.23
N ILE B 237 4.51 -14.13 19.18
CA ILE B 237 3.73 -12.95 18.76
C ILE B 237 3.36 -13.16 17.31
N ALA B 238 2.08 -13.18 17.00
CA ALA B 238 1.61 -13.31 15.62
C ALA B 238 0.74 -12.12 15.22
N ALA B 239 0.89 -11.66 13.99
CA ALA B 239 0.08 -10.54 13.51
C ALA B 239 -0.05 -10.66 12.00
N PRO B 240 -1.25 -10.39 11.46
CA PRO B 240 -1.32 -10.36 10.01
C PRO B 240 -0.28 -9.41 9.42
N TYR B 241 0.33 -9.78 8.30
CA TYR B 241 1.31 -8.90 7.64
C TYR B 241 0.65 -7.61 7.19
N GLU B 242 -0.60 -7.67 6.74
CA GLU B 242 -1.28 -6.42 6.44
C GLU B 242 -2.32 -5.90 7.42
N LYS B 243 -2.46 -4.57 7.40
CA LYS B 243 -3.25 -3.81 8.35
C LYS B 243 -4.70 -4.13 8.29
N GLU B 244 -5.16 -4.54 7.12
CA GLU B 244 -6.59 -4.73 6.88
C GLU B 244 -7.15 -6.13 7.25
N VAL B 245 -6.26 -7.10 7.50
CA VAL B 245 -6.74 -8.42 8.00
C VAL B 245 -7.11 -8.29 9.51
N PRO B 246 -8.35 -8.63 9.89
CA PRO B 246 -8.69 -8.67 11.30
C PRO B 246 -8.00 -9.83 12.02
N LEU B 247 -7.50 -9.53 13.21
CA LEU B 247 -6.83 -10.52 14.09
C LEU B 247 -7.60 -11.82 14.25
N SER B 248 -8.93 -11.76 14.23
CA SER B 248 -9.80 -12.94 14.38
C SER B 248 -9.51 -14.00 13.34
N ALA B 249 -9.00 -13.58 12.18
CA ALA B 249 -8.48 -14.50 11.14
C ALA B 249 -7.48 -15.53 11.73
N LEU B 250 -6.48 -15.04 12.49
CA LEU B 250 -5.59 -15.93 13.21
C LEU B 250 -6.31 -16.66 14.36
N THR B 251 -7.10 -15.94 15.15
CA THR B 251 -7.60 -16.53 16.40
C THR B 251 -8.51 -17.67 16.07
N ASN B 252 -9.25 -17.52 14.98
CA ASN B 252 -10.18 -18.57 14.54
C ASN B 252 -9.53 -19.94 14.25
N ILE B 253 -8.23 -19.96 14.02
CA ILE B 253 -7.58 -21.21 13.60
C ILE B 253 -6.50 -21.66 14.59
N LEU B 254 -6.33 -21.02 15.75
CA LEU B 254 -5.36 -21.52 16.75
C LEU B 254 -5.57 -22.97 17.18
N SER B 255 -4.49 -23.67 17.54
CA SER B 255 -4.61 -24.92 18.24
C SER B 255 -3.24 -25.20 18.80
N ALA B 256 -3.14 -26.20 19.68
CA ALA B 256 -1.82 -26.60 20.19
C ALA B 256 -0.90 -27.04 19.05
N GLN B 257 -1.44 -27.77 18.09
CA GLN B 257 -0.58 -28.22 16.98
C GLN B 257 -0.13 -27.04 16.10
N LEU B 258 -0.96 -26.07 15.87
CA LEU B 258 -0.50 -24.92 15.13
C LEU B 258 0.62 -24.20 15.84
N ILE B 259 0.50 -24.00 17.14
CA ILE B 259 1.52 -23.25 17.82
C ILE B 259 2.79 -24.01 17.62
N SER B 260 2.70 -25.31 17.76
CA SER B 260 3.85 -26.18 17.66
C SER B 260 4.54 -26.19 16.32
N HIS B 261 3.75 -26.16 15.26
CA HIS B 261 4.22 -26.10 13.92
C HIS B 261 4.97 -24.84 13.72
N TRP B 262 4.50 -23.76 14.31
CA TRP B 262 5.12 -22.51 14.08
C TRP B 262 6.55 -22.58 14.51
N LYS B 263 6.74 -23.16 15.67
CA LYS B 263 8.00 -23.33 16.33
C LYS B 263 8.97 -24.21 15.58
N GLY B 264 8.46 -25.27 15.03
CA GLY B 264 9.22 -26.13 14.17
C GLY B 264 9.71 -25.40 12.94
N ASN B 265 8.91 -24.52 12.40
CA ASN B 265 9.27 -23.86 11.19
C ASN B 265 10.12 -22.63 11.22
N MET B 266 10.54 -22.20 12.39
CA MET B 266 11.31 -20.96 12.54
C MET B 266 12.79 -21.02 12.23
N THR B 267 13.31 -19.98 11.60
CA THR B 267 14.78 -19.78 11.44
C THR B 267 15.16 -18.46 12.10
N ARG B 268 16.29 -18.44 12.82
CA ARG B 268 16.85 -17.18 13.35
C ARG B 268 17.25 -16.20 12.20
N LEU B 269 16.61 -15.03 12.15
CA LEU B 269 16.90 -13.99 11.17
C LEU B 269 17.20 -12.69 11.91
N PRO B 270 18.25 -11.93 11.46
CA PRO B 270 18.54 -10.62 12.05
C PRO B 270 17.41 -9.65 11.77
N ARG B 271 16.87 -9.05 12.84
CA ARG B 271 15.73 -8.15 12.74
C ARG B 271 15.75 -7.05 13.80
N LEU B 272 15.16 -5.91 13.42
CA LEU B 272 14.79 -4.83 14.34
C LEU B 272 13.34 -5.10 14.74
N LEU B 273 13.14 -5.50 15.97
CA LEU B 273 11.76 -5.76 16.47
C LEU B 273 11.35 -4.59 17.31
N VAL B 274 10.22 -3.99 16.93
CA VAL B 274 9.55 -2.96 17.74
C VAL B 274 8.25 -3.58 18.28
N LEU B 275 8.13 -3.65 19.61
CA LEU B 275 7.01 -4.33 20.27
C LEU B 275 6.42 -3.45 21.36
N PRO B 276 5.09 -3.19 21.33
CA PRO B 276 4.49 -2.44 22.46
C PRO B 276 4.69 -3.18 23.77
N LYS B 277 5.00 -2.40 24.81
CA LYS B 277 4.88 -2.86 26.20
C LYS B 277 3.39 -3.04 26.51
N PHE B 278 3.05 -3.97 27.38
CA PHE B 278 1.65 -4.05 27.78
C PHE B 278 1.49 -4.69 29.15
N SER B 279 0.43 -4.28 29.84
CA SER B 279 -0.02 -4.87 31.10
C SER B 279 -1.49 -5.12 30.89
N LEU B 280 -1.89 -6.37 31.06
CA LEU B 280 -3.26 -6.69 30.79
C LEU B 280 -3.80 -7.47 31.95
N GLU B 281 -5.10 -7.30 32.16
CA GLU B 281 -5.76 -7.94 33.28
C GLU B 281 -7.17 -8.29 32.81
N THR B 282 -7.55 -9.56 32.89
CA THR B 282 -8.87 -10.00 32.44
C THR B 282 -9.45 -10.85 33.58
N GLU B 283 -10.76 -10.72 33.78
CA GLU B 283 -11.53 -11.63 34.60
C GLU B 283 -12.68 -12.08 33.75
N VAL B 284 -12.78 -13.41 33.56
CA VAL B 284 -13.86 -13.97 32.69
C VAL B 284 -14.78 -14.88 33.50
N ASP B 285 -16.07 -14.72 33.27
CA ASP B 285 -17.05 -15.67 33.70
C ASP B 285 -16.98 -16.87 32.73
N LEU B 286 -16.63 -18.06 33.26
CA LEU B 286 -16.37 -19.19 32.35
C LEU B 286 -17.65 -19.78 31.75
N ARG B 287 -18.82 -19.38 32.27
CA ARG B 287 -20.05 -20.06 32.02
C ARG B 287 -20.40 -20.20 30.54
N LYS B 288 -20.57 -19.06 29.83
CA LYS B 288 -20.92 -19.11 28.39
C LYS B 288 -19.86 -19.81 27.51
N PRO B 289 -18.59 -19.42 27.64
CA PRO B 289 -17.56 -20.18 26.93
C PRO B 289 -17.65 -21.70 27.19
N LEU B 290 -17.80 -22.17 28.44
CA LEU B 290 -17.96 -23.63 28.66
C LEU B 290 -19.25 -24.26 28.06
N GLU B 291 -20.39 -23.59 28.21
CA GLU B 291 -21.66 -24.08 27.63
C GLU B 291 -21.51 -24.25 26.13
N ASN B 292 -20.84 -23.31 25.50
CA ASN B 292 -20.60 -23.44 24.09
C ASN B 292 -19.83 -24.70 23.71
N LEU B 293 -19.04 -25.20 24.63
CA LEU B 293 -18.31 -26.41 24.39
C LEU B 293 -19.04 -27.61 24.91
N GLY B 294 -20.36 -27.54 25.08
CA GLY B 294 -21.10 -28.74 25.54
C GLY B 294 -21.32 -28.87 27.04
N MET B 295 -20.62 -28.09 27.87
CA MET B 295 -20.81 -28.32 29.29
C MET B 295 -22.01 -27.50 29.84
N THR B 296 -23.22 -27.96 29.60
CA THR B 296 -24.35 -27.11 29.99
C THR B 296 -24.91 -27.52 31.37
N ASP B 297 -24.79 -28.79 31.76
CA ASP B 297 -25.56 -29.27 32.93
C ASP B 297 -25.01 -28.71 34.22
N MET B 298 -23.70 -28.52 34.28
CA MET B 298 -23.07 -28.12 35.51
C MET B 298 -23.57 -26.79 36.06
N PHE B 299 -24.08 -25.91 35.20
CA PHE B 299 -24.55 -24.59 35.66
C PHE B 299 -26.08 -24.60 35.95
N ARG B 300 -26.73 -25.72 35.76
CA ARG B 300 -28.14 -25.80 35.79
C ARG B 300 -28.66 -26.49 37.01
N GLN B 301 -29.51 -25.78 37.68
CA GLN B 301 -29.93 -26.11 38.98
C GLN B 301 -30.51 -27.50 39.01
N PHE B 302 -31.35 -27.93 38.10
CA PHE B 302 -31.85 -29.25 38.35
C PHE B 302 -31.37 -30.31 37.43
N GLN B 303 -30.40 -30.00 36.62
CA GLN B 303 -29.76 -30.95 35.79
C GLN B 303 -28.44 -31.40 36.33
N ALA B 304 -27.76 -30.54 37.05
CA ALA B 304 -26.36 -30.80 37.37
C ALA B 304 -26.22 -32.04 38.21
N ASP B 305 -25.24 -32.88 37.89
CA ASP B 305 -24.95 -34.07 38.69
C ASP B 305 -23.58 -33.86 39.35
N PHE B 306 -23.61 -33.55 40.62
CA PHE B 306 -22.45 -33.43 41.45
C PHE B 306 -22.47 -34.46 42.54
N THR B 307 -23.02 -35.62 42.28
CA THR B 307 -23.13 -36.68 43.28
C THR B 307 -21.87 -37.34 43.80
N SER B 308 -20.79 -37.28 43.06
CA SER B 308 -19.51 -37.70 43.54
C SER B 308 -19.07 -36.87 44.69
N LEU B 309 -19.33 -35.57 44.64
CA LEU B 309 -19.17 -34.72 45.78
C LEU B 309 -20.20 -34.85 46.91
N SER B 310 -21.46 -34.89 46.57
CA SER B 310 -22.48 -35.00 47.58
C SER B 310 -23.77 -35.44 46.96
N ASP B 311 -24.66 -36.04 47.73
CA ASP B 311 -25.93 -36.31 47.13
C ASP B 311 -27.09 -35.77 47.94
N GLN B 312 -27.11 -34.44 48.03
CA GLN B 312 -28.25 -33.69 48.55
C GLN B 312 -28.48 -32.28 47.94
N GLU B 313 -29.70 -31.83 48.10
CA GLU B 313 -30.11 -30.45 48.14
C GLU B 313 -30.16 -30.14 46.71
N PRO B 314 -29.46 -31.01 45.97
CA PRO B 314 -28.97 -30.58 44.70
C PRO B 314 -27.95 -29.44 44.73
N LEU B 315 -27.09 -29.47 43.73
CA LEU B 315 -25.91 -28.70 43.70
C LEU B 315 -25.63 -28.34 42.27
N HIS B 316 -25.13 -27.16 42.03
CA HIS B 316 -24.73 -26.72 40.74
C HIS B 316 -23.64 -25.70 40.89
N VAL B 317 -22.87 -25.44 39.87
CA VAL B 317 -21.80 -24.41 39.91
C VAL B 317 -22.44 -23.06 39.76
N ALA B 318 -22.35 -22.28 40.83
CA ALA B 318 -22.91 -20.93 40.86
C ALA B 318 -22.05 -19.90 40.07
N LEU B 319 -20.73 -20.12 40.00
CA LEU B 319 -19.80 -19.08 39.53
C LEU B 319 -18.49 -19.77 39.17
N ALA B 320 -18.05 -19.52 37.96
CA ALA B 320 -16.84 -20.11 37.48
C ALA B 320 -16.13 -18.97 36.86
N LEU B 321 -14.95 -18.68 37.45
CA LEU B 321 -14.11 -17.51 37.08
C LEU B 321 -12.59 -17.81 36.83
N GLN B 322 -12.05 -17.15 35.81
CA GLN B 322 -10.60 -17.02 35.67
C GLN B 322 -10.18 -15.56 35.71
N LYS B 323 -9.05 -15.31 36.36
CA LYS B 323 -8.45 -14.01 36.38
C LYS B 323 -6.95 -14.07 36.10
N VAL B 324 -6.53 -13.26 35.13
CA VAL B 324 -5.15 -13.23 34.67
C VAL B 324 -4.64 -11.83 34.59
N LYS B 325 -3.40 -11.70 35.03
CA LYS B 325 -2.65 -10.48 34.89
C LYS B 325 -1.34 -10.89 34.20
N ILE B 326 -1.08 -10.22 33.11
CA ILE B 326 0.18 -10.38 32.44
C ILE B 326 0.83 -9.01 32.26
N GLU B 327 2.16 -8.97 32.48
CA GLU B 327 2.98 -7.82 32.11
C GLU B 327 4.03 -8.22 31.11
N VAL B 328 4.27 -7.34 30.14
CA VAL B 328 5.38 -7.48 29.20
C VAL B 328 6.12 -6.14 29.20
N ASN B 329 7.34 -6.16 29.73
CA ASN B 329 8.21 -4.97 29.75
C ASN B 329 9.62 -5.33 29.26
N GLU B 330 10.58 -4.41 29.42
CA GLU B 330 11.89 -4.56 28.80
C GLU B 330 12.68 -5.68 29.44
N SER B 331 12.45 -5.90 30.72
CA SER B 331 13.32 -6.74 31.52
C SER B 331 12.57 -7.93 32.06
N PRO B 349 19.47 -3.60 9.37
CA PRO B 349 18.74 -4.86 9.13
C PRO B 349 17.22 -4.62 9.05
N GLU B 350 16.47 -5.56 8.48
CA GLU B 350 15.02 -5.35 8.32
C GLU B 350 14.25 -5.21 9.65
N GLU B 351 13.05 -4.62 9.52
CA GLU B 351 12.25 -4.07 10.60
C GLU B 351 10.97 -4.87 10.76
N ILE B 352 10.65 -5.28 11.98
CA ILE B 352 9.32 -5.85 12.26
C ILE B 352 8.61 -4.98 13.29
N ILE B 353 7.56 -4.30 12.83
CA ILE B 353 6.97 -3.25 13.60
C ILE B 353 5.59 -3.71 14.02
N ILE B 354 5.47 -4.13 15.28
CA ILE B 354 4.21 -4.63 15.79
C ILE B 354 3.37 -3.47 16.30
N ASP B 355 2.70 -2.81 15.36
CA ASP B 355 1.97 -1.58 15.63
C ASP B 355 0.49 -1.70 15.22
N ARG B 356 -0.04 -2.91 15.40
CA ARG B 356 -1.43 -3.21 15.09
C ARG B 356 -1.82 -4.40 15.97
N PRO B 357 -3.14 -4.74 16.03
CA PRO B 357 -3.58 -5.79 16.99
C PRO B 357 -2.89 -7.13 16.75
N PHE B 358 -2.46 -7.77 17.79
CA PHE B 358 -1.67 -8.97 17.56
C PHE B 358 -2.06 -9.95 18.60
N LEU B 359 -1.86 -11.21 18.32
CA LEU B 359 -1.96 -12.18 19.38
C LEU B 359 -0.62 -12.57 20.03
N PHE B 360 -0.68 -13.10 21.24
CA PHE B 360 0.53 -13.54 21.95
C PHE B 360 0.27 -14.87 22.62
N VAL B 361 1.29 -15.70 22.79
CA VAL B 361 1.15 -16.99 23.45
C VAL B 361 2.40 -17.27 24.26
N VAL B 362 2.25 -17.81 25.47
CA VAL B 362 3.39 -18.11 26.31
C VAL B 362 3.42 -19.63 26.42
N ARG B 363 4.45 -20.31 25.94
CA ARG B 363 4.41 -21.74 26.16
C ARG B 363 5.52 -22.23 27.02
N HIS B 364 5.28 -23.36 27.66
CA HIS B 364 6.37 -24.04 28.33
C HIS B 364 6.93 -25.06 27.36
N ASN B 365 8.11 -24.77 26.81
CA ASN B 365 8.69 -25.56 25.71
C ASN B 365 9.03 -27.04 26.05
N PRO B 366 9.66 -27.33 27.21
CA PRO B 366 9.92 -28.73 27.59
C PRO B 366 8.72 -29.65 27.53
N THR B 367 7.51 -29.12 27.79
CA THR B 367 6.28 -29.95 27.79
C THR B 367 5.27 -29.64 26.71
N GLY B 368 5.39 -28.51 26.04
CA GLY B 368 4.40 -28.11 25.03
C GLY B 368 3.20 -27.41 25.65
N THR B 369 3.26 -27.08 26.93
CA THR B 369 2.07 -26.52 27.59
C THR B 369 1.83 -25.09 27.14
N VAL B 370 0.61 -24.80 26.71
CA VAL B 370 0.24 -23.39 26.51
C VAL B 370 -0.22 -22.68 27.82
N LEU B 371 0.68 -21.90 28.45
CA LEU B 371 0.36 -21.17 29.71
C LEU B 371 -0.55 -19.98 29.49
N PHE B 372 -0.18 -19.07 28.60
CA PHE B 372 -1.05 -17.91 28.41
C PHE B 372 -1.32 -17.66 26.96
N MET B 373 -2.47 -17.09 26.67
CA MET B 373 -2.67 -16.50 25.37
C MET B 373 -3.57 -15.30 25.46
N GLY B 374 -3.47 -14.43 24.48
CA GLY B 374 -4.26 -13.26 24.50
C GLY B 374 -4.21 -12.52 23.24
N GLN B 375 -5.03 -11.51 23.15
CA GLN B 375 -5.01 -10.55 22.08
C GLN B 375 -4.82 -9.17 22.60
N VAL B 376 -3.86 -8.47 22.07
CA VAL B 376 -3.63 -7.10 22.41
C VAL B 376 -4.24 -6.27 21.29
N MET B 377 -5.38 -5.68 21.57
CA MET B 377 -6.03 -4.78 20.67
C MET B 377 -5.67 -3.33 20.93
N GLU B 378 -5.33 -3.00 22.16
CA GLU B 378 -4.86 -1.68 22.51
C GLU B 378 -3.95 -1.67 23.70
N PRO B 379 -2.72 -1.29 23.50
CA PRO B 379 -1.79 -1.24 24.62
C PRO B 379 -1.80 0.09 25.36
N PRO C 5 8.93 -0.48 -60.68
CA PRO C 5 10.20 -1.22 -60.54
C PRO C 5 10.30 -2.02 -59.21
N SER C 6 11.47 -1.95 -58.57
CA SER C 6 11.75 -2.49 -57.21
C SER C 6 11.14 -1.60 -56.08
N TYR C 7 10.48 -0.54 -56.54
CA TYR C 7 9.48 0.23 -55.82
C TYR C 7 8.56 -0.57 -54.84
N VAL C 8 7.92 -1.63 -55.32
CA VAL C 8 6.99 -2.38 -54.52
C VAL C 8 7.72 -3.15 -53.38
N ALA C 9 8.90 -3.71 -53.66
CA ALA C 9 9.68 -4.34 -52.60
C ALA C 9 9.93 -3.35 -51.44
N HIS C 10 10.21 -2.08 -51.79
CA HIS C 10 10.38 -1.00 -50.85
C HIS C 10 9.21 -0.77 -49.97
N LEU C 11 8.06 -0.51 -50.60
CA LEU C 11 6.84 -0.24 -49.78
C LEU C 11 6.49 -1.41 -48.91
N ALA C 12 6.67 -2.60 -49.47
CA ALA C 12 6.29 -3.81 -48.75
C ALA C 12 7.13 -3.91 -47.54
N SER C 13 8.45 -3.70 -47.65
CA SER C 13 9.35 -3.87 -46.46
C SER C 13 9.10 -2.86 -45.34
N ASP C 14 8.94 -1.59 -45.73
CA ASP C 14 8.64 -0.46 -44.82
C ASP C 14 7.33 -0.69 -44.08
N PHE C 15 6.27 -1.03 -44.84
CA PHE C 15 5.05 -1.45 -44.17
C PHE C 15 5.46 -2.54 -43.15
N GLY C 16 6.26 -3.52 -43.57
CA GLY C 16 6.54 -4.63 -42.66
C GLY C 16 7.40 -4.24 -41.46
N VAL C 17 8.32 -3.30 -41.68
CA VAL C 17 9.06 -2.65 -40.61
C VAL C 17 8.17 -1.92 -39.59
N ARG C 18 7.22 -1.11 -40.04
CA ARG C 18 6.27 -0.50 -39.08
C ARG C 18 5.54 -1.61 -38.27
N VAL C 19 5.10 -2.69 -38.91
CA VAL C 19 4.44 -3.75 -38.09
C VAL C 19 5.49 -4.25 -37.08
N PHE C 20 6.72 -4.47 -37.52
CA PHE C 20 7.74 -4.98 -36.58
C PHE C 20 7.94 -4.01 -35.41
N GLN C 21 7.90 -2.70 -35.69
CA GLN C 21 8.05 -1.70 -34.62
C GLN C 21 6.98 -1.87 -33.61
N GLN C 22 5.75 -2.09 -34.05
CA GLN C 22 4.66 -2.30 -33.10
C GLN C 22 4.91 -3.56 -32.26
N VAL C 23 5.32 -4.67 -32.90
CA VAL C 23 5.56 -5.85 -32.12
C VAL C 23 6.75 -5.73 -31.19
N ALA C 24 7.73 -4.88 -31.54
CA ALA C 24 8.91 -4.68 -30.65
C ALA C 24 8.51 -3.85 -29.41
N GLN C 25 7.73 -2.79 -29.66
CA GLN C 25 7.17 -1.95 -28.62
C GLN C 25 6.46 -2.79 -27.55
N ALA C 26 5.82 -3.85 -27.98
CA ALA C 26 5.04 -4.65 -27.02
C ALA C 26 5.81 -5.79 -26.36
N SER C 27 6.98 -6.17 -26.86
CA SER C 27 7.73 -7.21 -26.15
C SER C 27 9.07 -6.67 -25.74
N LYS C 28 9.03 -5.82 -24.72
CA LYS C 28 10.10 -4.88 -24.45
C LYS C 28 11.50 -5.49 -24.39
N ASP C 29 11.65 -6.56 -23.61
CA ASP C 29 12.98 -7.09 -23.42
C ASP C 29 13.03 -8.54 -23.74
N ARG C 30 12.18 -8.99 -24.65
CA ARG C 30 12.13 -10.38 -25.03
C ARG C 30 12.70 -10.54 -26.43
N ASN C 31 13.31 -11.69 -26.71
CA ASN C 31 13.71 -12.10 -28.10
C ASN C 31 12.56 -11.97 -29.06
N VAL C 32 12.78 -11.48 -30.25
CA VAL C 32 11.75 -11.41 -31.27
C VAL C 32 12.37 -11.60 -32.65
N VAL C 33 11.82 -12.50 -33.44
CA VAL C 33 12.18 -12.63 -34.86
C VAL C 33 10.93 -12.44 -35.70
N PHE C 34 11.05 -11.84 -36.87
CA PHE C 34 9.82 -11.37 -37.54
C PHE C 34 10.18 -11.27 -38.98
N SER C 35 9.17 -11.38 -39.85
CA SER C 35 9.36 -11.12 -41.26
C SER C 35 8.56 -9.93 -41.82
N PRO C 36 9.25 -8.80 -42.09
CA PRO C 36 8.56 -7.67 -42.73
C PRO C 36 8.03 -8.03 -44.10
N TYR C 37 8.74 -8.80 -44.89
CA TYR C 37 8.21 -9.21 -46.16
C TYR C 37 6.92 -10.07 -46.11
N GLY C 38 6.89 -11.04 -45.23
CA GLY C 38 5.79 -11.93 -45.05
C GLY C 38 4.48 -11.38 -44.61
N VAL C 39 4.50 -10.49 -43.63
CA VAL C 39 3.31 -9.80 -43.21
C VAL C 39 2.75 -8.91 -44.29
N ALA C 40 3.61 -8.25 -45.00
CA ALA C 40 3.21 -7.51 -46.16
C ALA C 40 2.62 -8.38 -47.28
N SER C 41 3.17 -9.56 -47.51
CA SER C 41 2.62 -10.49 -48.47
C SER C 41 1.22 -11.01 -48.14
N VAL C 42 0.95 -11.45 -46.92
CA VAL C 42 -0.39 -11.84 -46.57
C VAL C 42 -1.31 -10.68 -46.58
N LEU C 43 -0.86 -9.55 -46.13
CA LEU C 43 -1.76 -8.40 -46.09
C LEU C 43 -2.11 -7.90 -47.52
N ALA C 44 -1.20 -8.03 -48.46
CA ALA C 44 -1.45 -7.62 -49.86
C ALA C 44 -2.57 -8.53 -50.40
N MET C 45 -2.53 -9.81 -50.03
CA MET C 45 -3.58 -10.78 -50.33
C MET C 45 -4.91 -10.40 -49.68
N LEU C 46 -4.88 -10.21 -48.36
CA LEU C 46 -6.06 -9.73 -47.69
C LEU C 46 -6.68 -8.49 -48.37
N GLN C 47 -5.87 -7.65 -48.99
CA GLN C 47 -6.37 -6.41 -49.59
C GLN C 47 -7.53 -6.70 -50.54
N LEU C 48 -7.43 -7.76 -51.30
CA LEU C 48 -8.36 -7.98 -52.38
C LEU C 48 -9.75 -8.46 -51.92
N THR C 49 -9.82 -9.04 -50.71
CA THR C 49 -11.07 -9.48 -50.09
C THR C 49 -11.86 -8.33 -49.51
N THR C 50 -11.16 -7.24 -49.23
CA THR C 50 -11.73 -6.17 -48.43
C THR C 50 -12.47 -5.17 -49.28
N GLY C 51 -13.38 -4.45 -48.64
CA GLY C 51 -14.03 -3.28 -49.30
C GLY C 51 -14.22 -2.13 -48.32
N GLY C 52 -14.68 -1.00 -48.86
CA GLY C 52 -15.01 0.20 -48.08
C GLY C 52 -13.91 0.74 -47.19
N GLU C 53 -14.25 0.92 -45.93
CA GLU C 53 -13.33 1.50 -44.98
C GLU C 53 -12.26 0.53 -44.47
N THR C 54 -12.56 -0.76 -44.43
CA THR C 54 -11.55 -1.78 -44.07
C THR C 54 -10.44 -1.77 -45.14
N GLN C 55 -10.84 -1.57 -46.39
CA GLN C 55 -9.93 -1.53 -47.50
C GLN C 55 -9.02 -0.30 -47.39
N GLN C 56 -9.63 0.87 -47.24
CA GLN C 56 -8.92 2.16 -47.04
C GLN C 56 -7.97 2.10 -45.88
N GLN C 57 -8.38 1.51 -44.76
CA GLN C 57 -7.40 1.32 -43.70
C GLN C 57 -6.14 0.57 -44.12
N ILE C 58 -6.26 -0.47 -44.97
CA ILE C 58 -5.12 -1.33 -45.20
C ILE C 58 -4.30 -0.65 -46.27
N GLN C 59 -4.98 -0.04 -47.25
CA GLN C 59 -4.28 0.67 -48.31
C GLN C 59 -3.51 1.87 -47.79
N ALA C 60 -4.06 2.54 -46.79
CA ALA C 60 -3.44 3.72 -46.22
C ALA C 60 -2.21 3.27 -45.48
N ALA C 61 -2.35 2.28 -44.59
CA ALA C 61 -1.19 1.73 -43.86
C ALA C 61 -0.13 1.10 -44.79
N MET C 62 -0.58 0.49 -45.90
CA MET C 62 0.35 -0.20 -46.77
C MET C 62 1.05 0.75 -47.76
N GLY C 63 0.41 1.84 -48.12
CA GLY C 63 1.02 2.72 -49.11
C GLY C 63 0.86 2.32 -50.57
N PHE C 64 0.17 1.22 -50.86
CA PHE C 64 -0.20 0.85 -52.24
C PHE C 64 -1.48 0.07 -52.26
N LYS C 65 -2.15 0.08 -53.41
CA LYS C 65 -3.32 -0.74 -53.71
C LYS C 65 -2.85 -1.89 -54.58
N ILE C 66 -3.18 -3.12 -54.18
CA ILE C 66 -2.69 -4.34 -54.86
C ILE C 66 -3.28 -4.39 -56.26
N ASP C 67 -4.42 -3.72 -56.40
CA ASP C 67 -5.19 -3.69 -57.63
C ASP C 67 -4.52 -2.82 -58.67
N ASP C 68 -3.68 -1.88 -58.22
CA ASP C 68 -3.06 -0.96 -59.19
C ASP C 68 -2.05 -1.65 -60.08
N LYS C 69 -1.84 -1.05 -61.25
CA LYS C 69 -0.93 -1.59 -62.26
C LYS C 69 0.45 -1.95 -61.71
N GLY C 70 0.92 -3.14 -62.08
CA GLY C 70 2.30 -3.53 -61.83
C GLY C 70 2.57 -3.94 -60.40
N MET C 71 1.61 -3.70 -59.51
CA MET C 71 1.77 -4.04 -58.10
C MET C 71 1.85 -5.57 -57.82
N ALA C 72 0.79 -6.31 -58.12
CA ALA C 72 0.78 -7.77 -57.94
C ALA C 72 1.82 -8.57 -58.75
N PRO C 73 2.06 -8.17 -59.98
CA PRO C 73 3.10 -8.83 -60.76
C PRO C 73 4.50 -8.64 -60.18
N ALA C 74 4.77 -7.47 -59.66
CA ALA C 74 6.00 -7.25 -58.99
C ALA C 74 6.13 -8.13 -57.76
N LEU C 75 5.07 -8.27 -56.99
CA LEU C 75 5.05 -9.17 -55.88
C LEU C 75 5.20 -10.63 -56.31
N ARG C 76 4.57 -11.05 -57.39
CA ARG C 76 4.74 -12.40 -57.86
C ARG C 76 6.20 -12.62 -58.23
N HIS C 77 6.80 -11.68 -58.93
CA HIS C 77 8.15 -11.75 -59.32
C HIS C 77 9.00 -11.83 -58.10
N LEU C 78 8.68 -11.08 -57.08
CA LEU C 78 9.54 -11.11 -55.95
C LEU C 78 9.61 -12.53 -55.36
N TYR C 79 8.47 -13.18 -55.17
CA TYR C 79 8.36 -14.49 -54.59
C TYR C 79 9.08 -15.57 -55.38
N LYS C 80 8.96 -15.51 -56.68
CA LYS C 80 9.64 -16.43 -57.53
C LYS C 80 11.11 -16.32 -57.35
N GLU C 81 11.61 -15.12 -57.22
CA GLU C 81 12.99 -14.89 -57.02
C GLU C 81 13.48 -15.48 -55.74
N LEU C 82 12.70 -15.29 -54.69
CA LEU C 82 12.96 -15.81 -53.39
C LEU C 82 12.97 -17.32 -53.40
N MET C 83 12.17 -17.94 -54.26
CA MET C 83 12.11 -19.40 -54.28
C MET C 83 13.03 -20.01 -55.36
N GLY C 84 13.75 -19.12 -56.05
CA GLY C 84 14.78 -19.44 -57.07
C GLY C 84 15.79 -20.50 -56.63
N PRO C 85 16.66 -20.94 -57.56
CA PRO C 85 17.57 -22.07 -57.29
C PRO C 85 18.84 -21.73 -56.49
N TRP C 86 19.16 -20.46 -56.31
CA TRP C 86 20.19 -20.02 -55.34
C TRP C 86 19.83 -20.46 -53.92
N ASN C 87 18.53 -20.57 -53.64
CA ASN C 87 17.98 -20.89 -52.33
C ASN C 87 18.09 -22.40 -51.98
N LYS C 88 19.08 -22.74 -51.15
CA LYS C 88 19.33 -24.15 -50.89
C LYS C 88 18.59 -24.60 -49.62
N ASP C 89 17.26 -24.48 -49.69
CA ASP C 89 16.34 -24.68 -48.57
C ASP C 89 16.73 -23.74 -47.41
N GLU C 90 17.20 -22.55 -47.76
CA GLU C 90 17.58 -21.60 -46.79
C GLU C 90 16.35 -20.81 -46.29
N ILE C 91 15.40 -20.56 -47.17
CA ILE C 91 14.17 -19.94 -46.76
C ILE C 91 12.93 -20.65 -47.29
N SER C 92 11.99 -20.93 -46.37
CA SER C 92 10.62 -21.26 -46.81
C SER C 92 9.60 -20.24 -46.33
N THR C 93 8.60 -19.94 -47.16
CA THR C 93 7.57 -18.98 -46.79
C THR C 93 6.27 -19.53 -47.26
N THR C 94 5.21 -19.14 -46.58
CA THR C 94 3.88 -19.44 -47.03
C THR C 94 2.90 -18.43 -46.42
N ASP C 95 1.88 -18.07 -47.18
CA ASP C 95 0.79 -17.19 -46.76
C ASP C 95 -0.41 -18.04 -47.07
N ALA C 96 -1.55 -17.82 -46.39
CA ALA C 96 -2.78 -18.40 -46.82
C ALA C 96 -3.93 -17.76 -46.11
N ILE C 97 -5.07 -17.70 -46.79
CA ILE C 97 -6.26 -17.14 -46.24
C ILE C 97 -7.25 -18.29 -46.26
N PHE C 98 -7.84 -18.55 -45.11
CA PHE C 98 -8.91 -19.53 -44.95
C PHE C 98 -10.24 -18.85 -44.67
N VAL C 99 -11.25 -19.29 -45.39
CA VAL C 99 -12.60 -18.79 -45.21
C VAL C 99 -13.52 -20.01 -45.04
N GLN C 100 -14.55 -19.85 -44.21
CA GLN C 100 -15.64 -20.82 -44.09
C GLN C 100 -16.19 -21.24 -45.47
N ARG C 101 -16.26 -22.55 -45.70
CA ARG C 101 -16.67 -23.21 -46.97
C ARG C 101 -18.10 -22.95 -47.44
N ASP C 102 -19.04 -23.02 -46.52
CA ASP C 102 -20.45 -22.73 -46.84
C ASP C 102 -20.67 -21.57 -47.85
N LEU C 103 -19.86 -20.53 -47.67
CA LEU C 103 -20.19 -19.12 -47.95
C LEU C 103 -20.38 -18.69 -49.36
N LYS C 104 -21.46 -17.97 -49.61
CA LYS C 104 -21.68 -17.38 -50.93
C LYS C 104 -20.64 -16.29 -51.25
N LEU C 105 -19.66 -16.67 -52.06
CA LEU C 105 -18.56 -15.81 -52.47
C LEU C 105 -19.01 -14.92 -53.62
N VAL C 106 -18.47 -13.70 -53.73
CA VAL C 106 -18.74 -12.88 -54.94
C VAL C 106 -18.26 -13.64 -56.17
N GLN C 107 -19.14 -13.77 -57.15
CA GLN C 107 -18.80 -14.31 -58.49
C GLN C 107 -17.52 -13.68 -59.07
N GLY C 108 -16.65 -14.52 -59.60
CA GLY C 108 -15.48 -13.99 -60.28
C GLY C 108 -14.35 -13.61 -59.32
N PHE C 109 -14.62 -13.56 -58.02
CA PHE C 109 -13.52 -13.26 -57.05
C PHE C 109 -12.38 -14.30 -56.98
N MET C 110 -12.70 -15.61 -56.96
CA MET C 110 -11.67 -16.64 -56.75
C MET C 110 -10.71 -16.66 -57.92
N PRO C 111 -11.23 -16.57 -59.15
CA PRO C 111 -10.29 -16.50 -60.26
C PRO C 111 -9.47 -15.20 -60.34
N HIS C 112 -10.05 -14.07 -59.92
CA HIS C 112 -9.29 -12.83 -59.91
C HIS C 112 -8.22 -12.95 -58.84
N PHE C 113 -8.58 -13.48 -57.69
CA PHE C 113 -7.54 -13.75 -56.68
C PHE C 113 -6.41 -14.60 -57.22
N PHE C 114 -6.77 -15.65 -57.97
CA PHE C 114 -5.77 -16.55 -58.58
C PHE C 114 -4.90 -15.84 -59.63
N ARG C 115 -5.53 -15.06 -60.50
CA ARG C 115 -4.81 -14.24 -61.47
C ARG C 115 -3.75 -13.37 -60.76
N LEU C 116 -4.15 -12.62 -59.74
CA LEU C 116 -3.14 -11.73 -59.05
C LEU C 116 -2.02 -12.48 -58.31
N PHE C 117 -2.37 -13.58 -57.67
CA PHE C 117 -1.44 -14.20 -56.76
C PHE C 117 -0.98 -15.62 -57.12
N ARG C 118 -1.64 -16.28 -58.07
CA ARG C 118 -1.33 -17.67 -58.44
C ARG C 118 -1.48 -18.61 -57.26
N SER C 119 -2.29 -18.25 -56.26
CA SER C 119 -2.88 -19.26 -55.42
C SER C 119 -4.33 -18.91 -55.13
N THR C 120 -4.93 -19.69 -54.22
CA THR C 120 -6.35 -19.65 -53.96
C THR C 120 -6.61 -19.36 -52.47
N VAL C 121 -7.77 -18.81 -52.18
CA VAL C 121 -8.23 -18.72 -50.82
C VAL C 121 -8.76 -20.11 -50.50
N LYS C 122 -8.35 -20.66 -49.35
CA LYS C 122 -8.76 -22.00 -48.94
C LYS C 122 -10.09 -21.94 -48.23
N GLN C 123 -10.94 -22.88 -48.54
CA GLN C 123 -12.24 -23.03 -47.92
C GLN C 123 -12.21 -24.19 -46.96
N VAL C 124 -12.59 -23.94 -45.72
CA VAL C 124 -12.65 -25.06 -44.81
C VAL C 124 -13.98 -24.95 -44.12
N ASP C 125 -14.41 -26.06 -43.52
CA ASP C 125 -15.63 -26.06 -42.74
C ASP C 125 -15.23 -25.82 -41.30
N PHE C 126 -15.47 -24.60 -40.82
CA PHE C 126 -15.02 -24.26 -39.48
C PHE C 126 -15.84 -24.88 -38.32
N SER C 127 -17.00 -25.45 -38.64
CA SER C 127 -17.80 -26.09 -37.59
C SER C 127 -17.33 -27.49 -37.20
N GLU C 128 -16.38 -28.05 -37.97
CA GLU C 128 -15.58 -29.19 -37.55
C GLU C 128 -14.28 -28.56 -37.07
N VAL C 129 -14.40 -27.87 -35.95
CA VAL C 129 -13.31 -27.25 -35.23
C VAL C 129 -11.99 -28.03 -35.26
N GLU C 130 -12.01 -29.24 -34.74
CA GLU C 130 -10.80 -30.03 -34.56
C GLU C 130 -10.13 -30.21 -35.91
N ARG C 131 -10.90 -30.62 -36.91
CA ARG C 131 -10.44 -30.75 -38.32
C ARG C 131 -10.03 -29.45 -39.08
N ALA C 132 -10.61 -28.31 -38.71
CA ALA C 132 -10.25 -27.06 -39.34
C ALA C 132 -8.82 -26.69 -38.86
N ARG C 133 -8.53 -27.00 -37.59
CA ARG C 133 -7.25 -26.67 -36.95
C ARG C 133 -6.13 -27.49 -37.54
N PHE C 134 -6.44 -28.76 -37.77
CA PHE C 134 -5.55 -29.67 -38.52
C PHE C 134 -5.22 -29.19 -39.93
N ILE C 135 -6.22 -28.78 -40.70
CA ILE C 135 -5.97 -28.33 -42.08
C ILE C 135 -5.00 -27.14 -42.14
N ILE C 136 -5.23 -26.15 -41.27
CA ILE C 136 -4.35 -24.98 -41.16
C ILE C 136 -2.92 -25.36 -40.72
N ASN C 137 -2.78 -26.08 -39.62
CA ASN C 137 -1.48 -26.50 -39.24
C ASN C 137 -0.79 -27.38 -40.29
N ASP C 138 -1.54 -28.25 -40.93
CA ASP C 138 -1.01 -29.07 -42.00
C ASP C 138 -0.55 -28.26 -43.17
N TRP C 139 -1.26 -27.21 -43.48
CA TRP C 139 -0.91 -26.38 -44.57
C TRP C 139 0.43 -25.77 -44.31
N VAL C 140 0.65 -25.28 -43.10
CA VAL C 140 1.91 -24.69 -42.80
C VAL C 140 3.05 -25.70 -42.90
N LYS C 141 2.83 -26.89 -42.40
CA LYS C 141 3.85 -27.89 -42.38
C LYS C 141 4.31 -28.36 -43.74
N THR C 142 3.38 -28.57 -44.62
CA THR C 142 3.68 -28.94 -45.95
C THR C 142 4.43 -27.82 -46.69
N HIS C 143 4.07 -26.58 -46.44
CA HIS C 143 4.68 -25.48 -47.22
C HIS C 143 5.91 -24.91 -46.62
N THR C 144 6.38 -25.51 -45.52
CA THR C 144 7.64 -25.05 -44.97
C THR C 144 8.60 -26.20 -44.77
N LYS C 145 8.43 -27.25 -45.59
CA LYS C 145 9.26 -28.44 -45.51
C LYS C 145 9.32 -28.99 -44.08
N GLY C 146 8.16 -28.96 -43.42
CA GLY C 146 7.97 -29.50 -42.09
C GLY C 146 8.65 -28.70 -41.01
N MET C 147 9.25 -27.56 -41.38
CA MET C 147 10.06 -26.80 -40.38
C MET C 147 9.16 -26.05 -39.41
N ILE C 148 7.97 -25.66 -39.89
CA ILE C 148 6.93 -25.13 -38.99
C ILE C 148 5.69 -25.98 -39.09
N SER C 149 5.25 -26.58 -37.99
CA SER C 149 4.07 -27.46 -38.07
C SER C 149 2.85 -27.07 -37.18
N HIS C 150 2.98 -26.02 -36.36
CA HIS C 150 1.98 -25.76 -35.34
C HIS C 150 1.87 -24.30 -35.03
N LEU C 151 0.66 -23.79 -35.00
CA LEU C 151 0.43 -22.43 -34.56
C LEU C 151 -0.41 -22.47 -33.29
N LEU C 152 0.08 -21.82 -32.23
CA LEU C 152 -0.56 -21.78 -30.95
C LEU C 152 -1.90 -21.13 -31.10
N GLY C 153 -1.92 -20.03 -31.86
CA GLY C 153 -3.11 -19.22 -32.00
C GLY C 153 -4.26 -19.93 -32.69
N THR C 154 -4.02 -21.07 -33.33
CA THR C 154 -5.12 -21.82 -33.92
C THR C 154 -6.01 -22.46 -32.84
N GLY C 155 -5.54 -22.49 -31.60
CA GLY C 155 -6.36 -22.90 -30.46
C GLY C 155 -7.61 -22.04 -30.33
N ALA C 156 -7.59 -20.82 -30.88
CA ALA C 156 -8.74 -19.89 -30.93
C ALA C 156 -9.82 -20.15 -31.99
N VAL C 157 -9.53 -21.03 -32.96
CA VAL C 157 -10.50 -21.35 -34.00
C VAL C 157 -11.72 -22.02 -33.35
N GLN C 158 -12.90 -21.44 -33.54
CA GLN C 158 -14.15 -22.09 -33.08
C GLN C 158 -15.22 -22.22 -34.17
N GLN C 159 -16.37 -22.76 -33.76
CA GLN C 159 -17.52 -22.99 -34.64
C GLN C 159 -17.99 -21.71 -35.32
N LEU C 160 -17.68 -20.57 -34.71
CA LEU C 160 -18.15 -19.29 -35.20
C LEU C 160 -17.12 -18.63 -36.11
N THR C 161 -15.90 -19.18 -36.16
CA THR C 161 -14.79 -18.65 -36.96
C THR C 161 -15.13 -18.70 -38.43
N ARG C 162 -14.98 -17.54 -39.09
CA ARG C 162 -15.31 -17.46 -40.51
C ARG C 162 -14.14 -17.09 -41.44
N LEU C 163 -13.09 -16.44 -40.91
CA LEU C 163 -11.96 -15.96 -41.70
C LEU C 163 -10.65 -15.96 -40.86
N VAL C 164 -9.61 -16.56 -41.43
CA VAL C 164 -8.30 -16.74 -40.80
C VAL C 164 -7.21 -16.49 -41.83
N LEU C 165 -6.17 -15.78 -41.41
CA LEU C 165 -4.99 -15.66 -42.24
C LEU C 165 -3.73 -16.00 -41.47
N VAL C 166 -2.78 -16.56 -42.19
CA VAL C 166 -1.59 -17.15 -41.67
C VAL C 166 -0.35 -16.89 -42.53
N ASN C 167 0.80 -16.73 -41.93
CA ASN C 167 2.02 -16.53 -42.64
C ASN C 167 3.14 -17.19 -41.85
N ALA C 168 3.95 -17.98 -42.48
CA ALA C 168 5.01 -18.62 -41.76
C ALA C 168 6.27 -18.76 -42.55
N LEU C 169 7.39 -18.54 -41.91
CA LEU C 169 8.66 -18.73 -42.58
C LEU C 169 9.75 -19.30 -41.70
N TYR C 170 10.69 -19.94 -42.34
CA TYR C 170 11.85 -20.45 -41.76
C TYR C 170 13.02 -19.98 -42.56
N PHE C 171 14.09 -19.62 -41.90
CA PHE C 171 15.32 -19.21 -42.52
C PHE C 171 16.53 -19.75 -41.80
N ASN C 172 17.47 -20.28 -42.55
CA ASN C 172 18.78 -20.66 -42.09
C ASN C 172 19.73 -20.53 -43.26
N GLY C 173 20.64 -19.59 -43.23
CA GLY C 173 21.36 -19.21 -44.42
C GLY C 173 22.74 -19.81 -44.48
N GLN C 174 23.21 -20.12 -45.69
CA GLN C 174 24.61 -20.56 -45.80
C GLN C 174 25.54 -19.34 -46.03
N TRP C 175 26.48 -19.09 -45.10
CA TRP C 175 27.40 -17.93 -45.23
C TRP C 175 28.27 -17.97 -46.44
N LYS C 176 28.48 -16.80 -47.06
CA LYS C 176 29.57 -16.71 -48.01
C LYS C 176 30.86 -17.38 -47.53
N THR C 177 31.30 -17.03 -46.32
CA THR C 177 32.40 -17.61 -45.65
C THR C 177 31.98 -18.11 -44.29
N PRO C 178 31.85 -19.44 -44.14
CA PRO C 178 31.52 -20.16 -42.92
C PRO C 178 32.40 -19.73 -41.77
N PHE C 179 31.81 -19.67 -40.58
CA PHE C 179 32.60 -19.50 -39.37
C PHE C 179 33.26 -20.87 -39.08
N PRO C 180 34.57 -20.87 -38.78
CA PRO C 180 35.20 -22.17 -38.59
C PRO C 180 34.60 -22.83 -37.36
N ASP C 181 34.23 -24.10 -37.46
CA ASP C 181 33.69 -24.79 -36.26
C ASP C 181 34.57 -24.79 -35.00
N SER C 182 35.90 -24.80 -35.16
CA SER C 182 36.79 -24.93 -34.01
C SER C 182 36.84 -23.64 -33.21
N SER C 183 36.41 -22.52 -33.81
CA SER C 183 36.45 -21.24 -33.12
C SER C 183 35.25 -21.01 -32.27
N THR C 184 34.23 -21.88 -32.36
CA THR C 184 33.05 -21.69 -31.54
C THR C 184 33.37 -21.97 -30.08
N HIS C 185 32.95 -21.09 -29.17
CA HIS C 185 33.35 -21.22 -27.76
C HIS C 185 32.30 -20.58 -26.94
N ARG C 186 32.20 -20.98 -25.67
CA ARG C 186 31.30 -20.32 -24.72
C ARG C 186 31.86 -18.94 -24.31
N ARG C 187 31.01 -17.92 -24.26
CA ARG C 187 31.44 -16.56 -23.86
C ARG C 187 30.33 -15.89 -23.02
N LEU C 188 30.69 -14.81 -22.30
CA LEU C 188 29.74 -14.05 -21.49
C LEU C 188 28.89 -13.11 -22.32
N PHE C 189 27.60 -13.16 -22.06
CA PHE C 189 26.67 -12.29 -22.77
C PHE C 189 25.91 -11.42 -21.77
N HIS C 190 25.92 -10.10 -22.03
CA HIS C 190 25.28 -9.10 -21.15
C HIS C 190 23.84 -8.83 -21.48
N LYS C 191 22.92 -9.37 -20.67
CA LYS C 191 21.47 -9.09 -20.78
C LYS C 191 21.09 -7.66 -20.39
N SER C 192 19.89 -7.20 -20.76
CA SER C 192 19.56 -5.79 -20.57
C SER C 192 19.27 -5.44 -19.08
N ASP C 193 18.70 -6.38 -18.33
CA ASP C 193 18.51 -6.20 -16.88
C ASP C 193 19.82 -6.25 -16.08
N GLY C 194 20.95 -6.29 -16.78
CA GLY C 194 22.25 -6.22 -16.14
C GLY C 194 22.80 -7.57 -15.67
N SER C 195 21.98 -8.63 -15.62
CA SER C 195 22.54 -9.96 -15.31
C SER C 195 23.29 -10.49 -16.55
N THR C 196 23.96 -11.64 -16.40
CA THR C 196 24.78 -12.20 -17.50
C THR C 196 24.61 -13.68 -17.61
N VAL C 197 24.77 -14.17 -18.84
CA VAL C 197 24.59 -15.58 -19.17
C VAL C 197 25.73 -16.01 -20.09
N SER C 198 25.98 -17.31 -20.13
CA SER C 198 27.14 -17.83 -20.85
C SER C 198 26.60 -18.52 -22.08
N VAL C 199 27.25 -18.31 -23.21
CA VAL C 199 26.59 -18.61 -24.48
C VAL C 199 27.61 -18.91 -25.56
N PRO C 200 27.27 -19.84 -26.48
CA PRO C 200 28.22 -20.20 -27.52
C PRO C 200 28.32 -19.09 -28.59
N MET C 201 29.57 -18.74 -28.93
CA MET C 201 29.80 -17.69 -29.86
C MET C 201 30.71 -18.21 -30.92
N MET C 202 30.34 -17.93 -32.17
CA MET C 202 31.13 -18.18 -33.34
C MET C 202 32.18 -17.07 -33.42
N ALA C 203 33.29 -17.27 -34.14
CA ALA C 203 34.30 -16.27 -34.33
C ALA C 203 34.91 -16.42 -35.70
N GLN C 204 35.07 -15.31 -36.39
CA GLN C 204 35.70 -15.28 -37.66
C GLN C 204 36.44 -13.99 -37.82
N THR C 205 37.54 -14.05 -38.53
CA THR C 205 38.27 -12.87 -38.89
C THR C 205 38.41 -12.76 -40.37
N ASN C 206 37.97 -11.62 -40.88
CA ASN C 206 38.26 -11.09 -42.20
C ASN C 206 37.87 -9.68 -42.37
N LYS C 207 37.80 -9.27 -43.62
CA LYS C 207 37.40 -7.94 -43.94
C LYS C 207 35.88 -7.83 -44.01
N PHE C 208 35.28 -7.16 -43.03
CA PHE C 208 33.85 -7.02 -43.00
C PHE C 208 33.47 -5.60 -43.34
N ASN C 209 32.50 -5.46 -44.21
CA ASN C 209 31.84 -4.21 -44.49
C ASN C 209 31.22 -3.60 -43.22
N TYR C 210 31.79 -2.45 -42.79
CA TYR C 210 31.51 -1.85 -41.49
C TYR C 210 31.25 -0.34 -41.54
N THR C 211 30.38 0.15 -40.66
CA THR C 211 30.32 1.56 -40.39
C THR C 211 29.72 1.81 -39.02
N GLU C 212 30.11 2.94 -38.44
CA GLU C 212 29.52 3.42 -37.22
C GLU C 212 28.26 4.14 -37.65
N PHE C 213 27.19 4.01 -36.89
CA PHE C 213 25.99 4.78 -37.10
C PHE C 213 25.45 5.50 -35.88
N THR C 214 25.06 6.74 -36.09
CA THR C 214 24.37 7.54 -35.10
C THR C 214 22.94 7.87 -35.56
N THR C 215 21.97 7.70 -34.70
CA THR C 215 20.64 8.19 -34.91
C THR C 215 20.56 9.70 -34.78
N PRO C 216 19.55 10.30 -35.36
CA PRO C 216 19.41 11.75 -35.30
C PRO C 216 19.31 12.17 -33.86
N ASP C 217 18.87 11.28 -33.00
CA ASP C 217 18.85 11.54 -31.59
C ASP C 217 20.11 11.19 -30.81
N GLY C 218 21.20 10.93 -31.49
CA GLY C 218 22.43 10.76 -30.79
C GLY C 218 22.74 9.41 -30.21
N HIS C 219 22.11 8.36 -30.67
CA HIS C 219 22.43 7.04 -30.21
C HIS C 219 23.41 6.34 -31.11
N TYR C 220 24.46 5.72 -30.58
CA TYR C 220 25.50 5.04 -31.38
C TYR C 220 25.44 3.52 -31.51
N TYR C 221 25.71 2.99 -32.70
CA TYR C 221 25.64 1.51 -32.97
C TYR C 221 26.77 1.18 -33.91
N ASP C 222 27.43 0.05 -33.65
CA ASP C 222 28.22 -0.64 -34.63
C ASP C 222 27.32 -1.30 -35.63
N ILE C 223 27.60 -1.09 -36.93
CA ILE C 223 26.84 -1.80 -37.98
C ILE C 223 27.71 -2.67 -38.83
N LEU C 224 27.39 -3.95 -38.94
CA LEU C 224 28.19 -4.90 -39.70
C LEU C 224 27.33 -5.55 -40.74
N GLU C 225 27.90 -5.81 -41.92
CA GLU C 225 27.25 -6.60 -42.96
C GLU C 225 27.91 -7.96 -43.10
N LEU C 226 27.11 -9.01 -43.09
CA LEU C 226 27.58 -10.37 -43.25
C LEU C 226 26.92 -11.02 -44.47
N PRO C 227 27.68 -11.30 -45.53
CA PRO C 227 27.06 -11.75 -46.80
C PRO C 227 26.80 -13.27 -46.78
N TYR C 228 25.66 -13.69 -47.24
CA TYR C 228 25.38 -15.07 -47.46
C TYR C 228 25.97 -15.46 -48.80
N HIS C 229 26.04 -16.73 -49.07
CA HIS C 229 26.67 -17.22 -50.26
C HIS C 229 26.10 -16.61 -51.48
N GLY C 230 26.98 -16.20 -52.35
CA GLY C 230 26.65 -15.68 -53.65
C GLY C 230 26.20 -14.25 -53.61
N ASP C 231 26.14 -13.74 -52.41
CA ASP C 231 25.81 -12.38 -52.15
C ASP C 231 24.37 -12.03 -52.39
N THR C 232 23.52 -13.04 -52.50
CA THR C 232 22.07 -12.89 -52.74
C THR C 232 21.36 -12.27 -51.53
N LEU C 233 21.70 -12.77 -50.36
CA LEU C 233 21.28 -12.21 -49.09
C LEU C 233 22.48 -11.70 -48.28
N SER C 234 22.19 -10.86 -47.29
CA SER C 234 23.18 -10.39 -46.32
C SER C 234 22.38 -10.23 -45.05
N MET C 235 23.02 -10.50 -43.91
CA MET C 235 22.56 -10.03 -42.62
C MET C 235 23.36 -8.80 -42.21
N PHE C 236 22.63 -7.86 -41.65
CA PHE C 236 23.13 -6.69 -41.06
C PHE C 236 22.85 -6.84 -39.59
N ILE C 237 23.88 -6.57 -38.80
CA ILE C 237 23.82 -6.69 -37.38
C ILE C 237 24.05 -5.27 -36.90
N ALA C 238 23.19 -4.82 -35.97
CA ALA C 238 23.31 -3.53 -35.37
C ALA C 238 23.36 -3.65 -33.86
N ALA C 239 24.52 -3.35 -33.32
CA ALA C 239 24.79 -3.51 -31.89
C ALA C 239 25.20 -2.20 -31.29
N PRO C 240 24.59 -1.75 -30.18
CA PRO C 240 25.05 -0.59 -29.44
C PRO C 240 26.51 -0.74 -29.03
N TYR C 241 27.32 0.32 -29.08
CA TYR C 241 28.73 0.13 -28.63
C TYR C 241 28.96 0.32 -27.12
N GLU C 242 27.97 0.88 -26.42
CA GLU C 242 28.00 0.96 -24.96
C GLU C 242 26.79 0.29 -24.29
N LYS C 243 26.88 0.08 -22.98
CA LYS C 243 25.89 -0.68 -22.18
C LYS C 243 24.47 -0.09 -22.00
N GLU C 244 24.28 1.20 -22.13
CA GLU C 244 22.94 1.72 -21.80
C GLU C 244 22.10 2.08 -23.02
N VAL C 245 22.61 1.79 -24.20
CA VAL C 245 21.94 2.19 -25.39
C VAL C 245 20.80 1.23 -25.68
N PRO C 246 19.58 1.71 -25.75
CA PRO C 246 18.45 0.90 -26.18
C PRO C 246 18.43 0.59 -27.67
N LEU C 247 17.92 -0.57 -28.03
CA LEU C 247 17.69 -0.99 -29.38
C LEU C 247 16.64 -0.13 -30.06
N SER C 248 15.72 0.34 -29.24
CA SER C 248 14.52 1.04 -29.64
C SER C 248 14.77 2.29 -30.40
N ALA C 249 15.84 2.98 -30.06
CA ALA C 249 16.20 4.18 -30.76
C ALA C 249 16.48 3.92 -32.24
N LEU C 250 17.22 2.92 -32.58
CA LEU C 250 17.23 2.53 -33.98
C LEU C 250 16.06 1.86 -34.65
N THR C 251 15.41 0.96 -33.95
CA THR C 251 14.29 0.20 -34.49
C THR C 251 13.15 1.11 -34.84
N ASN C 252 12.96 2.11 -34.04
CA ASN C 252 11.97 3.12 -34.24
C ASN C 252 12.13 3.99 -35.49
N ILE C 253 13.33 4.11 -36.02
CA ILE C 253 13.49 4.74 -37.32
C ILE C 253 13.82 3.81 -38.47
N LEU C 254 13.74 2.51 -38.29
CA LEU C 254 14.23 1.59 -39.32
C LEU C 254 13.36 1.71 -40.63
N SER C 255 13.98 1.62 -41.81
CA SER C 255 13.29 1.57 -43.07
C SER C 255 14.30 0.91 -44.04
N ALA C 256 13.88 0.65 -45.30
CA ALA C 256 14.78 0.10 -46.33
C ALA C 256 15.83 1.12 -46.73
N GLN C 257 15.38 2.37 -46.77
CA GLN C 257 16.22 3.48 -47.08
C GLN C 257 17.31 3.63 -45.99
N LEU C 258 17.01 3.37 -44.75
CA LEU C 258 18.03 3.41 -43.76
C LEU C 258 19.14 2.39 -44.02
N ILE C 259 18.78 1.22 -44.46
CA ILE C 259 19.74 0.17 -44.66
C ILE C 259 20.72 0.50 -45.77
N SER C 260 20.15 1.06 -46.79
CA SER C 260 20.87 1.51 -47.93
C SER C 260 21.76 2.72 -47.64
N HIS C 261 21.35 3.52 -46.69
CA HIS C 261 22.22 4.49 -46.07
C HIS C 261 23.37 3.84 -45.34
N TRP C 262 23.18 2.72 -44.66
CA TRP C 262 24.27 2.04 -44.03
C TRP C 262 25.30 1.58 -45.01
N LYS C 263 24.82 1.02 -46.10
CA LYS C 263 25.59 0.40 -47.15
C LYS C 263 26.50 1.40 -47.84
N GLY C 264 25.98 2.59 -48.00
CA GLY C 264 26.62 3.75 -48.55
C GLY C 264 27.81 4.28 -47.80
N ASN C 265 27.75 4.22 -46.49
CA ASN C 265 28.84 4.58 -45.68
C ASN C 265 29.80 3.52 -45.25
N MET C 266 29.61 2.28 -45.64
CA MET C 266 30.45 1.17 -45.11
C MET C 266 31.75 1.01 -45.91
N THR C 267 32.75 0.48 -45.22
CA THR C 267 34.03 0.16 -45.81
C THR C 267 34.38 -1.19 -45.22
N ARG C 268 35.11 -1.96 -46.02
CA ARG C 268 35.57 -3.28 -45.67
C ARG C 268 36.87 -3.09 -44.88
N LEU C 269 36.94 -3.70 -43.70
CA LEU C 269 38.02 -3.49 -42.77
C LEU C 269 38.35 -4.85 -42.14
N PRO C 270 39.63 -5.13 -41.84
CA PRO C 270 39.98 -6.42 -41.20
C PRO C 270 39.63 -6.46 -39.75
N ARG C 271 38.73 -7.37 -39.34
CA ARG C 271 38.32 -7.45 -37.93
C ARG C 271 38.17 -8.87 -37.48
N LEU C 272 38.27 -9.10 -36.19
CA LEU C 272 37.84 -10.32 -35.62
C LEU C 272 36.39 -10.07 -35.30
N LEU C 273 35.50 -10.94 -35.75
CA LEU C 273 34.11 -10.87 -35.33
C LEU C 273 33.71 -12.02 -34.43
N VAL C 274 33.13 -11.69 -33.27
CA VAL C 274 32.58 -12.66 -32.36
C VAL C 274 31.07 -12.44 -32.26
N LEU C 275 30.29 -13.44 -32.67
CA LEU C 275 28.82 -13.35 -32.79
C LEU C 275 28.15 -14.56 -32.15
N PRO C 276 27.14 -14.36 -31.28
CA PRO C 276 26.50 -15.56 -30.70
C PRO C 276 25.74 -16.35 -31.78
N LYS C 277 25.77 -17.67 -31.68
CA LYS C 277 24.81 -18.51 -32.42
C LYS C 277 23.42 -18.21 -31.91
N PHE C 278 22.40 -18.43 -32.73
CA PHE C 278 21.07 -18.39 -32.18
C PHE C 278 20.07 -19.08 -33.09
N SER C 279 19.12 -19.76 -32.46
CA SER C 279 18.01 -20.40 -33.19
C SER C 279 16.78 -19.92 -32.47
N LEU C 280 15.99 -19.07 -33.13
CA LEU C 280 14.88 -18.43 -32.45
C LEU C 280 13.60 -18.61 -33.17
N GLU C 281 12.54 -18.73 -32.40
CA GLU C 281 11.22 -18.85 -32.95
C GLU C 281 10.23 -17.87 -32.25
N THR C 282 9.39 -17.23 -33.06
CA THR C 282 8.41 -16.32 -32.52
C THR C 282 7.11 -16.51 -33.25
N GLU C 283 6.03 -16.54 -32.52
CA GLU C 283 4.74 -16.42 -33.09
C GLU C 283 4.07 -15.09 -32.76
N VAL C 284 3.66 -14.40 -33.79
CA VAL C 284 2.94 -13.19 -33.62
C VAL C 284 1.44 -13.28 -33.83
N ASP C 285 0.71 -12.80 -32.86
CA ASP C 285 -0.63 -12.47 -33.05
C ASP C 285 -0.61 -11.04 -33.52
N LEU C 286 -1.00 -10.88 -34.77
CA LEU C 286 -0.97 -9.68 -35.56
C LEU C 286 -2.03 -8.63 -35.26
N ARG C 287 -3.08 -8.95 -34.53
CA ARG C 287 -4.16 -7.99 -34.36
C ARG C 287 -3.78 -6.68 -33.70
N LYS C 288 -3.10 -6.72 -32.57
CA LYS C 288 -2.75 -5.49 -31.90
C LYS C 288 -1.76 -4.65 -32.69
N PRO C 289 -0.72 -5.24 -33.25
CA PRO C 289 0.16 -4.40 -34.06
C PRO C 289 -0.57 -3.76 -35.23
N LEU C 290 -1.40 -4.54 -35.94
CA LEU C 290 -2.22 -4.06 -37.06
C LEU C 290 -3.28 -3.02 -36.64
N GLU C 291 -4.01 -3.27 -35.57
CA GLU C 291 -4.91 -2.25 -35.03
C GLU C 291 -4.11 -0.97 -34.76
N ASN C 292 -2.98 -1.09 -34.07
CA ASN C 292 -2.11 0.11 -33.89
C ASN C 292 -1.70 0.86 -35.16
N LEU C 293 -1.63 0.21 -36.32
CA LEU C 293 -1.31 0.98 -37.53
C LEU C 293 -2.61 1.42 -38.22
N GLY C 294 -3.71 1.41 -37.47
CA GLY C 294 -4.98 1.95 -37.95
C GLY C 294 -5.88 0.93 -38.62
N MET C 295 -5.48 -0.36 -38.61
CA MET C 295 -6.29 -1.41 -39.31
C MET C 295 -7.22 -2.02 -38.27
N THR C 296 -8.23 -1.24 -37.89
CA THR C 296 -9.11 -1.67 -36.78
C THR C 296 -10.42 -2.32 -37.28
N ASP C 297 -10.95 -1.87 -38.42
CA ASP C 297 -12.25 -2.37 -38.87
C ASP C 297 -12.27 -3.88 -39.14
N MET C 298 -11.18 -4.37 -39.75
CA MET C 298 -11.07 -5.75 -40.13
C MET C 298 -11.23 -6.75 -38.97
N PHE C 299 -11.07 -6.33 -37.72
CA PHE C 299 -11.21 -7.28 -36.59
C PHE C 299 -12.58 -7.27 -35.85
N ARG C 300 -13.55 -6.48 -36.35
CA ARG C 300 -14.80 -6.22 -35.66
C ARG C 300 -15.99 -6.71 -36.42
N GLN C 301 -16.68 -7.68 -35.81
CA GLN C 301 -17.76 -8.37 -36.50
C GLN C 301 -18.84 -7.46 -37.15
N PHE C 302 -19.08 -6.30 -36.59
CA PHE C 302 -20.04 -5.40 -37.24
C PHE C 302 -19.42 -4.24 -38.01
N GLN C 303 -18.14 -3.94 -37.82
CA GLN C 303 -17.49 -2.88 -38.57
C GLN C 303 -16.80 -3.42 -39.82
N ALA C 304 -16.28 -4.65 -39.74
CA ALA C 304 -15.58 -5.32 -40.86
C ALA C 304 -16.32 -5.22 -42.18
N ASP C 305 -15.59 -4.95 -43.25
CA ASP C 305 -16.15 -4.94 -44.60
C ASP C 305 -15.31 -5.88 -45.51
N PHE C 306 -15.83 -7.07 -45.75
CA PHE C 306 -15.20 -8.05 -46.60
C PHE C 306 -16.07 -8.37 -47.84
N THR C 307 -16.61 -7.30 -48.45
CA THR C 307 -17.66 -7.40 -49.46
C THR C 307 -17.12 -7.71 -50.84
N SER C 308 -15.81 -7.66 -51.00
CA SER C 308 -15.21 -8.04 -52.27
C SER C 308 -15.13 -9.58 -52.32
N LEU C 309 -15.04 -10.18 -51.14
CA LEU C 309 -15.03 -11.66 -51.00
C LEU C 309 -16.47 -12.24 -50.95
N SER C 310 -17.31 -11.78 -50.05
CA SER C 310 -18.71 -12.19 -50.00
C SER C 310 -19.63 -11.03 -49.70
N ASP C 311 -20.89 -11.09 -50.09
CA ASP C 311 -21.86 -10.11 -49.65
C ASP C 311 -22.87 -10.66 -48.69
N GLN C 312 -22.59 -11.82 -48.12
CA GLN C 312 -23.36 -12.31 -47.01
C GLN C 312 -22.42 -12.55 -45.87
N GLU C 313 -22.76 -12.04 -44.72
CA GLU C 313 -21.88 -12.04 -43.62
C GLU C 313 -22.76 -11.46 -42.60
N PRO C 314 -22.29 -11.10 -41.43
CA PRO C 314 -20.97 -10.62 -41.12
C PRO C 314 -19.83 -11.57 -41.36
N LEU C 315 -18.72 -10.96 -41.76
CA LEU C 315 -17.44 -11.58 -41.90
C LEU C 315 -16.36 -10.66 -41.32
N HIS C 316 -15.47 -11.20 -40.54
CA HIS C 316 -14.37 -10.48 -40.00
C HIS C 316 -13.25 -11.42 -39.73
N VAL C 317 -12.07 -10.88 -39.55
CA VAL C 317 -10.91 -11.68 -39.22
C VAL C 317 -10.88 -12.09 -37.77
N ALA C 318 -11.01 -13.38 -37.57
CA ALA C 318 -10.84 -14.00 -36.30
C ALA C 318 -9.43 -14.10 -35.81
N LEU C 319 -8.53 -14.45 -36.70
CA LEU C 319 -7.20 -14.83 -36.33
C LEU C 319 -6.26 -14.37 -37.41
N ALA C 320 -5.17 -13.76 -37.01
CA ALA C 320 -4.10 -13.45 -37.93
C ALA C 320 -2.75 -13.67 -37.33
N LEU C 321 -1.98 -14.60 -37.85
CA LEU C 321 -0.76 -14.99 -37.20
C LEU C 321 0.42 -14.95 -38.15
N GLN C 322 1.60 -14.67 -37.60
CA GLN C 322 2.85 -14.88 -38.29
C GLN C 322 3.72 -15.75 -37.38
N LYS C 323 4.37 -16.76 -37.93
CA LYS C 323 5.26 -17.52 -37.07
C LYS C 323 6.57 -17.59 -37.80
N VAL C 324 7.67 -17.33 -37.10
CA VAL C 324 8.96 -17.31 -37.78
C VAL C 324 10.00 -18.10 -36.99
N LYS C 325 10.89 -18.79 -37.69
CA LYS C 325 12.02 -19.40 -37.05
C LYS C 325 13.24 -19.06 -37.86
N ILE C 326 14.30 -18.65 -37.16
CA ILE C 326 15.55 -18.29 -37.81
C ILE C 326 16.69 -18.95 -37.08
N GLU C 327 17.59 -19.52 -37.84
CA GLU C 327 18.76 -20.04 -37.20
C GLU C 327 19.93 -19.35 -37.83
N VAL C 328 20.87 -18.93 -36.98
CA VAL C 328 22.18 -18.49 -37.42
C VAL C 328 23.17 -19.41 -36.70
N ASN C 329 23.98 -20.13 -37.45
CA ASN C 329 25.03 -20.94 -36.90
C ASN C 329 26.25 -20.83 -37.84
N GLU C 330 27.18 -21.78 -37.72
CA GLU C 330 28.47 -21.67 -38.44
C GLU C 330 28.40 -21.76 -39.96
N SER C 331 27.65 -22.71 -40.49
CA SER C 331 27.66 -22.85 -41.95
C SER C 331 26.43 -22.37 -42.62
N VAL C 341 44.84 -30.49 -31.15
CA VAL C 341 43.84 -29.61 -31.81
C VAL C 341 44.31 -28.17 -31.51
N ILE C 342 44.36 -27.36 -32.53
CA ILE C 342 44.82 -25.99 -32.37
C ILE C 342 43.64 -25.22 -32.89
N VAL C 343 43.56 -23.93 -32.55
CA VAL C 343 42.70 -23.03 -33.29
C VAL C 343 43.56 -21.86 -33.64
N SER C 344 43.75 -21.65 -34.93
CA SER C 344 44.72 -20.67 -35.37
C SER C 344 43.97 -19.65 -36.10
N ALA C 345 44.40 -18.43 -36.04
CA ALA C 345 43.78 -17.42 -36.86
C ALA C 345 44.82 -16.35 -37.11
N ARG C 346 44.51 -15.50 -38.08
CA ARG C 346 45.29 -14.31 -38.42
C ARG C 346 44.86 -13.17 -37.50
N MET C 347 45.81 -12.43 -36.93
CA MET C 347 45.49 -11.33 -36.02
C MET C 347 44.92 -10.15 -36.79
N ALA C 348 43.95 -9.45 -36.20
CA ALA C 348 43.36 -8.29 -36.87
C ALA C 348 43.60 -7.07 -35.98
N PRO C 349 43.62 -5.86 -36.56
CA PRO C 349 43.88 -4.70 -35.72
C PRO C 349 42.79 -4.50 -34.67
N GLU C 350 41.53 -4.79 -34.99
CA GLU C 350 40.47 -4.56 -34.01
C GLU C 350 39.53 -5.74 -33.91
N GLU C 351 38.93 -5.88 -32.73
CA GLU C 351 37.99 -6.93 -32.37
C GLU C 351 36.60 -6.26 -32.33
N ILE C 352 35.57 -6.94 -32.87
CA ILE C 352 34.15 -6.60 -32.64
C ILE C 352 33.42 -7.78 -31.98
N ILE C 353 33.15 -7.64 -30.70
CA ILE C 353 32.58 -8.73 -29.87
C ILE C 353 31.10 -8.42 -29.63
N ILE C 354 30.15 -9.18 -30.19
CA ILE C 354 28.70 -8.91 -29.98
C ILE C 354 28.25 -9.63 -28.71
N ASP C 355 28.38 -8.98 -27.56
CA ASP C 355 28.05 -9.68 -26.30
C ASP C 355 26.98 -8.93 -25.48
N ARG C 356 26.13 -8.20 -26.17
CA ARG C 356 25.01 -7.50 -25.62
C ARG C 356 23.94 -7.56 -26.68
N PRO C 357 22.72 -7.20 -26.37
CA PRO C 357 21.61 -7.30 -27.32
C PRO C 357 21.75 -6.52 -28.59
N PHE C 358 21.22 -7.06 -29.65
CA PHE C 358 21.41 -6.52 -30.96
C PHE C 358 20.23 -6.73 -31.88
N LEU C 359 20.18 -5.99 -32.94
CA LEU C 359 19.26 -6.34 -33.94
C LEU C 359 19.89 -6.74 -35.20
N PHE C 360 19.13 -7.48 -35.95
CA PHE C 360 19.53 -7.98 -37.20
C PHE C 360 18.49 -7.73 -38.23
N VAL C 361 18.96 -7.62 -39.44
CA VAL C 361 18.16 -7.51 -40.62
C VAL C 361 18.67 -8.46 -41.67
N VAL C 362 17.80 -9.23 -42.27
CA VAL C 362 18.19 -10.01 -43.45
C VAL C 362 17.56 -9.35 -44.66
N ARG C 363 18.37 -9.00 -45.65
CA ARG C 363 17.84 -8.41 -46.84
C ARG C 363 18.16 -9.14 -48.10
N HIS C 364 17.20 -9.07 -49.02
CA HIS C 364 17.41 -9.63 -50.30
C HIS C 364 18.11 -8.53 -51.15
N ASN C 365 19.38 -8.75 -51.48
CA ASN C 365 20.20 -7.69 -52.09
C ASN C 365 19.71 -7.18 -53.46
N PRO C 366 19.20 -8.07 -54.35
CA PRO C 366 18.75 -7.56 -55.66
C PRO C 366 17.52 -6.68 -55.62
N THR C 367 16.68 -6.81 -54.59
CA THR C 367 15.53 -5.94 -54.52
C THR C 367 15.63 -4.94 -53.36
N GLY C 368 16.54 -5.19 -52.41
CA GLY C 368 16.51 -4.47 -51.14
C GLY C 368 15.40 -4.90 -50.16
N THR C 369 14.61 -5.91 -50.53
CA THR C 369 13.56 -6.43 -49.65
C THR C 369 14.11 -6.86 -48.29
N VAL C 370 13.42 -6.47 -47.23
CA VAL C 370 13.73 -6.86 -45.85
C VAL C 370 12.95 -8.13 -45.51
N LEU C 371 13.67 -9.22 -45.43
CA LEU C 371 13.04 -10.54 -45.33
C LEU C 371 12.76 -10.82 -43.87
N PHE C 372 13.71 -10.43 -43.04
CA PHE C 372 13.64 -10.77 -41.61
C PHE C 372 14.24 -9.66 -40.85
N MET C 373 13.67 -9.38 -39.68
CA MET C 373 14.33 -8.58 -38.65
C MET C 373 14.12 -9.18 -37.29
N GLY C 374 14.93 -8.78 -36.32
CA GLY C 374 14.83 -9.31 -34.97
C GLY C 374 15.67 -8.52 -34.00
N GLN C 375 15.27 -8.63 -32.78
CA GLN C 375 16.08 -8.23 -31.67
C GLN C 375 16.44 -9.44 -30.81
N VAL C 376 17.71 -9.71 -30.72
CA VAL C 376 18.17 -10.77 -29.89
C VAL C 376 18.56 -10.22 -28.56
N MET C 377 17.77 -10.52 -27.57
CA MET C 377 17.99 -10.08 -26.24
C MET C 377 18.72 -11.14 -25.46
N GLU C 378 18.47 -12.39 -25.77
CA GLU C 378 19.17 -13.49 -25.15
C GLU C 378 19.24 -14.72 -26.03
N PRO C 379 20.38 -15.05 -26.57
CA PRO C 379 20.49 -16.21 -27.40
C PRO C 379 20.76 -17.48 -26.61
N PRO D 4 -40.17 27.53 -13.81
CA PRO D 4 -39.47 26.83 -12.73
C PRO D 4 -38.75 25.51 -13.16
N PRO D 5 -37.82 25.58 -14.14
CA PRO D 5 -37.32 24.36 -14.85
C PRO D 5 -35.95 23.72 -14.37
N SER D 6 -34.92 24.54 -14.17
CA SER D 6 -33.80 24.19 -13.34
C SER D 6 -34.43 23.73 -11.98
N TYR D 7 -35.45 24.43 -11.51
CA TYR D 7 -36.11 24.13 -10.24
C TYR D 7 -36.81 22.75 -10.16
N VAL D 8 -37.72 22.46 -11.10
CA VAL D 8 -38.41 21.14 -11.11
C VAL D 8 -37.40 20.01 -11.31
N ALA D 9 -36.44 20.24 -12.20
CA ALA D 9 -35.28 19.40 -12.38
C ALA D 9 -34.54 19.09 -11.08
N HIS D 10 -34.44 20.09 -10.23
CA HIS D 10 -33.59 19.94 -9.10
C HIS D 10 -34.37 19.09 -8.12
N LEU D 11 -35.62 19.44 -7.85
CA LEU D 11 -36.50 18.64 -7.00
C LEU D 11 -36.64 17.19 -7.53
N ALA D 12 -36.89 17.07 -8.81
CA ALA D 12 -37.04 15.79 -9.47
C ALA D 12 -35.84 14.91 -9.22
N SER D 13 -34.65 15.44 -9.55
CA SER D 13 -33.38 14.77 -9.37
C SER D 13 -33.10 14.33 -7.90
N ASP D 14 -33.26 15.25 -6.95
CA ASP D 14 -33.00 14.95 -5.54
C ASP D 14 -33.86 13.82 -5.02
N PHE D 15 -35.16 13.91 -5.34
CA PHE D 15 -36.06 12.87 -4.93
C PHE D 15 -35.61 11.58 -5.57
N GLY D 16 -35.17 11.65 -6.82
CA GLY D 16 -34.88 10.43 -7.57
C GLY D 16 -33.62 9.81 -6.99
N VAL D 17 -32.71 10.69 -6.54
CA VAL D 17 -31.47 10.20 -5.91
C VAL D 17 -31.77 9.55 -4.57
N ARG D 18 -32.71 10.10 -3.81
CA ARG D 18 -33.16 9.42 -2.57
C ARG D 18 -33.71 8.03 -2.87
N VAL D 19 -34.44 7.92 -3.97
CA VAL D 19 -34.93 6.57 -4.39
C VAL D 19 -33.78 5.63 -4.70
N PHE D 20 -32.83 6.07 -5.53
CA PHE D 20 -31.66 5.27 -5.81
C PHE D 20 -30.92 4.84 -4.50
N GLN D 21 -30.80 5.76 -3.54
CA GLN D 21 -30.11 5.40 -2.34
C GLN D 21 -30.83 4.27 -1.64
N GLN D 22 -32.16 4.31 -1.67
CA GLN D 22 -32.94 3.20 -1.07
C GLN D 22 -32.63 1.89 -1.82
N VAL D 23 -32.59 1.92 -3.15
CA VAL D 23 -32.25 0.67 -3.82
C VAL D 23 -30.80 0.18 -3.64
N ALA D 24 -29.81 1.06 -3.66
CA ALA D 24 -28.44 0.66 -3.50
C ALA D 24 -28.14 0.06 -2.14
N GLN D 25 -28.78 0.59 -1.15
CA GLN D 25 -28.72 0.14 0.22
C GLN D 25 -29.28 -1.26 0.38
N ALA D 26 -30.22 -1.60 -0.46
CA ALA D 26 -30.76 -2.95 -0.51
C ALA D 26 -30.05 -3.89 -1.47
N SER D 27 -29.07 -3.43 -2.20
CA SER D 27 -28.32 -4.27 -3.11
C SER D 27 -26.84 -4.14 -2.85
N LYS D 28 -26.36 -4.61 -1.73
CA LYS D 28 -25.01 -4.25 -1.30
C LYS D 28 -23.88 -4.64 -2.25
N ASP D 29 -23.91 -5.78 -2.89
CA ASP D 29 -22.81 -5.99 -3.80
C ASP D 29 -23.18 -6.34 -5.20
N ARG D 30 -24.16 -5.71 -5.76
CA ARG D 30 -24.54 -6.04 -7.08
C ARG D 30 -24.68 -4.82 -7.96
N ASN D 31 -24.58 -5.02 -9.25
CA ASN D 31 -24.70 -3.98 -10.22
C ASN D 31 -26.10 -3.41 -10.03
N VAL D 32 -26.30 -2.13 -10.32
CA VAL D 32 -27.63 -1.49 -10.37
C VAL D 32 -27.51 -0.27 -11.26
N VAL D 33 -28.53 -0.02 -12.09
CA VAL D 33 -28.66 1.23 -12.84
C VAL D 33 -30.09 1.70 -12.64
N PHE D 34 -30.31 2.99 -12.63
CA PHE D 34 -31.50 3.56 -12.12
C PHE D 34 -31.66 4.97 -12.74
N SER D 35 -32.90 5.39 -12.82
CA SER D 35 -33.13 6.70 -13.29
C SER D 35 -33.86 7.53 -12.28
N PRO D 36 -33.15 8.49 -11.66
CA PRO D 36 -33.79 9.43 -10.75
C PRO D 36 -34.81 10.29 -11.48
N TYR D 37 -34.43 10.78 -12.64
CA TYR D 37 -35.42 11.49 -13.47
C TYR D 37 -36.73 10.70 -13.63
N GLY D 38 -36.58 9.45 -13.99
CA GLY D 38 -37.71 8.62 -14.50
C GLY D 38 -38.74 8.34 -13.42
N VAL D 39 -38.27 8.01 -12.19
CA VAL D 39 -39.18 7.70 -11.08
C VAL D 39 -39.89 8.98 -10.65
N ALA D 40 -39.17 10.10 -10.64
CA ALA D 40 -39.82 11.43 -10.37
C ALA D 40 -40.89 11.69 -11.39
N SER D 41 -40.54 11.42 -12.64
CA SER D 41 -41.48 11.68 -13.70
C SER D 41 -42.81 10.88 -13.57
N VAL D 42 -42.79 9.55 -13.33
CA VAL D 42 -44.06 8.81 -13.19
C VAL D 42 -44.76 9.16 -11.90
N LEU D 43 -43.99 9.45 -10.86
CA LEU D 43 -44.61 9.71 -9.58
C LEU D 43 -45.36 11.04 -9.73
N ALA D 44 -44.78 12.02 -10.43
CA ALA D 44 -45.45 13.26 -10.75
C ALA D 44 -46.85 13.05 -11.35
N MET D 45 -46.97 12.19 -12.37
CA MET D 45 -48.25 11.82 -12.92
C MET D 45 -49.10 11.15 -11.87
N LEU D 46 -48.43 10.33 -11.03
CA LEU D 46 -49.18 9.57 -10.06
C LEU D 46 -49.89 10.61 -9.22
N GLN D 47 -49.24 11.73 -8.93
CA GLN D 47 -49.84 12.65 -7.96
C GLN D 47 -51.26 13.06 -8.30
N LEU D 48 -51.53 13.21 -9.57
CA LEU D 48 -52.82 13.75 -9.92
C LEU D 48 -53.92 12.68 -9.76
N THR D 49 -53.56 11.39 -9.54
CA THR D 49 -54.62 10.37 -9.32
C THR D 49 -55.03 10.21 -7.86
N THR D 50 -54.29 10.88 -6.99
CA THR D 50 -54.35 10.58 -5.54
C THR D 50 -55.13 11.68 -4.77
N GLY D 51 -55.60 11.34 -3.57
CA GLY D 51 -56.23 12.33 -2.69
C GLY D 51 -55.76 12.06 -1.29
N GLY D 52 -56.26 12.82 -0.31
CA GLY D 52 -56.10 12.51 1.11
C GLY D 52 -54.65 12.28 1.53
N GLU D 53 -54.44 11.28 2.38
CA GLU D 53 -53.12 11.03 2.91
C GLU D 53 -52.15 10.42 1.86
N THR D 54 -52.71 9.79 0.81
CA THR D 54 -51.84 9.16 -0.18
C THR D 54 -51.15 10.25 -0.98
N GLN D 55 -51.94 11.25 -1.35
CA GLN D 55 -51.45 12.44 -2.00
C GLN D 55 -50.48 13.18 -1.11
N GLN D 56 -50.83 13.32 0.16
CA GLN D 56 -49.95 14.06 1.06
C GLN D 56 -48.55 13.41 1.17
N GLN D 57 -48.49 12.09 1.24
CA GLN D 57 -47.22 11.38 1.39
C GLN D 57 -46.34 11.51 0.13
N ILE D 58 -46.96 11.45 -1.05
CA ILE D 58 -46.23 11.72 -2.27
C ILE D 58 -45.71 13.15 -2.41
N GLN D 59 -46.57 14.13 -2.22
CA GLN D 59 -46.09 15.51 -2.33
C GLN D 59 -44.93 15.91 -1.36
N ALA D 60 -45.01 15.45 -0.10
CA ALA D 60 -43.98 15.65 0.91
C ALA D 60 -42.64 15.05 0.50
N ALA D 61 -42.66 13.84 -0.06
CA ALA D 61 -41.41 13.15 -0.39
C ALA D 61 -40.82 13.77 -1.66
N MET D 62 -41.67 14.11 -2.61
CA MET D 62 -41.18 14.77 -3.82
C MET D 62 -40.81 16.22 -3.67
N GLY D 63 -41.35 16.91 -2.66
CA GLY D 63 -41.06 18.33 -2.49
C GLY D 63 -41.90 19.28 -3.32
N PHE D 64 -42.87 18.81 -4.07
CA PHE D 64 -43.81 19.70 -4.79
C PHE D 64 -45.15 19.04 -5.12
N LYS D 65 -46.09 19.87 -5.54
CA LYS D 65 -47.37 19.45 -6.04
C LYS D 65 -47.38 19.66 -7.54
N ILE D 66 -47.84 18.65 -8.27
CA ILE D 66 -47.85 18.67 -9.71
C ILE D 66 -48.84 19.74 -10.21
N ASP D 67 -49.79 20.10 -9.34
CA ASP D 67 -50.90 21.02 -9.55
C ASP D 67 -50.53 22.48 -9.37
N ASP D 68 -49.41 22.76 -8.71
CA ASP D 68 -49.02 24.11 -8.58
C ASP D 68 -48.62 24.74 -9.89
N LYS D 69 -48.83 26.06 -9.92
CA LYS D 69 -48.57 26.93 -11.05
C LYS D 69 -47.15 26.77 -11.58
N GLY D 70 -47.05 26.51 -12.89
CA GLY D 70 -45.77 26.29 -13.55
C GLY D 70 -45.13 24.93 -13.45
N MET D 71 -45.50 24.10 -12.45
CA MET D 71 -44.81 22.80 -12.20
C MET D 71 -44.90 21.84 -13.41
N ALA D 72 -46.14 21.50 -13.78
CA ALA D 72 -46.37 20.60 -14.90
C ALA D 72 -45.78 21.12 -16.24
N PRO D 73 -46.07 22.39 -16.61
CA PRO D 73 -45.40 22.88 -17.82
C PRO D 73 -43.87 22.79 -17.74
N ALA D 74 -43.31 23.03 -16.54
CA ALA D 74 -41.88 23.03 -16.42
C ALA D 74 -41.35 21.61 -16.64
N LEU D 75 -42.02 20.59 -16.10
CA LEU D 75 -41.69 19.18 -16.41
C LEU D 75 -41.87 18.88 -17.88
N ARG D 76 -42.96 19.37 -18.48
CA ARG D 76 -43.21 19.08 -19.89
C ARG D 76 -42.10 19.68 -20.73
N HIS D 77 -41.69 20.89 -20.37
CA HIS D 77 -40.62 21.54 -21.12
C HIS D 77 -39.28 20.91 -20.81
N LEU D 78 -39.13 20.36 -19.61
CA LEU D 78 -37.96 19.52 -19.29
C LEU D 78 -37.88 18.28 -20.19
N TYR D 79 -39.00 17.58 -20.31
CA TYR D 79 -39.08 16.41 -21.15
C TYR D 79 -38.70 16.72 -22.61
N LYS D 80 -39.33 17.76 -23.20
CA LYS D 80 -39.10 18.17 -24.60
C LYS D 80 -37.65 18.54 -24.79
N GLU D 81 -37.01 19.05 -23.74
CA GLU D 81 -35.61 19.39 -23.86
C GLU D 81 -34.71 18.18 -23.91
N LEU D 82 -35.14 17.08 -23.28
CA LEU D 82 -34.35 15.84 -23.25
C LEU D 82 -34.59 15.03 -24.51
N MET D 83 -35.69 15.29 -25.20
CA MET D 83 -35.94 14.69 -26.51
C MET D 83 -35.55 15.62 -27.70
N GLY D 84 -34.62 16.54 -27.47
CA GLY D 84 -34.22 17.52 -28.48
C GLY D 84 -33.40 16.97 -29.65
N PRO D 85 -32.93 17.88 -30.53
CA PRO D 85 -32.14 17.57 -31.74
C PRO D 85 -30.88 16.71 -31.48
N TRP D 86 -30.06 17.14 -30.51
CA TRP D 86 -28.83 16.44 -30.05
C TRP D 86 -29.03 14.98 -29.70
N ASN D 87 -30.26 14.56 -29.39
CA ASN D 87 -30.48 13.17 -28.94
C ASN D 87 -30.50 12.18 -30.12
N LYS D 88 -29.34 11.62 -30.46
CA LYS D 88 -29.19 10.73 -31.64
C LYS D 88 -29.61 9.30 -31.28
N ASP D 89 -30.90 9.12 -30.96
CA ASP D 89 -31.38 7.80 -30.52
C ASP D 89 -30.37 7.23 -29.54
N GLU D 90 -29.93 8.07 -28.61
CA GLU D 90 -29.08 7.62 -27.51
C GLU D 90 -29.90 7.43 -26.25
N ILE D 91 -31.02 8.16 -26.12
CA ILE D 91 -31.90 8.09 -24.94
C ILE D 91 -33.41 7.99 -25.26
N SER D 92 -34.07 6.98 -24.69
CA SER D 92 -35.55 6.90 -24.70
C SER D 92 -36.07 6.76 -23.27
N THR D 93 -37.19 7.42 -22.99
CA THR D 93 -37.85 7.29 -21.70
C THR D 93 -39.35 7.23 -21.87
N THR D 94 -40.02 6.39 -21.07
CA THR D 94 -41.48 6.32 -21.16
C THR D 94 -42.03 6.08 -19.78
N ASP D 95 -43.17 6.74 -19.52
CA ASP D 95 -43.94 6.66 -18.31
C ASP D 95 -45.30 6.09 -18.70
N ALA D 96 -45.95 5.33 -17.83
CA ALA D 96 -47.32 4.87 -18.14
C ALA D 96 -47.96 4.35 -16.88
N ILE D 97 -49.21 4.79 -16.72
CA ILE D 97 -50.10 4.33 -15.69
C ILE D 97 -51.20 3.57 -16.42
N PHE D 98 -51.41 2.31 -16.00
CA PHE D 98 -52.49 1.43 -16.51
C PHE D 98 -53.56 1.14 -15.49
N VAL D 99 -54.82 1.43 -15.85
CA VAL D 99 -55.95 1.21 -14.91
C VAL D 99 -57.00 0.24 -15.48
N GLN D 100 -57.70 -0.49 -14.62
CA GLN D 100 -58.76 -1.37 -15.09
C GLN D 100 -59.75 -0.61 -16.01
N ARG D 101 -59.96 -1.15 -17.21
CA ARG D 101 -60.82 -0.56 -18.22
C ARG D 101 -62.23 -0.32 -17.66
N ASP D 102 -62.64 -1.20 -16.76
CA ASP D 102 -63.99 -1.24 -16.19
C ASP D 102 -64.40 -0.01 -15.38
N LEU D 103 -63.42 0.63 -14.77
CA LEU D 103 -63.66 1.51 -13.67
C LEU D 103 -64.19 2.84 -14.12
N LYS D 104 -65.23 3.32 -13.44
CA LYS D 104 -65.73 4.68 -13.71
C LYS D 104 -64.83 5.79 -13.14
N LEU D 105 -64.28 6.59 -14.04
CA LEU D 105 -63.34 7.63 -13.68
C LEU D 105 -64.06 8.93 -13.35
N VAL D 106 -63.47 9.69 -12.42
CA VAL D 106 -63.98 10.98 -12.01
C VAL D 106 -64.20 11.82 -13.26
N GLN D 107 -65.35 12.48 -13.34
CA GLN D 107 -65.62 13.35 -14.46
C GLN D 107 -64.57 14.46 -14.52
N GLY D 108 -64.00 14.61 -15.71
CA GLY D 108 -63.02 15.68 -15.94
C GLY D 108 -61.58 15.26 -15.73
N PHE D 109 -61.39 14.08 -15.12
CA PHE D 109 -60.03 13.61 -14.86
C PHE D 109 -59.16 13.38 -16.12
N MET D 110 -59.73 12.82 -17.17
CA MET D 110 -58.88 12.41 -18.29
C MET D 110 -58.32 13.57 -19.07
N PRO D 111 -59.16 14.62 -19.33
CA PRO D 111 -58.70 15.85 -20.01
C PRO D 111 -57.68 16.66 -19.16
N HIS D 112 -57.92 16.76 -17.84
CA HIS D 112 -56.94 17.39 -16.95
C HIS D 112 -55.58 16.67 -17.01
N PHE D 113 -55.60 15.36 -16.99
CA PHE D 113 -54.32 14.61 -17.05
C PHE D 113 -53.67 14.87 -18.38
N PHE D 114 -54.50 14.83 -19.42
CA PHE D 114 -53.97 15.22 -20.70
C PHE D 114 -53.48 16.69 -20.77
N ARG D 115 -54.23 17.62 -20.22
CA ARG D 115 -53.76 18.99 -20.26
C ARG D 115 -52.36 19.04 -19.60
N LEU D 116 -52.24 18.46 -18.39
CA LEU D 116 -50.94 18.53 -17.66
C LEU D 116 -49.79 17.71 -18.31
N PHE D 117 -50.05 16.54 -18.85
CA PHE D 117 -48.88 15.79 -19.32
C PHE D 117 -48.83 15.42 -20.78
N ARG D 118 -49.84 15.75 -21.57
CA ARG D 118 -49.84 15.30 -22.96
C ARG D 118 -49.71 13.78 -23.08
N SER D 119 -50.28 13.06 -22.14
CA SER D 119 -50.46 11.65 -22.37
C SER D 119 -51.76 11.27 -21.72
N THR D 120 -52.08 9.98 -21.75
CA THR D 120 -53.31 9.46 -21.18
C THR D 120 -53.04 8.30 -20.23
N VAL D 121 -53.94 8.13 -19.27
CA VAL D 121 -54.02 6.90 -18.52
C VAL D 121 -54.56 5.79 -19.41
N LYS D 122 -53.83 4.67 -19.51
CA LYS D 122 -54.24 3.56 -20.38
C LYS D 122 -55.27 2.70 -19.64
N GLN D 123 -56.33 2.36 -20.34
CA GLN D 123 -57.41 1.57 -19.74
C GLN D 123 -57.28 0.19 -20.29
N VAL D 124 -56.96 -0.78 -19.43
CA VAL D 124 -56.78 -2.15 -19.90
C VAL D 124 -57.69 -3.12 -19.17
N ASP D 125 -58.17 -4.16 -19.86
CA ASP D 125 -58.99 -5.13 -19.16
C ASP D 125 -58.02 -6.15 -18.55
N PHE D 126 -57.82 -6.09 -17.23
CA PHE D 126 -56.92 -7.00 -16.55
C PHE D 126 -57.53 -8.39 -16.34
N SER D 127 -58.85 -8.52 -16.51
CA SER D 127 -59.44 -9.87 -16.46
C SER D 127 -58.92 -10.74 -17.65
N GLU D 128 -58.44 -10.09 -18.71
CA GLU D 128 -57.77 -10.71 -19.86
C GLU D 128 -56.23 -10.62 -19.62
N VAL D 129 -55.77 -11.49 -18.72
CA VAL D 129 -54.48 -11.40 -18.09
C VAL D 129 -53.32 -11.36 -19.09
N GLU D 130 -53.37 -12.25 -20.06
CA GLU D 130 -52.28 -12.45 -21.01
C GLU D 130 -52.29 -11.31 -21.99
N ARG D 131 -53.47 -10.96 -22.47
CA ARG D 131 -53.62 -9.74 -23.23
C ARG D 131 -53.10 -8.49 -22.44
N ALA D 132 -53.41 -8.39 -21.14
CA ALA D 132 -52.99 -7.20 -20.36
C ALA D 132 -51.44 -7.06 -20.25
N ARG D 133 -50.78 -8.16 -19.85
CA ARG D 133 -49.32 -8.30 -19.85
C ARG D 133 -48.63 -7.99 -21.19
N PHE D 134 -49.20 -8.47 -22.29
CA PHE D 134 -48.71 -8.13 -23.63
C PHE D 134 -48.84 -6.63 -23.85
N ILE D 135 -50.01 -6.04 -23.57
CA ILE D 135 -50.18 -4.57 -23.79
C ILE D 135 -49.08 -3.72 -23.06
N ILE D 136 -48.84 -4.05 -21.80
CA ILE D 136 -47.84 -3.35 -20.98
C ILE D 136 -46.49 -3.46 -21.63
N ASN D 137 -46.03 -4.68 -21.82
CA ASN D 137 -44.80 -4.95 -22.58
C ASN D 137 -44.74 -4.25 -23.91
N ASP D 138 -45.84 -4.24 -24.63
CA ASP D 138 -45.88 -3.57 -25.90
C ASP D 138 -45.69 -2.07 -25.85
N TRP D 139 -46.28 -1.43 -24.87
CA TRP D 139 -46.10 -0.05 -24.66
C TRP D 139 -44.65 0.28 -24.39
N VAL D 140 -43.98 -0.53 -23.57
CA VAL D 140 -42.58 -0.33 -23.32
C VAL D 140 -41.70 -0.51 -24.53
N LYS D 141 -41.93 -1.55 -25.31
CA LYS D 141 -41.18 -1.85 -26.52
C LYS D 141 -41.30 -0.81 -27.60
N THR D 142 -42.50 -0.33 -27.83
CA THR D 142 -42.74 0.75 -28.75
C THR D 142 -42.18 2.10 -28.40
N HIS D 143 -42.18 2.45 -27.13
CA HIS D 143 -41.68 3.73 -26.72
C HIS D 143 -40.21 3.78 -26.37
N THR D 144 -39.51 2.66 -26.48
CA THR D 144 -38.08 2.60 -26.27
C THR D 144 -37.27 2.18 -27.50
N LYS D 145 -37.90 2.18 -28.64
CA LYS D 145 -37.29 1.72 -29.87
C LYS D 145 -36.90 0.27 -29.81
N GLY D 146 -37.67 -0.49 -29.06
CA GLY D 146 -37.46 -1.90 -28.91
C GLY D 146 -36.27 -2.28 -28.08
N MET D 147 -35.65 -1.32 -27.42
CA MET D 147 -34.53 -1.57 -26.55
C MET D 147 -34.94 -2.28 -25.31
N ILE D 148 -36.09 -1.91 -24.80
CA ILE D 148 -36.66 -2.61 -23.68
C ILE D 148 -37.98 -3.22 -24.14
N SER D 149 -38.06 -4.53 -24.12
CA SER D 149 -39.29 -5.12 -24.65
C SER D 149 -40.08 -6.00 -23.69
N HIS D 150 -39.58 -6.17 -22.46
CA HIS D 150 -40.26 -7.01 -21.46
C HIS D 150 -40.02 -6.50 -20.08
N LEU D 151 -41.08 -6.44 -19.30
CA LEU D 151 -40.94 -6.22 -17.88
C LEU D 151 -41.27 -7.52 -17.20
N LEU D 152 -40.33 -8.03 -16.41
CA LEU D 152 -40.56 -9.32 -15.74
C LEU D 152 -41.56 -9.22 -14.60
N GLY D 153 -41.64 -8.08 -13.96
CA GLY D 153 -42.50 -7.98 -12.74
C GLY D 153 -43.97 -8.09 -13.09
N THR D 154 -44.31 -8.01 -14.37
CA THR D 154 -45.70 -8.17 -14.80
C THR D 154 -46.18 -9.63 -14.75
N GLY D 155 -45.26 -10.57 -14.56
CA GLY D 155 -45.63 -11.93 -14.18
C GLY D 155 -46.52 -12.02 -12.96
N ALA D 156 -46.56 -10.98 -12.15
CA ALA D 156 -47.51 -10.90 -11.00
C ALA D 156 -48.83 -10.20 -11.38
N VAL D 157 -48.93 -9.66 -12.58
CA VAL D 157 -50.22 -9.11 -12.99
C VAL D 157 -51.25 -10.22 -13.03
N GLN D 158 -52.40 -10.00 -12.44
CA GLN D 158 -53.51 -10.90 -12.69
C GLN D 158 -54.88 -10.23 -12.67
N GLN D 159 -55.91 -11.08 -12.67
CA GLN D 159 -57.29 -10.65 -12.82
C GLN D 159 -57.79 -9.67 -11.74
N LEU D 160 -57.15 -9.63 -10.58
CA LEU D 160 -57.45 -8.65 -9.47
C LEU D 160 -56.64 -7.32 -9.54
N THR D 161 -55.69 -7.23 -10.45
CA THR D 161 -54.92 -6.02 -10.62
C THR D 161 -55.83 -4.92 -11.12
N ARG D 162 -55.76 -3.72 -10.52
CA ARG D 162 -56.47 -2.53 -11.04
C ARG D 162 -55.58 -1.40 -11.50
N LEU D 163 -54.34 -1.35 -10.97
CA LEU D 163 -53.47 -0.17 -11.13
C LEU D 163 -52.00 -0.53 -11.11
N VAL D 164 -51.33 -0.23 -12.22
CA VAL D 164 -49.91 -0.57 -12.47
C VAL D 164 -49.19 0.65 -13.01
N LEU D 165 -47.99 0.90 -12.52
CA LEU D 165 -47.18 2.01 -13.05
C LEU D 165 -45.84 1.54 -13.53
N VAL D 166 -45.47 2.04 -14.67
CA VAL D 166 -44.33 1.59 -15.34
C VAL D 166 -43.44 2.75 -15.79
N ASN D 167 -42.14 2.60 -15.66
CA ASN D 167 -41.20 3.56 -16.16
C ASN D 167 -40.05 2.81 -16.78
N ALA D 168 -39.70 3.17 -17.99
CA ALA D 168 -38.63 2.52 -18.72
C ALA D 168 -37.70 3.50 -19.37
N LEU D 169 -36.41 3.29 -19.28
CA LEU D 169 -35.47 4.07 -20.05
C LEU D 169 -34.35 3.27 -20.66
N TYR D 170 -33.89 3.71 -21.80
CA TYR D 170 -32.68 3.23 -22.41
C TYR D 170 -31.66 4.34 -22.70
N PHE D 171 -30.40 4.12 -22.40
CA PHE D 171 -29.35 5.03 -22.76
C PHE D 171 -28.13 4.29 -23.27
N ASN D 172 -27.58 4.75 -24.38
CA ASN D 172 -26.20 4.42 -24.77
C ASN D 172 -25.66 5.67 -25.45
N GLY D 173 -24.79 6.39 -24.76
CA GLY D 173 -24.40 7.72 -25.25
C GLY D 173 -23.27 7.74 -26.29
N GLN D 174 -23.20 8.81 -27.07
CA GLN D 174 -22.05 9.03 -27.96
C GLN D 174 -21.08 10.02 -27.35
N TRP D 175 -19.87 9.54 -27.08
CA TRP D 175 -18.81 10.38 -26.51
C TRP D 175 -18.45 11.55 -27.38
N LYS D 176 -18.11 12.66 -26.77
CA LYS D 176 -17.56 13.77 -27.51
C LYS D 176 -16.18 13.38 -28.07
N THR D 177 -15.32 12.83 -27.20
CA THR D 177 -14.11 12.18 -27.65
C THR D 177 -14.21 10.63 -27.58
N PRO D 178 -14.39 9.96 -28.75
CA PRO D 178 -14.44 8.48 -28.72
C PRO D 178 -13.22 7.86 -28.04
N PHE D 179 -13.38 6.78 -27.26
CA PHE D 179 -12.20 5.99 -26.85
C PHE D 179 -11.65 5.26 -28.09
N PRO D 180 -10.32 5.29 -28.32
CA PRO D 180 -9.78 4.52 -29.48
C PRO D 180 -9.96 3.01 -29.27
N ASP D 181 -10.53 2.34 -30.28
CA ASP D 181 -10.68 0.86 -30.28
C ASP D 181 -9.42 0.08 -29.87
N SER D 182 -8.33 0.36 -30.58
CA SER D 182 -7.08 -0.34 -30.39
C SER D 182 -6.64 -0.43 -28.93
N SER D 183 -6.97 0.57 -28.12
CA SER D 183 -6.56 0.53 -26.71
C SER D 183 -7.52 -0.24 -25.77
N THR D 184 -8.56 -0.89 -26.28
CA THR D 184 -9.43 -1.69 -25.39
C THR D 184 -8.78 -3.04 -25.18
N HIS D 185 -8.48 -3.37 -23.95
CA HIS D 185 -7.83 -4.65 -23.64
C HIS D 185 -8.35 -5.13 -22.32
N ARG D 186 -8.50 -6.44 -22.19
CA ARG D 186 -8.84 -7.09 -20.91
C ARG D 186 -7.83 -6.76 -19.82
N ARG D 187 -8.35 -6.50 -18.63
CA ARG D 187 -7.54 -6.09 -17.53
C ARG D 187 -8.29 -6.60 -16.34
N LEU D 188 -7.59 -6.98 -15.29
CA LEU D 188 -8.17 -7.40 -14.03
C LEU D 188 -9.00 -6.37 -13.22
N PHE D 189 -10.24 -6.73 -12.91
CA PHE D 189 -11.14 -5.97 -12.00
C PHE D 189 -11.19 -6.57 -10.58
N HIS D 190 -10.95 -5.76 -9.55
CA HIS D 190 -10.99 -6.28 -8.17
C HIS D 190 -12.38 -6.17 -7.62
N LYS D 191 -13.11 -7.29 -7.59
CA LYS D 191 -14.43 -7.31 -7.00
C LYS D 191 -14.37 -7.01 -5.49
N SER D 192 -15.51 -6.65 -4.93
CA SER D 192 -15.54 -6.17 -3.57
C SER D 192 -15.35 -7.32 -2.51
N ASP D 193 -15.56 -8.58 -2.90
CA ASP D 193 -15.31 -9.72 -2.00
C ASP D 193 -13.84 -10.14 -2.00
N GLY D 194 -13.02 -9.42 -2.74
CA GLY D 194 -11.62 -9.77 -2.83
C GLY D 194 -11.33 -10.56 -4.07
N SER D 195 -12.29 -11.32 -4.60
CA SER D 195 -12.03 -12.01 -5.88
C SER D 195 -11.68 -11.03 -7.02
N THR D 196 -11.09 -11.58 -8.08
CA THR D 196 -10.68 -10.80 -9.26
C THR D 196 -11.21 -11.49 -10.52
N VAL D 197 -11.52 -10.69 -11.54
CA VAL D 197 -12.16 -11.15 -12.76
C VAL D 197 -11.52 -10.33 -13.87
N SER D 198 -11.46 -10.92 -15.06
CA SER D 198 -10.77 -10.28 -16.16
C SER D 198 -11.79 -9.62 -17.13
N VAL D 199 -11.71 -8.31 -17.42
CA VAL D 199 -12.82 -7.60 -18.16
C VAL D 199 -12.36 -6.65 -19.29
N PRO D 200 -13.07 -6.59 -20.44
CA PRO D 200 -12.57 -5.54 -21.40
C PRO D 200 -12.54 -4.12 -20.79
N MET D 201 -11.41 -3.43 -20.89
CA MET D 201 -11.32 -2.07 -20.30
C MET D 201 -10.83 -1.15 -21.37
N MET D 202 -11.57 -0.06 -21.63
CA MET D 202 -11.21 0.92 -22.63
C MET D 202 -10.20 1.90 -22.02
N ALA D 203 -9.57 2.74 -22.86
CA ALA D 203 -8.50 3.60 -22.38
C ALA D 203 -8.34 4.81 -23.30
N GLN D 204 -8.22 5.99 -22.72
CA GLN D 204 -8.08 7.21 -23.50
C GLN D 204 -7.10 8.07 -22.79
N THR D 205 -6.20 8.70 -23.52
CA THR D 205 -5.31 9.69 -22.91
C THR D 205 -5.71 11.09 -23.38
N ASN D 206 -6.10 11.94 -22.45
CA ASN D 206 -6.74 13.21 -22.79
C ASN D 206 -6.67 14.08 -21.52
N LYS D 207 -7.09 15.32 -21.63
CA LYS D 207 -7.26 16.19 -20.51
C LYS D 207 -8.71 16.00 -20.08
N PHE D 208 -8.90 15.45 -18.89
CA PHE D 208 -10.23 15.25 -18.35
C PHE D 208 -10.49 16.20 -17.21
N ASN D 209 -11.69 16.74 -17.13
CA ASN D 209 -12.20 17.39 -15.93
C ASN D 209 -12.16 16.45 -14.77
N TYR D 210 -11.36 16.80 -13.78
CA TYR D 210 -11.10 15.92 -12.65
C TYR D 210 -11.21 16.70 -11.35
N THR D 211 -11.52 15.99 -10.26
CA THR D 211 -11.50 16.52 -8.89
C THR D 211 -11.48 15.40 -7.89
N GLU D 212 -11.13 15.76 -6.68
CA GLU D 212 -10.98 14.81 -5.65
C GLU D 212 -11.78 15.41 -4.51
N PHE D 213 -12.61 14.58 -3.89
CA PHE D 213 -13.37 14.97 -2.73
C PHE D 213 -13.04 14.07 -1.55
N THR D 214 -13.60 14.37 -0.42
CA THR D 214 -13.42 13.54 0.71
C THR D 214 -14.74 13.17 1.31
N THR D 215 -14.89 11.95 1.79
CA THR D 215 -16.05 11.64 2.59
C THR D 215 -15.97 12.21 4.00
N PRO D 216 -17.10 12.28 4.68
CA PRO D 216 -17.09 12.78 6.04
C PRO D 216 -16.21 11.96 6.95
N ASP D 217 -16.10 10.66 6.75
CA ASP D 217 -15.16 9.85 7.51
C ASP D 217 -13.74 10.10 7.06
N GLY D 218 -13.63 10.88 6.01
CA GLY D 218 -12.36 11.34 5.51
C GLY D 218 -11.75 10.66 4.31
N HIS D 219 -12.39 9.67 3.76
CA HIS D 219 -11.78 9.02 2.64
C HIS D 219 -11.74 9.83 1.39
N TYR D 220 -10.62 9.77 0.70
CA TYR D 220 -10.42 10.41 -0.59
C TYR D 220 -11.14 9.71 -1.75
N TYR D 221 -11.78 10.44 -2.64
CA TYR D 221 -12.37 9.82 -3.81
C TYR D 221 -12.18 10.59 -5.09
N ASP D 222 -11.94 9.88 -6.18
CA ASP D 222 -11.74 10.46 -7.47
C ASP D 222 -13.09 10.63 -8.12
N ILE D 223 -13.28 11.77 -8.79
CA ILE D 223 -14.42 11.99 -9.66
C ILE D 223 -13.87 12.48 -10.99
N LEU D 224 -14.29 11.85 -12.10
CA LEU D 224 -13.90 12.31 -13.46
C LEU D 224 -15.16 12.65 -14.23
N GLU D 225 -15.09 13.56 -15.19
CA GLU D 225 -16.26 13.89 -16.04
C GLU D 225 -15.99 13.46 -17.47
N LEU D 226 -16.97 12.77 -18.04
CA LEU D 226 -16.83 12.30 -19.39
C LEU D 226 -17.96 12.89 -20.24
N PRO D 227 -17.66 13.92 -21.04
CA PRO D 227 -18.73 14.56 -21.79
C PRO D 227 -19.20 13.77 -23.03
N TYR D 228 -20.46 13.93 -23.37
CA TYR D 228 -21.00 13.29 -24.56
C TYR D 228 -21.00 14.39 -25.55
N HIS D 229 -21.49 14.10 -26.75
CA HIS D 229 -21.29 14.96 -27.93
C HIS D 229 -21.98 16.29 -27.78
N GLY D 230 -21.20 17.36 -27.90
CA GLY D 230 -21.77 18.72 -27.78
C GLY D 230 -21.95 19.18 -26.34
N ASP D 231 -21.52 18.36 -25.37
CA ASP D 231 -21.54 18.72 -23.92
C ASP D 231 -22.93 18.81 -23.23
N THR D 232 -24.01 18.50 -23.96
CA THR D 232 -25.35 18.39 -23.37
C THR D 232 -25.35 17.46 -22.13
N LEU D 233 -24.88 16.24 -22.32
CA LEU D 233 -24.81 15.30 -21.25
C LEU D 233 -23.39 15.00 -20.91
N SER D 234 -23.18 14.56 -19.68
CA SER D 234 -21.89 14.09 -19.19
C SER D 234 -22.14 12.88 -18.36
N MET D 235 -21.20 11.94 -18.43
CA MET D 235 -21.13 10.88 -17.41
C MET D 235 -20.11 11.25 -16.36
N PHE D 236 -20.45 10.98 -15.10
CA PHE D 236 -19.52 11.21 -14.00
C PHE D 236 -19.20 9.86 -13.38
N ILE D 237 -17.91 9.62 -13.12
CA ILE D 237 -17.46 8.38 -12.54
C ILE D 237 -16.76 8.71 -11.26
N ALA D 238 -17.19 8.11 -10.17
CA ALA D 238 -16.54 8.30 -8.92
C ALA D 238 -16.13 6.96 -8.32
N ALA D 239 -15.01 6.92 -7.61
CA ALA D 239 -14.59 5.70 -6.95
C ALA D 239 -13.66 6.11 -5.84
N PRO D 240 -13.78 5.47 -4.66
CA PRO D 240 -12.76 5.71 -3.65
C PRO D 240 -11.31 5.52 -4.18
N TYR D 241 -10.38 6.35 -3.71
CA TYR D 241 -8.99 6.20 -4.03
C TYR D 241 -8.43 4.88 -3.49
N GLU D 242 -8.68 4.60 -2.22
CA GLU D 242 -8.13 3.39 -1.64
C GLU D 242 -9.02 2.16 -1.90
N LYS D 243 -8.39 1.06 -2.31
CA LYS D 243 -9.12 -0.19 -2.65
C LYS D 243 -10.03 -0.73 -1.52
N GLU D 244 -9.62 -0.49 -0.27
CA GLU D 244 -10.30 -1.02 0.93
C GLU D 244 -11.59 -0.31 1.35
N VAL D 245 -11.86 0.86 0.76
CA VAL D 245 -13.09 1.60 1.08
C VAL D 245 -14.29 1.19 0.19
N PRO D 246 -15.35 0.65 0.81
CA PRO D 246 -16.53 0.24 0.05
C PRO D 246 -17.20 1.43 -0.60
N LEU D 247 -17.77 1.17 -1.76
CA LEU D 247 -18.45 2.18 -2.56
C LEU D 247 -19.62 2.85 -1.87
N SER D 248 -20.27 2.11 -0.98
CA SER D 248 -21.37 2.65 -0.14
C SER D 248 -20.97 3.90 0.64
N ALA D 249 -19.66 4.11 0.83
CA ALA D 249 -19.13 5.32 1.46
C ALA D 249 -19.56 6.54 0.62
N LEU D 250 -19.38 6.41 -0.68
CA LEU D 250 -19.89 7.41 -1.60
C LEU D 250 -21.42 7.38 -1.71
N THR D 251 -22.01 6.19 -1.82
CA THR D 251 -23.43 6.14 -2.21
C THR D 251 -24.29 6.78 -1.09
N ASN D 252 -23.97 6.43 0.17
CA ASN D 252 -24.63 6.99 1.38
C ASN D 252 -24.79 8.50 1.45
N ILE D 253 -23.99 9.26 0.68
CA ILE D 253 -23.94 10.76 0.74
C ILE D 253 -24.30 11.47 -0.58
N LEU D 254 -24.71 10.72 -1.59
CA LEU D 254 -25.08 11.33 -2.86
C LEU D 254 -26.22 12.35 -2.75
N SER D 255 -26.13 13.43 -3.50
CA SER D 255 -27.27 14.31 -3.67
C SER D 255 -27.04 15.04 -4.97
N ALA D 256 -28.03 15.81 -5.38
CA ALA D 256 -27.94 16.56 -6.62
C ALA D 256 -27.05 17.75 -6.41
N GLN D 257 -27.06 18.31 -5.22
CA GLN D 257 -26.13 19.37 -4.87
C GLN D 257 -24.69 18.92 -4.86
N LEU D 258 -24.42 17.74 -4.36
CA LEU D 258 -23.09 17.18 -4.42
C LEU D 258 -22.60 16.96 -5.82
N ILE D 259 -23.45 16.49 -6.72
CA ILE D 259 -23.02 16.25 -8.08
C ILE D 259 -22.56 17.56 -8.66
N SER D 260 -23.35 18.58 -8.43
CA SER D 260 -23.08 19.85 -9.03
C SER D 260 -21.86 20.54 -8.48
N HIS D 261 -21.54 20.24 -7.25
CA HIS D 261 -20.31 20.60 -6.63
C HIS D 261 -19.12 19.91 -7.25
N TRP D 262 -19.26 18.67 -7.63
CA TRP D 262 -18.18 17.97 -8.21
C TRP D 262 -17.77 18.64 -9.46
N LYS D 263 -18.77 18.96 -10.26
CA LYS D 263 -18.64 19.60 -11.53
C LYS D 263 -18.13 21.00 -11.39
N GLY D 264 -18.56 21.68 -10.35
CA GLY D 264 -18.05 22.97 -10.00
C GLY D 264 -16.58 22.98 -9.65
N ASN D 265 -16.09 22.00 -8.94
CA ASN D 265 -14.71 21.93 -8.57
C ASN D 265 -13.74 21.28 -9.57
N MET D 266 -14.17 20.95 -10.75
CA MET D 266 -13.22 20.30 -11.68
C MET D 266 -12.24 21.19 -12.49
N THR D 267 -11.01 20.72 -12.56
CA THR D 267 -10.01 21.30 -13.49
C THR D 267 -9.63 20.20 -14.52
N ARG D 268 -9.57 20.55 -15.80
CA ARG D 268 -9.07 19.64 -16.87
C ARG D 268 -7.58 19.26 -16.68
N LEU D 269 -7.31 18.06 -16.18
CA LEU D 269 -5.96 17.56 -15.96
C LEU D 269 -5.60 16.52 -17.03
N PRO D 270 -4.32 16.50 -17.48
CA PRO D 270 -3.93 15.50 -18.47
C PRO D 270 -3.82 14.13 -17.81
N ARG D 271 -4.61 13.15 -18.26
CA ARG D 271 -4.62 11.80 -17.68
C ARG D 271 -4.73 10.67 -18.70
N LEU D 272 -4.19 9.50 -18.32
CA LEU D 272 -4.56 8.20 -18.91
C LEU D 272 -5.67 7.63 -18.08
N LEU D 273 -6.86 7.59 -18.64
CA LEU D 273 -8.00 6.95 -17.96
C LEU D 273 -8.21 5.56 -18.51
N VAL D 274 -8.33 4.59 -17.61
CA VAL D 274 -8.73 3.20 -17.94
C VAL D 274 -10.08 2.92 -17.28
N LEU D 275 -11.07 2.61 -18.12
CA LEU D 275 -12.48 2.47 -17.75
C LEU D 275 -13.14 1.18 -18.29
N PRO D 276 -13.68 0.33 -17.39
CA PRO D 276 -14.38 -0.84 -17.93
C PRO D 276 -15.53 -0.41 -18.83
N LYS D 277 -15.70 -1.10 -19.96
CA LYS D 277 -16.96 -1.16 -20.73
C LYS D 277 -17.99 -1.83 -19.82
N PHE D 278 -19.24 -1.44 -20.00
CA PHE D 278 -20.29 -2.20 -19.35
C PHE D 278 -21.64 -2.04 -20.00
N SER D 279 -22.46 -3.05 -19.77
CA SER D 279 -23.83 -3.07 -20.23
C SER D 279 -24.64 -3.47 -19.04
N LEU D 280 -25.50 -2.59 -18.56
CA LEU D 280 -26.27 -2.92 -17.37
C LEU D 280 -27.77 -2.90 -17.60
N GLU D 281 -28.48 -3.78 -16.87
CA GLU D 281 -29.94 -3.91 -16.96
C GLU D 281 -30.53 -4.21 -15.61
N THR D 282 -31.47 -3.35 -15.19
CA THR D 282 -32.08 -3.47 -13.86
C THR D 282 -33.55 -3.29 -14.03
N GLU D 283 -34.31 -4.19 -13.42
CA GLU D 283 -35.74 -3.96 -13.21
C GLU D 283 -35.93 -3.95 -11.71
N VAL D 284 -36.52 -2.86 -11.20
CA VAL D 284 -36.72 -2.63 -9.75
C VAL D 284 -38.21 -2.52 -9.45
N ASP D 285 -38.65 -3.28 -8.47
CA ASP D 285 -39.94 -3.06 -7.89
C ASP D 285 -39.83 -1.89 -6.88
N LEU D 286 -40.61 -0.84 -7.14
CA LEU D 286 -40.41 0.47 -6.54
C LEU D 286 -41.02 0.51 -5.16
N ARG D 287 -41.87 -0.48 -4.85
CA ARG D 287 -42.66 -0.52 -3.59
C ARG D 287 -41.86 -0.24 -2.30
N LYS D 288 -40.91 -1.13 -1.98
CA LYS D 288 -40.13 -0.93 -0.78
C LYS D 288 -39.29 0.37 -0.82
N PRO D 289 -38.55 0.63 -1.91
CA PRO D 289 -37.86 1.92 -1.79
C PRO D 289 -38.84 3.12 -1.53
N LEU D 290 -40.05 3.11 -2.10
CA LEU D 290 -40.97 4.23 -1.91
C LEU D 290 -41.59 4.27 -0.49
N GLU D 291 -41.90 3.12 0.09
CA GLU D 291 -42.39 3.01 1.46
C GLU D 291 -41.35 3.53 2.43
N ASN D 292 -40.09 3.29 2.15
CA ASN D 292 -39.02 3.78 2.99
C ASN D 292 -39.03 5.29 2.93
N LEU D 293 -39.43 5.85 1.80
CA LEU D 293 -39.45 7.29 1.71
C LEU D 293 -40.76 7.85 2.23
N GLY D 294 -41.62 7.00 2.79
CA GLY D 294 -42.87 7.52 3.39
C GLY D 294 -44.13 7.23 2.59
N MET D 295 -44.00 6.77 1.33
CA MET D 295 -45.21 6.58 0.55
C MET D 295 -45.78 5.14 0.73
N THR D 296 -46.43 4.92 1.86
CA THR D 296 -47.01 3.62 2.25
C THR D 296 -48.49 3.44 1.87
N ASP D 297 -49.30 4.53 1.92
CA ASP D 297 -50.77 4.33 1.78
C ASP D 297 -51.15 3.78 0.43
N MET D 298 -50.35 4.14 -0.58
CA MET D 298 -50.65 3.87 -1.98
C MET D 298 -50.63 2.39 -2.38
N PHE D 299 -49.85 1.58 -1.64
CA PHE D 299 -49.79 0.14 -1.88
C PHE D 299 -50.78 -0.69 -1.01
N ARG D 300 -51.59 -0.03 -0.17
CA ARG D 300 -52.46 -0.73 0.81
C ARG D 300 -53.93 -0.66 0.38
N GLN D 301 -54.55 -1.82 0.11
CA GLN D 301 -55.92 -1.88 -0.37
C GLN D 301 -56.89 -1.05 0.45
N PHE D 302 -56.75 -1.00 1.76
CA PHE D 302 -57.79 -0.22 2.50
C PHE D 302 -57.31 1.08 3.08
N GLN D 303 -56.14 1.53 2.63
CA GLN D 303 -55.63 2.83 3.01
C GLN D 303 -55.54 3.77 1.82
N ALA D 304 -55.12 3.26 0.65
CA ALA D 304 -54.79 4.11 -0.51
C ALA D 304 -55.95 4.97 -0.85
N ASP D 305 -55.66 6.19 -1.30
CA ASP D 305 -56.71 7.12 -1.77
C ASP D 305 -56.38 7.58 -3.20
N PHE D 306 -57.07 6.97 -4.15
CA PHE D 306 -57.01 7.22 -5.56
C PHE D 306 -58.31 7.82 -6.08
N THR D 307 -58.91 8.63 -5.21
CA THR D 307 -60.22 9.20 -5.48
C THR D 307 -60.20 10.32 -6.47
N SER D 308 -59.06 10.95 -6.75
CA SER D 308 -59.12 11.92 -7.85
C SER D 308 -59.16 11.20 -9.17
N LEU D 309 -58.89 9.92 -9.16
CA LEU D 309 -59.06 9.12 -10.34
C LEU D 309 -60.40 8.36 -10.45
N SER D 310 -60.80 7.70 -9.38
CA SER D 310 -62.05 7.00 -9.27
C SER D 310 -62.50 7.11 -7.85
N ASP D 311 -63.77 7.30 -7.61
CA ASP D 311 -64.25 7.24 -6.24
C ASP D 311 -65.01 5.95 -6.06
N GLN D 312 -64.90 5.11 -7.07
CA GLN D 312 -65.31 3.73 -7.10
C GLN D 312 -64.22 2.89 -6.48
N GLU D 313 -64.59 1.74 -5.97
CA GLU D 313 -63.82 0.55 -6.06
C GLU D 313 -62.37 0.64 -5.56
N PRO D 314 -62.16 1.32 -4.45
CA PRO D 314 -61.00 0.86 -3.74
C PRO D 314 -59.76 0.61 -4.59
N LEU D 315 -59.18 1.61 -5.22
CA LEU D 315 -57.92 1.39 -5.90
C LEU D 315 -56.75 1.34 -4.96
N HIS D 316 -55.73 0.60 -5.32
CA HIS D 316 -54.41 0.72 -4.78
C HIS D 316 -53.45 0.34 -5.88
N VAL D 317 -52.21 0.73 -5.76
CA VAL D 317 -51.19 0.36 -6.73
C VAL D 317 -50.74 -1.05 -6.48
N ALA D 318 -51.02 -1.91 -7.42
CA ALA D 318 -50.55 -3.28 -7.45
C ALA D 318 -49.10 -3.49 -7.78
N LEU D 319 -48.58 -2.70 -8.69
CA LEU D 319 -47.23 -2.85 -9.11
C LEU D 319 -46.62 -1.58 -9.67
N ALA D 320 -45.38 -1.33 -9.32
CA ALA D 320 -44.69 -0.11 -9.55
C ALA D 320 -43.34 -0.60 -9.89
N LEU D 321 -42.98 -0.37 -11.16
CA LEU D 321 -41.72 -0.86 -11.77
C LEU D 321 -40.94 0.21 -12.55
N GLN D 322 -39.61 0.21 -12.32
CA GLN D 322 -38.66 0.83 -13.26
C GLN D 322 -37.75 -0.19 -13.92
N LYS D 323 -37.59 -0.08 -15.24
CA LYS D 323 -36.56 -0.86 -15.92
C LYS D 323 -35.60 0.05 -16.71
N VAL D 324 -34.31 -0.13 -16.52
CA VAL D 324 -33.34 0.73 -17.17
C VAL D 324 -32.29 -0.16 -17.80
N LYS D 325 -31.90 0.17 -19.03
CA LYS D 325 -30.75 -0.47 -19.65
C LYS D 325 -29.75 0.63 -20.14
N ILE D 326 -28.48 0.47 -19.74
CA ILE D 326 -27.46 1.44 -20.10
C ILE D 326 -26.31 0.74 -20.76
N GLU D 327 -25.85 1.34 -21.84
CA GLU D 327 -24.63 0.81 -22.45
C GLU D 327 -23.48 1.80 -22.38
N VAL D 328 -22.29 1.30 -22.03
CA VAL D 328 -21.09 2.16 -22.03
C VAL D 328 -20.02 1.45 -22.83
N ASN D 329 -19.75 2.00 -24.02
CA ASN D 329 -18.73 1.46 -24.89
C ASN D 329 -17.86 2.58 -25.46
N GLU D 330 -17.00 2.22 -26.42
CA GLU D 330 -15.96 3.10 -26.92
C GLU D 330 -16.51 4.29 -27.68
N SER D 331 -17.71 4.16 -28.22
CA SER D 331 -18.20 5.13 -29.16
C SER D 331 -19.63 5.58 -28.85
N PRO D 349 2.51 11.05 -18.50
CA PRO D 349 1.06 11.29 -18.47
C PRO D 349 0.40 10.37 -17.44
N GLU D 350 0.06 10.90 -16.27
CA GLU D 350 -0.39 10.07 -15.13
C GLU D 350 -1.69 9.26 -15.38
N GLU D 351 -1.97 8.34 -14.44
CA GLU D 351 -2.92 7.24 -14.62
C GLU D 351 -4.05 7.21 -13.60
N ILE D 352 -5.27 6.95 -14.10
CA ILE D 352 -6.43 6.63 -13.27
C ILE D 352 -7.01 5.34 -13.78
N ILE D 353 -6.97 4.31 -12.93
CA ILE D 353 -7.32 2.98 -13.34
C ILE D 353 -8.58 2.58 -12.60
N ILE D 354 -9.71 2.48 -13.29
CA ILE D 354 -10.99 2.12 -12.64
C ILE D 354 -11.17 0.60 -12.58
N ASP D 355 -10.57 -0.05 -11.58
CA ASP D 355 -10.55 -1.53 -11.52
C ASP D 355 -11.03 -2.07 -10.16
N ARG D 356 -11.98 -1.31 -9.63
CA ARG D 356 -12.74 -1.61 -8.45
C ARG D 356 -14.12 -0.99 -8.68
N PRO D 357 -15.11 -1.36 -7.85
CA PRO D 357 -16.48 -0.88 -8.03
C PRO D 357 -16.55 0.64 -8.01
N PHE D 358 -17.39 1.20 -8.87
CA PHE D 358 -17.43 2.62 -9.06
C PHE D 358 -18.85 3.02 -9.23
N LEU D 359 -19.14 4.25 -8.85
CA LEU D 359 -20.42 4.79 -9.26
C LEU D 359 -20.37 5.70 -10.49
N PHE D 360 -21.52 5.80 -11.14
CA PHE D 360 -21.61 6.60 -12.36
C PHE D 360 -22.92 7.36 -12.31
N VAL D 361 -22.91 8.55 -12.89
CA VAL D 361 -24.08 9.41 -12.93
C VAL D 361 -24.08 10.08 -14.27
N VAL D 362 -25.23 10.07 -14.98
CA VAL D 362 -25.39 10.74 -16.28
C VAL D 362 -26.23 12.00 -16.00
N ARG D 363 -25.67 13.20 -16.23
CA ARG D 363 -26.53 14.35 -16.13
C ARG D 363 -26.71 15.17 -17.37
N HIS D 364 -27.86 15.83 -17.41
CA HIS D 364 -28.17 16.86 -18.42
C HIS D 364 -27.66 18.18 -17.92
N ASN D 365 -26.53 18.63 -18.44
CA ASN D 365 -25.88 19.87 -17.89
C ASN D 365 -26.72 21.19 -17.92
N PRO D 366 -27.38 21.50 -19.05
CA PRO D 366 -28.16 22.78 -19.11
C PRO D 366 -29.24 22.93 -18.01
N THR D 367 -29.87 21.83 -17.60
CA THR D 367 -30.88 21.87 -16.55
C THR D 367 -30.41 21.28 -15.20
N GLY D 368 -29.45 20.38 -15.23
CA GLY D 368 -28.97 19.86 -13.96
C GLY D 368 -29.64 18.53 -13.63
N THR D 369 -30.41 18.00 -14.58
CA THR D 369 -31.20 16.76 -14.36
C THR D 369 -30.27 15.56 -14.30
N VAL D 370 -30.40 14.83 -13.20
CA VAL D 370 -29.73 13.54 -13.05
C VAL D 370 -30.61 12.47 -13.74
N LEU D 371 -30.22 12.10 -14.97
CA LEU D 371 -30.95 11.11 -15.79
C LEU D 371 -30.76 9.67 -15.34
N PHE D 372 -29.51 9.25 -15.16
CA PHE D 372 -29.17 7.88 -14.68
C PHE D 372 -28.16 7.94 -13.59
N MET D 373 -28.23 6.98 -12.67
CA MET D 373 -27.15 6.67 -11.77
C MET D 373 -27.07 5.17 -11.44
N GLY D 374 -25.90 4.72 -11.08
CA GLY D 374 -25.76 3.34 -10.73
C GLY D 374 -24.42 3.01 -10.13
N GLN D 375 -24.31 1.77 -9.67
CA GLN D 375 -23.05 1.25 -9.18
C GLN D 375 -22.66 0.04 -10.06
N VAL D 376 -21.43 0.00 -10.51
CA VAL D 376 -20.91 -1.10 -11.25
C VAL D 376 -20.01 -1.82 -10.29
N MET D 377 -20.55 -2.80 -9.63
CA MET D 377 -19.84 -3.79 -8.84
C MET D 377 -19.03 -4.79 -9.60
N GLU D 378 -19.50 -5.18 -10.76
CA GLU D 378 -18.81 -6.10 -11.64
C GLU D 378 -19.13 -5.98 -13.11
N PRO D 379 -18.16 -5.62 -13.90
CA PRO D 379 -18.38 -5.52 -15.33
C PRO D 379 -18.29 -6.88 -16.02
OAA GDE E . 29.66 26.86 37.44
OAB GDE E . 28.45 26.03 38.96
OAC GDE E . 24.53 29.41 35.96
OAD GDE E . 26.37 30.54 40.08
OAE GDE E . 24.66 30.86 38.12
CAF GDE E . 26.52 28.12 36.84
CAG GDE E . 27.37 28.78 38.93
CAH GDE E . 28.59 26.93 38.02
CAI GDE E . 25.53 29.13 36.91
CAJ GDE E . 26.43 29.74 38.98
CAK GDE E . 27.46 27.95 37.86
CAL GDE E . 25.55 29.90 37.99
OAA GDE F . 1.48 -15.18 -52.66
OAB GDE F . 3.62 -15.24 -52.55
OAC GDE F . 2.59 -18.55 -48.20
OAD GDE F . 2.19 -20.49 -52.55
OAE GDE F . 2.30 -20.90 -50.11
CAF GDE F . 2.57 -17.27 -50.23
CAG GDE F . 2.38 -18.19 -52.39
CAH GDE F . 2.59 -15.78 -52.29
CAI GDE F . 2.52 -18.51 -49.61
CAJ GDE F . 2.31 -19.41 -51.78
CAK GDE F . 2.52 -17.11 -51.60
CAL GDE F . 2.37 -19.60 -50.45
#